data_6KAJ
#
_entry.id   6KAJ
#
_cell.length_a   77.369
_cell.length_b   118.820
_cell.length_c   253.080
_cell.angle_alpha   90.000
_cell.angle_beta   90.000
_cell.angle_gamma   90.000
#
_symmetry.space_group_name_H-M   'P 21 21 21'
#
loop_
_entity.id
_entity.type
_entity.pdbx_description
1 polymer 'Fukutin-related protein'
2 non-polymer 'ZINC ION'
3 non-polymer 2-acetamido-2-deoxy-beta-D-glucopyranose
4 non-polymer "CYTIDINE-5'-DIPHOSPHATE"
5 non-polymer D-ribitol
6 non-polymer 'BARIUM ION'
7 water water
#
_entity_poly.entity_id   1
_entity_poly.type   'polypeptide(L)'
_entity_poly.pdbx_seq_one_letter_code
;GGRPAGPRVTVLVREFEAFDNAVPELVDSFLQQDPAQPVVVAADTLPYPPLALPRIPNVRLALLQPALDRPAAASRPETY
VATEFVALVPDGARAEAPGLLERMVEALRAGSARLVAAPVATANPARCLALNVSLREWTARYGAAPAAPRCDALDGDAVV
LLRARDLFNLSAPLARPVGTSLFLQTALRGWAVQLLDLTFAAARQPPLATAHARWKAEREGRARRAALLRALGIRLVSWE
GGRLEWFGCNKETTRCFGTVVGDTPAYLYEERWTPPCCLRALRETARYVVGVLEAAGVRYWLEGGSLLGAARHGDIIPWD
YDVDLGIYLEDVGNCEQLRGAEAGSVVDERGFVWEKAVEGDFFRVQYSESNHLHVDLWPFYPRNGVMTKDTWLDHRQDVE
FPEHFLQPLVPLPFAGFVAQAPNNYRRFLELKFGPGVIENPQYPNPALLSLTGSG
;
_entity_poly.pdbx_strand_id   A,B,C,D
#
# COMPACT_ATOMS: atom_id res chain seq x y z
N GLY A 6 0.82 36.77 21.64
CA GLY A 6 0.60 36.32 20.27
C GLY A 6 -0.52 35.31 20.16
N PRO A 7 -1.49 35.59 19.29
CA PRO A 7 -2.67 34.72 19.19
C PRO A 7 -2.29 33.30 18.78
N ARG A 8 -3.02 32.33 19.33
CA ARG A 8 -2.78 30.92 19.06
C ARG A 8 -3.92 30.26 18.29
N VAL A 9 -4.97 31.00 17.95
CA VAL A 9 -6.14 30.48 17.23
C VAL A 9 -6.35 31.31 15.97
N THR A 10 -6.60 30.63 14.85
CA THR A 10 -7.05 31.29 13.63
C THR A 10 -8.54 30.99 13.45
N VAL A 11 -9.36 32.04 13.48
CA VAL A 11 -10.76 31.88 13.11
C VAL A 11 -10.84 31.55 11.62
N LEU A 12 -11.59 30.50 11.28
CA LEU A 12 -11.78 30.11 9.90
C LEU A 12 -13.27 29.99 9.63
N VAL A 13 -13.75 30.70 8.61
CA VAL A 13 -15.15 30.73 8.22
C VAL A 13 -15.29 30.04 6.86
N ARG A 14 -16.05 28.95 6.82
CA ARG A 14 -16.32 28.21 5.60
C ARG A 14 -17.79 28.08 5.26
N GLU A 15 -18.68 28.00 6.26
CA GLU A 15 -20.11 27.81 6.03
C GLU A 15 -20.79 29.17 6.02
N PHE A 16 -21.08 29.67 4.82
CA PHE A 16 -21.83 30.91 4.64
C PHE A 16 -22.31 30.93 3.20
N GLU A 17 -23.30 31.76 2.94
CA GLU A 17 -23.82 31.93 1.59
C GLU A 17 -23.42 33.30 1.05
N ALA A 18 -22.96 33.34 -0.19
CA ALA A 18 -22.50 34.60 -0.78
C ALA A 18 -23.66 35.58 -0.93
N PHE A 19 -24.85 35.08 -1.26
CA PHE A 19 -25.99 35.95 -1.53
C PHE A 19 -26.62 36.53 -0.28
N ASP A 20 -26.25 36.03 0.90
CA ASP A 20 -26.90 36.41 2.15
C ASP A 20 -26.12 35.86 3.33
N ASN A 21 -25.30 36.69 3.97
CA ASN A 21 -24.45 36.23 5.04
C ASN A 21 -24.25 37.36 6.05
N ALA A 22 -23.72 36.98 7.22
CA ALA A 22 -23.33 37.93 8.25
C ALA A 22 -21.85 37.80 8.56
N VAL A 23 -21.06 37.45 7.55
CA VAL A 23 -19.63 37.24 7.69
C VAL A 23 -18.91 38.55 8.01
N PRO A 24 -19.28 39.69 7.43
CA PRO A 24 -18.66 40.95 7.88
C PRO A 24 -18.87 41.22 9.37
N GLU A 25 -20.09 41.00 9.88
CA GLU A 25 -20.30 41.19 11.32
C GLU A 25 -19.49 40.17 12.13
N LEU A 26 -19.43 38.93 11.65
CA LEU A 26 -18.62 37.91 12.29
C LEU A 26 -17.18 38.38 12.44
N VAL A 27 -16.55 38.79 11.34
CA VAL A 27 -15.15 39.16 11.37
C VAL A 27 -14.92 40.36 12.27
N ASP A 28 -15.81 41.35 12.22
CA ASP A 28 -15.63 42.55 13.03
C ASP A 28 -15.70 42.24 14.52
N SER A 29 -16.58 41.31 14.90
CA SER A 29 -16.74 40.98 16.32
C SER A 29 -15.46 40.37 16.89
N PHE A 30 -14.78 39.52 16.10
CA PHE A 30 -13.55 38.91 16.60
C PHE A 30 -12.41 39.93 16.63
N LEU A 31 -12.34 40.82 15.64
CA LEU A 31 -11.34 41.88 15.66
C LEU A 31 -11.58 42.87 16.80
N GLN A 32 -12.81 42.96 17.30
CA GLN A 32 -13.09 43.90 18.40
C GLN A 32 -12.54 43.40 19.73
N GLN A 33 -12.42 42.08 19.90
CA GLN A 33 -11.81 41.55 21.11
C GLN A 33 -10.29 41.58 21.04
N ASP A 34 -9.74 41.52 19.83
CA ASP A 34 -8.31 41.52 19.57
C ASP A 34 -8.11 41.98 18.13
N PRO A 35 -7.65 43.21 17.90
CA PRO A 35 -7.52 43.71 16.53
C PRO A 35 -6.51 42.94 15.68
N ALA A 36 -5.63 42.16 16.29
CA ALA A 36 -4.65 41.37 15.57
C ALA A 36 -5.07 39.92 15.39
N GLN A 37 -6.29 39.58 15.77
CA GLN A 37 -6.78 38.21 15.68
C GLN A 37 -6.72 37.70 14.24
N PRO A 38 -6.05 36.58 13.98
CA PRO A 38 -6.05 36.02 12.62
C PRO A 38 -7.43 35.49 12.24
N VAL A 39 -7.90 35.91 11.07
CA VAL A 39 -9.24 35.55 10.58
C VAL A 39 -9.11 35.15 9.12
N VAL A 40 -9.54 33.94 8.78
CA VAL A 40 -9.53 33.44 7.41
C VAL A 40 -10.96 33.13 6.99
N VAL A 41 -11.38 33.70 5.86
CA VAL A 41 -12.64 33.34 5.23
C VAL A 41 -12.30 32.54 3.98
N ALA A 42 -12.81 31.33 3.89
CA ALA A 42 -12.51 30.41 2.79
C ALA A 42 -13.72 30.27 1.89
N ALA A 43 -13.47 30.23 0.59
CA ALA A 43 -14.53 30.05 -0.38
C ALA A 43 -13.95 29.37 -1.61
N ASP A 44 -14.83 28.70 -2.36
CA ASP A 44 -14.40 28.11 -3.62
C ASP A 44 -14.11 29.21 -4.66
N THR A 45 -15.03 30.15 -4.80
CA THR A 45 -14.84 31.30 -5.67
C THR A 45 -14.90 32.58 -4.82
N LEU A 46 -14.47 33.67 -5.42
CA LEU A 46 -14.55 34.97 -4.75
C LEU A 46 -16.00 35.29 -4.44
N PRO A 47 -16.38 35.48 -3.17
CA PRO A 47 -17.79 35.74 -2.85
C PRO A 47 -18.26 37.05 -3.45
N TYR A 48 -19.45 37.00 -4.07
CA TYR A 48 -20.09 38.17 -4.63
C TYR A 48 -21.55 38.18 -4.19
N PRO A 49 -22.08 39.30 -3.68
CA PRO A 49 -21.51 40.63 -3.46
C PRO A 49 -20.25 40.62 -2.60
N PRO A 50 -19.42 41.66 -2.71
CA PRO A 50 -18.15 41.66 -1.97
C PRO A 50 -18.38 41.60 -0.47
N LEU A 51 -17.50 40.86 0.21
CA LEU A 51 -17.53 40.88 1.67
C LEU A 51 -16.96 42.18 2.21
N ALA A 52 -16.01 42.78 1.49
CA ALA A 52 -15.34 44.01 1.89
C ALA A 52 -14.84 43.88 3.34
N LEU A 53 -14.03 42.86 3.55
CA LEU A 53 -13.38 42.65 4.83
C LEU A 53 -12.35 43.75 5.07
N PRO A 54 -12.02 44.03 6.33
CA PRO A 54 -10.94 44.99 6.59
C PRO A 54 -9.66 44.58 5.89
N ARG A 55 -9.07 45.52 5.17
CA ARG A 55 -7.81 45.29 4.47
C ARG A 55 -6.65 45.42 5.45
N ILE A 56 -6.54 44.43 6.31
CA ILE A 56 -5.42 44.30 7.24
C ILE A 56 -4.79 42.94 7.00
N PRO A 57 -3.51 42.78 7.35
CA PRO A 57 -2.81 41.52 7.01
C PRO A 57 -3.34 40.30 7.75
N ASN A 58 -3.95 40.46 8.93
CA ASN A 58 -4.45 39.30 9.68
C ASN A 58 -5.80 38.81 9.21
N VAL A 59 -6.42 39.47 8.23
CA VAL A 59 -7.69 39.04 7.65
C VAL A 59 -7.42 38.66 6.21
N ARG A 60 -7.71 37.41 5.84
CA ARG A 60 -7.38 36.92 4.52
C ARG A 60 -8.50 36.06 3.95
N LEU A 61 -8.68 36.19 2.64
CA LEU A 61 -9.61 35.37 1.86
C LEU A 61 -8.83 34.25 1.20
N ALA A 62 -9.19 33.01 1.53
CA ALA A 62 -8.56 31.84 0.93
C ALA A 62 -9.48 31.29 -0.14
N LEU A 63 -9.08 31.43 -1.40
CA LEU A 63 -9.81 30.86 -2.52
C LEU A 63 -9.25 29.48 -2.82
N LEU A 64 -10.11 28.46 -2.73
CA LEU A 64 -9.67 27.07 -2.72
C LEU A 64 -9.86 26.37 -4.06
N GLN A 65 -9.93 27.11 -5.14
CA GLN A 65 -10.02 26.47 -6.45
C GLN A 65 -8.74 26.71 -7.23
N PRO A 66 -8.42 25.85 -8.18
CA PRO A 66 -7.24 26.07 -9.02
C PRO A 66 -7.38 27.35 -9.83
N ALA A 67 -6.23 27.92 -10.18
CA ALA A 67 -6.18 29.18 -10.90
C ALA A 67 -4.90 29.20 -11.73
N LEU A 68 -5.01 29.75 -12.94
CA LEU A 68 -3.90 29.74 -13.87
C LEU A 68 -2.73 30.58 -13.42
N ASP A 69 -2.94 31.54 -12.51
CA ASP A 69 -1.90 32.51 -12.14
C ASP A 69 -1.51 32.42 -10.67
N ARG A 70 -1.80 31.30 -10.01
CA ARG A 70 -1.48 31.16 -8.60
C ARG A 70 -0.69 29.88 -8.36
N PRO A 71 0.16 29.85 -7.34
CA PRO A 71 0.92 28.63 -7.03
C PRO A 71 0.05 27.61 -6.32
N ALA A 72 0.53 26.37 -6.34
CA ALA A 72 -0.13 25.27 -5.66
C ALA A 72 -0.57 25.64 -4.24
N ALA A 73 0.29 26.37 -3.53
CA ALA A 73 0.01 26.70 -2.13
C ALA A 73 -1.21 27.59 -1.96
N ALA A 74 -1.64 28.29 -3.02
CA ALA A 74 -2.71 29.28 -2.86
C ALA A 74 -4.04 28.63 -2.57
N SER A 75 -4.26 27.39 -3.00
CA SER A 75 -5.52 26.69 -2.79
C SER A 75 -5.45 25.68 -1.65
N ARG A 76 -4.41 25.73 -0.82
CA ARG A 76 -4.31 24.84 0.33
C ARG A 76 -4.58 25.64 1.59
N PRO A 77 -5.59 25.27 2.38
CA PRO A 77 -6.00 26.13 3.51
C PRO A 77 -4.91 26.34 4.56
N GLU A 78 -4.01 25.36 4.76
CA GLU A 78 -2.97 25.52 5.77
C GLU A 78 -2.04 26.69 5.44
N THR A 79 -1.93 27.05 4.16
CA THR A 79 -1.12 28.20 3.76
C THR A 79 -1.55 29.46 4.48
N TYR A 80 -2.82 29.55 4.88
CA TYR A 80 -3.38 30.76 5.44
C TYR A 80 -3.40 30.77 6.97
N VAL A 81 -2.91 29.71 7.61
CA VAL A 81 -2.97 29.58 9.06
C VAL A 81 -1.55 29.42 9.59
N ALA A 82 -1.16 30.31 10.51
CA ALA A 82 0.15 30.27 11.14
C ALA A 82 0.10 29.85 12.61
N THR A 83 -1.09 29.60 13.14
CA THR A 83 -1.27 29.29 14.56
C THR A 83 -1.42 27.78 14.77
N GLU A 84 -1.23 27.36 16.03
CA GLU A 84 -1.37 25.95 16.37
C GLU A 84 -2.81 25.48 16.21
N PHE A 85 -3.79 26.33 16.54
CA PHE A 85 -5.18 25.94 16.58
C PHE A 85 -6.01 26.69 15.54
N VAL A 86 -7.09 26.05 15.09
CA VAL A 86 -8.05 26.63 14.15
C VAL A 86 -9.44 26.53 14.78
N ALA A 87 -10.18 27.64 14.76
CA ALA A 87 -11.58 27.66 15.19
C ALA A 87 -12.45 27.77 13.95
N LEU A 88 -13.23 26.72 13.68
CA LEU A 88 -14.24 26.78 12.64
C LEU A 88 -15.46 27.51 13.18
N VAL A 89 -15.82 28.62 12.56
CA VAL A 89 -16.92 29.47 13.03
C VAL A 89 -17.97 29.53 11.93
N PRO A 90 -19.20 29.12 12.19
CA PRO A 90 -20.25 29.23 11.18
C PRO A 90 -20.77 30.65 11.08
N ASP A 91 -21.24 31.00 9.89
CA ASP A 91 -21.93 32.27 9.73
C ASP A 91 -23.12 32.31 10.66
N GLY A 92 -23.37 33.48 11.24
CA GLY A 92 -24.38 33.64 12.27
C GLY A 92 -23.82 33.73 13.68
N ALA A 93 -22.56 33.37 13.88
CA ALA A 93 -21.94 33.52 15.19
C ALA A 93 -21.38 34.93 15.35
N ARG A 94 -21.20 35.33 16.60
CA ARG A 94 -20.61 36.62 16.92
C ARG A 94 -19.85 36.48 18.23
N ALA A 95 -18.67 37.10 18.29
CA ALA A 95 -17.86 37.11 19.50
C ALA A 95 -18.18 38.38 20.29
N GLU A 96 -18.87 38.24 21.42
CA GLU A 96 -19.07 39.36 22.34
C GLU A 96 -18.35 39.14 23.67
N ALA A 97 -18.43 37.94 24.22
CA ALA A 97 -17.66 37.64 25.43
C ALA A 97 -16.18 37.61 25.07
N PRO A 98 -15.33 38.36 25.78
CA PRO A 98 -13.91 38.32 25.48
C PRO A 98 -13.28 37.00 25.90
N GLY A 99 -12.26 36.59 25.15
CA GLY A 99 -11.39 35.51 25.56
C GLY A 99 -11.97 34.11 25.51
N LEU A 100 -13.06 33.90 24.78
CA LEU A 100 -13.65 32.56 24.71
C LEU A 100 -12.75 31.59 23.94
N LEU A 101 -12.00 32.09 22.96
CA LEU A 101 -11.20 31.21 22.11
C LEU A 101 -10.11 30.49 22.90
N GLU A 102 -9.52 31.13 23.91
CA GLU A 102 -8.50 30.41 24.68
C GLU A 102 -9.09 29.54 25.78
N ARG A 103 -10.28 29.87 26.31
CA ARG A 103 -10.99 28.90 27.14
C ARG A 103 -11.17 27.60 26.38
N MET A 104 -11.45 27.70 25.08
CA MET A 104 -11.55 26.50 24.25
C MET A 104 -10.18 25.85 24.06
N VAL A 105 -9.13 26.66 23.89
CA VAL A 105 -7.77 26.12 23.80
C VAL A 105 -7.40 25.43 25.11
N GLU A 106 -7.71 26.07 26.24
CA GLU A 106 -7.37 25.48 27.53
C GLU A 106 -8.16 24.21 27.78
N ALA A 107 -9.45 24.21 27.41
CA ALA A 107 -10.26 23.00 27.58
C ALA A 107 -9.73 21.85 26.73
N LEU A 108 -9.26 22.15 25.52
CA LEU A 108 -8.79 21.09 24.62
C LEU A 108 -7.46 20.52 25.11
N ARG A 109 -6.58 21.39 25.63
CA ARG A 109 -5.31 20.92 26.17
C ARG A 109 -5.53 20.05 27.40
N ALA A 110 -6.44 20.44 28.29
CA ALA A 110 -6.63 19.74 29.55
C ALA A 110 -7.50 18.50 29.42
N GLY A 111 -8.19 18.31 28.28
CA GLY A 111 -9.06 17.17 28.08
C GLY A 111 -8.43 16.12 27.18
N SER A 112 -9.27 15.17 26.75
CA SER A 112 -8.83 14.03 25.96
C SER A 112 -9.48 13.93 24.59
N ALA A 113 -10.32 14.89 24.20
CA ALA A 113 -10.89 14.89 22.86
C ALA A 113 -10.02 15.73 21.95
N ARG A 114 -9.84 15.27 20.71
CA ARG A 114 -9.03 16.05 19.77
C ARG A 114 -9.78 17.23 19.17
N LEU A 115 -11.08 17.36 19.45
CA LEU A 115 -11.87 18.53 19.07
C LEU A 115 -12.69 18.97 20.27
N VAL A 116 -12.85 20.29 20.42
CA VAL A 116 -13.82 20.85 21.36
C VAL A 116 -14.71 21.81 20.61
N ALA A 117 -15.92 22.01 21.13
CA ALA A 117 -16.91 22.79 20.42
C ALA A 117 -17.76 23.57 21.42
N ALA A 118 -18.17 24.76 20.99
CA ALA A 118 -19.06 25.60 21.75
C ALA A 118 -20.31 25.89 20.92
N PRO A 119 -21.51 25.73 21.46
CA PRO A 119 -22.71 26.07 20.69
C PRO A 119 -22.77 27.56 20.38
N VAL A 120 -23.34 27.88 19.23
CA VAL A 120 -23.73 29.25 18.90
C VAL A 120 -25.21 29.39 19.19
N ALA A 121 -25.59 30.49 19.83
CA ALA A 121 -26.95 30.63 20.36
C ALA A 121 -27.95 31.07 19.29
N THR A 122 -27.93 30.41 18.13
CA THR A 122 -28.91 30.68 17.09
C THR A 122 -30.20 29.91 17.36
N ALA A 123 -31.05 29.78 16.36
CA ALA A 123 -32.21 28.92 16.49
C ALA A 123 -31.87 27.44 16.36
N ASN A 124 -30.66 27.13 15.91
CA ASN A 124 -30.22 25.74 15.67
C ASN A 124 -28.93 25.44 16.44
N PRO A 125 -28.96 25.51 17.77
CA PRO A 125 -27.71 25.34 18.53
C PRO A 125 -27.26 23.89 18.55
N ALA A 126 -25.93 23.71 18.56
CA ALA A 126 -25.32 22.41 18.31
C ALA A 126 -25.77 21.37 19.34
N ARG A 127 -26.11 20.18 18.85
CA ARG A 127 -26.50 19.06 19.68
C ARG A 127 -25.50 17.92 19.52
N CYS A 128 -25.18 17.27 20.64
CA CYS A 128 -24.21 16.18 20.68
C CYS A 128 -24.78 14.92 20.04
N LEU A 129 -24.01 14.29 19.15
CA LEU A 129 -24.48 13.12 18.41
C LEU A 129 -23.47 11.98 18.47
N ALA A 130 -24.00 10.76 18.37
CA ALA A 130 -23.17 9.59 18.11
C ALA A 130 -23.13 9.32 16.61
N LEU A 131 -22.04 8.73 16.15
CA LEU A 131 -21.88 8.48 14.71
C LEU A 131 -20.93 7.32 14.49
N ASN A 132 -21.38 6.34 13.71
CA ASN A 132 -20.55 5.21 13.29
C ASN A 132 -20.45 5.22 11.78
N VAL A 133 -19.23 5.33 11.26
CA VAL A 133 -18.98 5.32 9.83
C VAL A 133 -18.47 3.95 9.43
N SER A 134 -19.13 3.32 8.47
CA SER A 134 -18.70 2.04 7.92
C SER A 134 -18.47 2.24 6.42
N LEU A 135 -17.22 2.45 6.04
CA LEU A 135 -16.90 2.58 4.62
C LEU A 135 -17.29 1.32 3.87
N ARG A 136 -17.04 0.15 4.47
CA ARG A 136 -17.35 -1.10 3.79
C ARG A 136 -18.84 -1.25 3.49
N GLU A 137 -19.70 -0.68 4.34
CA GLU A 137 -21.13 -0.72 4.11
C GLU A 137 -21.67 0.60 3.57
N TRP A 138 -20.77 1.55 3.25
CA TRP A 138 -21.16 2.84 2.66
C TRP A 138 -22.19 3.56 3.51
N THR A 139 -22.14 3.40 4.82
CA THR A 139 -23.21 3.87 5.69
C THR A 139 -22.65 4.76 6.78
N ALA A 140 -23.40 5.82 7.09
CA ALA A 140 -23.16 6.66 8.25
C ALA A 140 -24.34 6.53 9.18
N ARG A 141 -24.10 5.98 10.37
CA ARG A 141 -25.16 5.73 11.34
C ARG A 141 -25.06 6.76 12.45
N TYR A 142 -26.06 7.63 12.55
CA TYR A 142 -26.16 8.65 13.58
C TYR A 142 -27.13 8.22 14.66
N GLY A 143 -27.00 8.83 15.83
CA GLY A 143 -27.91 8.57 16.92
C GLY A 143 -27.63 9.47 18.09
N ALA A 144 -28.42 9.29 19.15
CA ALA A 144 -28.22 10.06 20.38
C ALA A 144 -26.90 9.67 21.02
N ALA A 145 -26.22 10.66 21.60
CA ALA A 145 -24.90 10.47 22.16
C ALA A 145 -24.96 9.79 23.52
N PRO A 146 -24.46 8.56 23.65
CA PRO A 146 -24.52 7.88 24.96
C PRO A 146 -23.72 8.57 26.05
N ALA A 147 -22.59 9.19 25.70
CA ALA A 147 -21.68 9.77 26.68
C ALA A 147 -21.54 11.27 26.51
N ALA A 148 -22.65 11.95 26.23
CA ALA A 148 -22.64 13.41 26.20
C ALA A 148 -22.12 13.94 27.54
N PRO A 149 -21.36 15.04 27.55
CA PRO A 149 -21.08 15.93 26.42
C PRO A 149 -19.95 15.50 25.48
N ARG A 150 -19.50 14.24 25.57
CA ARG A 150 -18.53 13.71 24.62
C ARG A 150 -19.28 13.11 23.42
N CYS A 151 -18.91 13.53 22.21
CA CYS A 151 -19.66 13.24 21.01
C CYS A 151 -18.76 12.66 19.93
N ASP A 152 -19.41 12.06 18.93
CA ASP A 152 -18.76 11.75 17.66
C ASP A 152 -19.03 12.81 16.59
N ALA A 153 -20.21 13.43 16.61
CA ALA A 153 -20.57 14.45 15.64
C ALA A 153 -21.44 15.50 16.30
N LEU A 154 -21.55 16.64 15.64
CA LEU A 154 -22.47 17.69 16.04
C LEU A 154 -23.48 17.96 14.95
N ASP A 155 -24.70 18.30 15.37
CA ASP A 155 -25.74 18.79 14.48
C ASP A 155 -26.12 20.18 14.95
N GLY A 156 -26.03 21.15 14.06
CA GLY A 156 -26.34 22.52 14.41
C GLY A 156 -25.11 23.39 14.46
N ASP A 157 -25.28 24.59 15.03
CA ASP A 157 -24.28 25.63 14.96
C ASP A 157 -23.33 25.55 16.14
N ALA A 158 -22.04 25.42 15.85
CA ALA A 158 -21.03 25.40 16.90
C ALA A 158 -19.72 25.94 16.36
N VAL A 159 -19.01 26.69 17.20
CA VAL A 159 -17.61 26.93 16.97
C VAL A 159 -16.85 25.66 17.34
N VAL A 160 -16.00 25.19 16.43
CA VAL A 160 -15.26 23.94 16.62
C VAL A 160 -13.77 24.27 16.57
N LEU A 161 -13.06 23.99 17.67
CA LEU A 161 -11.63 24.26 17.76
C LEU A 161 -10.87 22.96 17.73
N LEU A 162 -9.83 22.91 16.89
CA LEU A 162 -8.91 21.77 16.86
C LEU A 162 -7.58 22.30 16.36
N ARG A 163 -6.56 21.44 16.45
CA ARG A 163 -5.23 21.83 15.99
C ARG A 163 -5.21 21.89 14.47
N ALA A 164 -4.48 22.87 13.94
CA ALA A 164 -4.33 22.98 12.49
C ALA A 164 -3.76 21.70 11.91
N ARG A 165 -2.78 21.11 12.58
CA ARG A 165 -2.14 19.88 12.11
C ARG A 165 -3.15 18.75 11.95
N ASP A 166 -4.15 18.70 12.82
CA ASP A 166 -5.18 17.66 12.68
C ASP A 166 -6.19 18.02 11.60
N LEU A 167 -6.68 19.26 11.58
CA LEU A 167 -7.68 19.65 10.60
C LEU A 167 -7.15 19.53 9.18
N PHE A 168 -5.97 20.07 8.93
CA PHE A 168 -5.46 20.15 7.56
C PHE A 168 -4.76 18.88 7.12
N ASN A 169 -4.61 17.88 7.98
CA ASN A 169 -4.15 16.57 7.53
C ASN A 169 -5.29 15.67 7.08
N LEU A 170 -6.55 16.03 7.37
CA LEU A 170 -7.68 15.36 6.75
C LEU A 170 -7.62 15.49 5.24
N SER A 171 -8.32 14.60 4.55
CA SER A 171 -8.33 14.62 3.08
C SER A 171 -9.21 15.75 2.55
N ALA A 172 -10.34 16.01 3.20
CA ALA A 172 -11.28 17.03 2.77
C ALA A 172 -11.62 17.92 3.94
N PRO A 173 -10.65 18.69 4.44
CA PRO A 173 -10.86 19.44 5.69
C PRO A 173 -11.97 20.49 5.63
N LEU A 174 -12.21 21.10 4.47
CA LEU A 174 -13.18 22.17 4.36
C LEU A 174 -14.31 21.83 3.39
N ALA A 175 -14.53 20.55 3.11
CA ALA A 175 -15.59 20.16 2.20
C ALA A 175 -16.95 20.52 2.79
N ARG A 176 -17.85 20.94 1.95
CA ARG A 176 -19.11 21.43 2.47
C ARG A 176 -20.21 20.39 2.32
N PRO A 177 -21.17 20.32 3.25
CA PRO A 177 -21.27 21.08 4.51
C PRO A 177 -20.25 20.59 5.53
N VAL A 178 -19.49 21.52 6.13
CA VAL A 178 -18.47 21.13 7.10
C VAL A 178 -19.10 20.36 8.26
N GLY A 179 -20.32 20.75 8.65
CA GLY A 179 -21.02 20.01 9.69
C GLY A 179 -21.17 18.53 9.38
N THR A 180 -21.26 18.18 8.10
CA THR A 180 -21.26 16.77 7.73
C THR A 180 -19.85 16.23 7.52
N SER A 181 -19.05 16.88 6.68
CA SER A 181 -17.80 16.27 6.24
C SER A 181 -16.78 16.19 7.38
N LEU A 182 -16.72 17.21 8.23
CA LEU A 182 -15.73 17.21 9.31
C LEU A 182 -15.90 15.98 10.21
N PHE A 183 -17.12 15.72 10.65
CA PHE A 183 -17.33 14.68 11.65
C PHE A 183 -17.35 13.29 11.04
N LEU A 184 -17.69 13.16 9.75
CA LEU A 184 -17.51 11.88 9.09
C LEU A 184 -16.03 11.47 9.08
N GLN A 185 -15.14 12.45 8.90
CA GLN A 185 -13.71 12.16 8.89
C GLN A 185 -13.18 11.94 10.31
N THR A 186 -13.60 12.77 11.26
CA THR A 186 -13.07 12.66 12.62
C THR A 186 -13.62 11.42 13.33
N ALA A 187 -14.90 11.11 13.11
CA ALA A 187 -15.46 9.91 13.74
C ALA A 187 -14.87 8.63 13.15
N LEU A 188 -14.57 8.64 11.84
CA LEU A 188 -13.94 7.47 11.25
C LEU A 188 -12.59 7.18 11.89
N ARG A 189 -11.89 8.23 12.33
CA ARG A 189 -10.58 8.06 12.94
C ARG A 189 -10.64 7.72 14.42
N GLY A 190 -11.84 7.61 14.99
CA GLY A 190 -11.97 7.40 16.41
C GLY A 190 -11.81 8.65 17.24
N TRP A 191 -11.86 9.82 16.63
CA TRP A 191 -11.74 11.07 17.38
C TRP A 191 -13.08 11.46 17.98
N ALA A 192 -13.01 12.17 19.10
CA ALA A 192 -14.18 12.67 19.79
C ALA A 192 -14.17 14.19 19.79
N VAL A 193 -15.36 14.77 19.93
CA VAL A 193 -15.53 16.21 20.06
C VAL A 193 -16.29 16.47 21.36
N GLN A 194 -15.74 17.36 22.19
CA GLN A 194 -16.33 17.69 23.48
C GLN A 194 -17.17 18.95 23.36
N LEU A 195 -18.48 18.82 23.58
CA LEU A 195 -19.38 19.95 23.55
C LEU A 195 -19.23 20.71 24.87
N LEU A 196 -18.47 21.80 24.83
CA LEU A 196 -18.19 22.55 26.04
C LEU A 196 -19.41 23.37 26.48
N ASP A 197 -19.39 23.79 27.74
CA ASP A 197 -20.44 24.63 28.31
C ASP A 197 -20.12 26.11 28.12
N LEU A 198 -19.78 26.48 26.89
CA LEU A 198 -19.59 27.87 26.52
C LEU A 198 -20.49 28.19 25.33
N THR A 199 -21.02 29.40 25.31
CA THR A 199 -21.95 29.82 24.27
C THR A 199 -21.40 31.00 23.51
N PHE A 200 -21.51 30.95 22.19
CA PHE A 200 -21.26 32.12 21.36
C PHE A 200 -22.58 32.81 21.06
N ALA A 201 -22.52 34.13 20.95
CA ALA A 201 -23.72 34.90 20.66
C ALA A 201 -24.06 34.82 19.18
N ALA A 202 -25.34 35.01 18.88
CA ALA A 202 -25.77 35.09 17.49
C ALA A 202 -25.47 36.48 16.92
N ALA A 203 -25.33 36.53 15.61
CA ALA A 203 -25.20 37.82 14.93
C ALA A 203 -26.35 38.73 15.33
N ARG A 204 -26.02 40.01 15.59
CA ARG A 204 -27.06 40.95 15.98
C ARG A 204 -28.10 41.12 14.88
N GLN A 205 -27.69 40.99 13.62
CA GLN A 205 -28.60 40.96 12.48
C GLN A 205 -28.32 39.67 11.73
N PRO A 206 -29.03 38.59 12.04
CA PRO A 206 -28.63 37.26 11.56
C PRO A 206 -28.82 37.11 10.07
N PRO A 207 -28.12 36.17 9.45
CA PRO A 207 -28.31 35.94 8.01
C PRO A 207 -29.52 35.06 7.74
N LEU A 208 -29.96 35.10 6.48
CA LEU A 208 -31.03 34.22 6.00
C LEU A 208 -32.28 34.35 6.85
N ALA A 209 -32.69 35.61 7.08
CA ALA A 209 -33.75 35.89 8.04
C ALA A 209 -35.15 35.71 7.47
N THR A 210 -35.32 35.69 6.15
CA THR A 210 -36.62 35.47 5.55
C THR A 210 -36.78 34.01 5.13
N ALA A 211 -38.02 33.60 4.92
CA ALA A 211 -38.30 32.25 4.46
C ALA A 211 -37.68 31.99 3.10
N HIS A 212 -37.75 32.98 2.21
CA HIS A 212 -37.23 32.78 0.86
C HIS A 212 -35.71 32.63 0.87
N ALA A 213 -35.01 33.45 1.66
CA ALA A 213 -33.56 33.33 1.76
C ALA A 213 -33.17 31.97 2.34
N ARG A 214 -33.82 31.58 3.44
CA ARG A 214 -33.57 30.25 4.00
C ARG A 214 -33.83 29.16 2.97
N TRP A 215 -34.91 29.29 2.21
CA TRP A 215 -35.25 28.25 1.24
C TRP A 215 -34.16 28.11 0.17
N LYS A 216 -33.58 29.23 -0.26
CA LYS A 216 -32.46 29.16 -1.21
C LYS A 216 -31.24 28.53 -0.55
N ALA A 217 -30.95 28.91 0.69
CA ALA A 217 -29.80 28.35 1.39
C ALA A 217 -29.93 26.84 1.56
N GLU A 218 -31.12 26.39 1.97
CA GLU A 218 -31.33 24.96 2.23
C GLU A 218 -31.23 24.14 0.96
N ARG A 219 -31.76 24.67 -0.16
CA ARG A 219 -31.69 23.91 -1.41
C ARG A 219 -30.24 23.78 -1.88
N GLU A 220 -29.45 24.85 -1.76
CA GLU A 220 -28.04 24.75 -2.09
C GLU A 220 -27.31 23.82 -1.13
N GLY A 221 -27.62 23.92 0.17
CA GLY A 221 -26.96 23.06 1.14
C GLY A 221 -27.22 21.59 0.91
N ARG A 222 -28.49 21.23 0.67
CA ARG A 222 -28.81 19.82 0.42
C ARG A 222 -28.14 19.33 -0.85
N ALA A 223 -27.97 20.21 -1.84
CA ALA A 223 -27.25 19.80 -3.05
C ALA A 223 -25.77 19.57 -2.75
N ARG A 224 -25.17 20.40 -1.89
CA ARG A 224 -23.78 20.17 -1.53
C ARG A 224 -23.64 18.91 -0.67
N ARG A 225 -24.61 18.68 0.22
CA ARG A 225 -24.55 17.48 1.05
C ARG A 225 -24.67 16.21 0.21
N ALA A 226 -25.58 16.22 -0.77
CA ALA A 226 -25.76 15.05 -1.63
C ALA A 226 -24.53 14.80 -2.47
N ALA A 227 -23.90 15.86 -2.99
CA ALA A 227 -22.66 15.69 -3.75
C ALA A 227 -21.51 15.25 -2.85
N LEU A 228 -21.50 15.73 -1.60
CA LEU A 228 -20.43 15.35 -0.68
C LEU A 228 -20.50 13.87 -0.34
N LEU A 229 -21.69 13.38 0.00
CA LEU A 229 -21.85 11.97 0.36
C LEU A 229 -21.54 11.06 -0.82
N ARG A 230 -21.95 11.46 -2.04
CA ARG A 230 -21.64 10.64 -3.21
C ARG A 230 -20.14 10.58 -3.45
N ALA A 231 -19.47 11.75 -3.43
CA ALA A 231 -18.02 11.77 -3.61
C ALA A 231 -17.31 10.90 -2.58
N LEU A 232 -17.80 10.87 -1.35
CA LEU A 232 -17.10 10.19 -0.26
C LEU A 232 -17.58 8.76 -0.04
N GLY A 233 -18.50 8.26 -0.86
CA GLY A 233 -18.92 6.88 -0.74
C GLY A 233 -19.82 6.59 0.43
N ILE A 234 -20.66 7.54 0.81
CA ILE A 234 -21.70 7.34 1.82
C ILE A 234 -23.01 7.19 1.06
N ARG A 235 -23.50 5.95 0.96
CA ARG A 235 -24.73 5.66 0.23
C ARG A 235 -25.98 5.75 1.08
N LEU A 236 -25.84 5.68 2.40
CA LEU A 236 -26.99 5.56 3.28
C LEU A 236 -26.69 6.27 4.59
N VAL A 237 -27.58 7.16 5.00
CA VAL A 237 -27.52 7.80 6.32
C VAL A 237 -28.74 7.35 7.10
N SER A 238 -28.52 6.95 8.35
CA SER A 238 -29.58 6.48 9.22
C SER A 238 -29.50 7.22 10.54
N TRP A 239 -30.66 7.36 11.18
CA TRP A 239 -30.77 7.96 12.51
C TRP A 239 -31.42 6.93 13.42
N GLU A 240 -30.66 6.43 14.40
CA GLU A 240 -31.12 5.38 15.31
C GLU A 240 -31.63 4.16 14.54
N GLY A 241 -30.90 3.79 13.48
CA GLY A 241 -31.27 2.68 12.64
C GLY A 241 -32.38 2.94 11.67
N GLY A 242 -33.10 4.05 11.81
CA GLY A 242 -34.22 4.35 10.93
C GLY A 242 -34.09 5.69 10.24
N ARG A 243 -35.20 6.21 9.75
CA ARG A 243 -35.23 7.46 9.00
C ARG A 243 -34.20 7.44 7.87
N LEU A 244 -34.23 6.34 7.13
CA LEU A 244 -33.20 6.10 6.11
C LEU A 244 -33.16 7.24 5.11
N GLU A 245 -31.94 7.67 4.77
CA GLU A 245 -31.69 8.69 3.76
C GLU A 245 -30.73 8.09 2.75
N TRP A 246 -31.13 8.06 1.48
CA TRP A 246 -30.41 7.31 0.45
C TRP A 246 -29.70 8.24 -0.51
N PHE A 247 -28.50 7.83 -0.93
CA PHE A 247 -27.69 8.59 -1.88
C PHE A 247 -27.04 7.66 -2.90
N GLY A 248 -27.68 6.53 -3.21
CA GLY A 248 -27.17 5.60 -4.18
C GLY A 248 -28.09 5.40 -5.39
N CYS A 249 -28.22 4.15 -5.83
CA CYS A 249 -29.04 3.81 -6.97
C CYS A 249 -30.50 3.60 -6.56
N ASN A 250 -31.37 3.49 -7.56
CA ASN A 250 -32.80 3.26 -7.32
C ASN A 250 -33.42 2.73 -8.62
N LYS A 251 -34.76 2.73 -8.66
CA LYS A 251 -35.46 2.15 -9.80
C LYS A 251 -35.16 2.89 -11.10
N GLU A 252 -34.86 4.18 -11.02
CA GLU A 252 -34.70 5.01 -12.22
C GLU A 252 -33.26 5.22 -12.66
N THR A 253 -32.28 4.73 -11.91
CA THR A 253 -30.88 4.91 -12.26
C THR A 253 -30.26 3.59 -12.67
N THR A 254 -29.02 3.68 -13.14
CA THR A 254 -28.21 2.47 -13.25
C THR A 254 -27.88 1.98 -11.84
N ARG A 255 -27.36 0.76 -11.76
CA ARG A 255 -26.88 0.31 -10.46
C ARG A 255 -25.52 0.96 -10.18
N CYS A 256 -25.06 0.81 -8.93
CA CYS A 256 -23.88 1.56 -8.50
C CYS A 256 -22.61 1.06 -9.18
N PHE A 257 -22.52 -0.24 -9.45
CA PHE A 257 -21.30 -0.81 -10.02
C PHE A 257 -21.56 -1.26 -11.45
N GLY A 258 -20.56 -1.05 -12.31
CA GLY A 258 -20.69 -1.41 -13.70
C GLY A 258 -20.70 -2.92 -13.89
N THR A 259 -20.64 -3.30 -15.16
CA THR A 259 -20.58 -4.72 -15.51
C THR A 259 -19.43 -5.39 -14.80
N VAL A 260 -19.72 -6.54 -14.20
CA VAL A 260 -18.73 -7.25 -13.40
C VAL A 260 -17.83 -8.07 -14.32
N VAL A 261 -16.53 -8.01 -14.06
CA VAL A 261 -15.55 -8.85 -14.75
C VAL A 261 -14.86 -9.71 -13.70
N GLY A 262 -14.54 -10.95 -14.08
CA GLY A 262 -13.86 -11.87 -13.18
C GLY A 262 -14.58 -12.12 -11.88
N ASP A 263 -15.91 -12.09 -11.88
CA ASP A 263 -16.75 -12.31 -10.72
C ASP A 263 -16.41 -11.38 -9.55
N THR A 264 -15.67 -10.31 -9.81
CA THR A 264 -15.23 -9.39 -8.76
C THR A 264 -15.71 -7.99 -9.12
N PRO A 265 -16.77 -7.51 -8.48
CA PRO A 265 -17.29 -6.17 -8.80
C PRO A 265 -16.33 -5.08 -8.35
N ALA A 266 -16.56 -3.89 -8.89
CA ALA A 266 -15.67 -2.77 -8.63
C ALA A 266 -15.57 -2.44 -7.14
N TYR A 267 -16.66 -2.65 -6.38
CA TYR A 267 -16.63 -2.26 -4.97
C TYR A 267 -15.61 -3.08 -4.17
N LEU A 268 -15.35 -4.31 -4.60
CA LEU A 268 -14.36 -5.13 -3.90
C LEU A 268 -12.97 -4.53 -4.02
N TYR A 269 -12.57 -4.13 -5.24
CA TYR A 269 -11.29 -3.50 -5.44
C TYR A 269 -11.14 -2.20 -4.64
N GLU A 270 -12.25 -1.55 -4.30
CA GLU A 270 -12.23 -0.36 -3.47
C GLU A 270 -12.23 -0.67 -1.99
N GLU A 271 -12.06 -1.95 -1.62
CA GLU A 271 -12.05 -2.38 -0.22
C GLU A 271 -13.38 -2.08 0.45
N ARG A 272 -14.45 -2.20 -0.32
CA ARG A 272 -15.81 -1.99 0.14
C ARG A 272 -16.62 -3.24 -0.16
N TRP A 273 -17.77 -3.35 0.48
CA TRP A 273 -18.71 -4.40 0.15
C TRP A 273 -19.79 -3.84 -0.76
N THR A 274 -20.87 -4.60 -0.95
CA THR A 274 -21.93 -4.16 -1.85
C THR A 274 -22.57 -2.88 -1.31
N PRO A 275 -22.85 -1.90 -2.15
CA PRO A 275 -23.58 -0.71 -1.71
C PRO A 275 -24.90 -1.09 -1.09
N PRO A 276 -25.31 -0.41 0.00
CA PRO A 276 -26.56 -0.77 0.65
C PRO A 276 -27.79 -0.48 -0.19
N CYS A 277 -27.71 0.52 -1.08
CA CYS A 277 -28.78 0.72 -2.06
C CYS A 277 -28.88 -0.49 -2.99
N CYS A 278 -27.75 -1.07 -3.38
CA CYS A 278 -27.79 -2.25 -4.25
C CYS A 278 -28.35 -3.45 -3.52
N LEU A 279 -27.96 -3.65 -2.26
CA LEU A 279 -28.52 -4.75 -1.48
C LEU A 279 -30.03 -4.58 -1.31
N ARG A 280 -30.46 -3.35 -1.03
CA ARG A 280 -31.89 -3.06 -0.89
C ARG A 280 -32.66 -3.45 -2.14
N ALA A 281 -32.13 -3.08 -3.32
CA ALA A 281 -32.83 -3.40 -4.56
C ALA A 281 -32.86 -4.91 -4.81
N LEU A 282 -31.82 -5.63 -4.40
CA LEU A 282 -31.82 -7.08 -4.56
C LEU A 282 -32.84 -7.72 -3.63
N ARG A 283 -32.91 -7.28 -2.37
CA ARG A 283 -33.91 -7.82 -1.46
C ARG A 283 -35.32 -7.52 -1.96
N GLU A 284 -35.53 -6.33 -2.52
CA GLU A 284 -36.85 -6.00 -3.07
C GLU A 284 -37.19 -6.90 -4.26
N THR A 285 -36.22 -7.12 -5.15
CA THR A 285 -36.46 -7.96 -6.33
C THR A 285 -36.64 -9.42 -5.93
N ALA A 286 -35.86 -9.88 -4.95
CA ALA A 286 -36.02 -11.24 -4.46
C ALA A 286 -37.42 -11.45 -3.90
N ARG A 287 -37.84 -10.57 -2.98
CA ARG A 287 -39.19 -10.70 -2.42
C ARG A 287 -40.25 -10.65 -3.50
N TYR A 288 -40.10 -9.74 -4.47
CA TYR A 288 -41.09 -9.64 -5.54
C TYR A 288 -41.11 -10.90 -6.39
N VAL A 289 -39.94 -11.37 -6.83
CA VAL A 289 -39.88 -12.56 -7.68
C VAL A 289 -40.40 -13.78 -6.94
N VAL A 290 -40.01 -13.95 -5.68
CA VAL A 290 -40.55 -15.04 -4.87
C VAL A 290 -42.06 -14.92 -4.77
N GLY A 291 -42.55 -13.70 -4.50
CA GLY A 291 -43.99 -13.51 -4.42
C GLY A 291 -44.70 -13.87 -5.71
N VAL A 292 -44.10 -13.54 -6.85
CA VAL A 292 -44.73 -13.88 -8.13
C VAL A 292 -44.75 -15.39 -8.33
N LEU A 293 -43.62 -16.07 -8.05
CA LEU A 293 -43.54 -17.51 -8.29
C LEU A 293 -44.42 -18.28 -7.33
N GLU A 294 -44.54 -17.82 -6.08
CA GLU A 294 -45.44 -18.49 -5.15
C GLU A 294 -46.90 -18.34 -5.60
N ALA A 295 -47.25 -17.18 -6.15
CA ALA A 295 -48.63 -16.98 -6.62
C ALA A 295 -48.91 -17.79 -7.87
N ALA A 296 -47.95 -17.92 -8.77
CA ALA A 296 -48.16 -18.65 -10.01
C ALA A 296 -47.98 -20.16 -9.86
N GLY A 297 -47.48 -20.62 -8.73
CA GLY A 297 -47.30 -22.05 -8.54
C GLY A 297 -46.05 -22.60 -9.19
N VAL A 298 -44.93 -21.88 -9.10
CA VAL A 298 -43.63 -22.39 -9.53
C VAL A 298 -42.85 -22.79 -8.28
N ARG A 299 -42.45 -24.05 -8.20
CA ARG A 299 -41.58 -24.46 -7.11
C ARG A 299 -40.21 -23.82 -7.30
N TYR A 300 -39.78 -23.09 -6.28
CA TYR A 300 -38.48 -22.44 -6.27
C TYR A 300 -37.75 -22.85 -4.99
N TRP A 301 -36.47 -22.53 -4.94
CA TRP A 301 -35.69 -22.69 -3.73
C TRP A 301 -34.50 -21.74 -3.81
N LEU A 302 -34.09 -21.24 -2.65
CA LEU A 302 -32.85 -20.47 -2.60
C LEU A 302 -31.70 -21.31 -3.13
N GLU A 303 -30.79 -20.66 -3.85
CA GLU A 303 -29.72 -21.37 -4.54
C GLU A 303 -28.43 -20.57 -4.40
N GLY A 304 -27.31 -21.29 -4.52
CA GLY A 304 -26.02 -20.64 -4.61
C GLY A 304 -25.75 -19.70 -3.44
N GLY A 305 -25.25 -18.51 -3.77
CA GLY A 305 -24.90 -17.55 -2.75
C GLY A 305 -26.08 -17.09 -1.91
N SER A 306 -27.29 -17.15 -2.47
CA SER A 306 -28.46 -16.75 -1.70
C SER A 306 -28.81 -17.80 -0.65
N LEU A 307 -28.83 -19.07 -1.04
CA LEU A 307 -29.02 -20.13 -0.05
C LEU A 307 -27.94 -20.05 1.02
N LEU A 308 -26.70 -19.77 0.62
CA LEU A 308 -25.59 -19.71 1.56
C LEU A 308 -25.74 -18.55 2.53
N GLY A 309 -26.19 -17.39 2.03
CA GLY A 309 -26.41 -16.26 2.92
C GLY A 309 -27.56 -16.49 3.88
N ALA A 310 -28.62 -17.15 3.41
CA ALA A 310 -29.75 -17.45 4.28
C ALA A 310 -29.35 -18.39 5.42
N ALA A 311 -28.61 -19.44 5.09
CA ALA A 311 -28.21 -20.42 6.11
C ALA A 311 -27.28 -19.81 7.14
N ARG A 312 -26.48 -18.82 6.75
CA ARG A 312 -25.46 -18.27 7.63
C ARG A 312 -26.02 -17.19 8.54
N HIS A 313 -26.67 -16.18 7.97
CA HIS A 313 -27.19 -15.07 8.76
C HIS A 313 -28.52 -14.53 8.23
N GLY A 314 -29.19 -15.28 7.36
CA GLY A 314 -30.54 -14.91 6.95
C GLY A 314 -30.65 -13.72 6.03
N ASP A 315 -29.60 -13.42 5.27
CA ASP A 315 -29.65 -12.28 4.35
C ASP A 315 -28.65 -12.51 3.23
N ILE A 316 -28.69 -11.62 2.24
CA ILE A 316 -27.67 -11.59 1.21
C ILE A 316 -26.31 -11.44 1.86
N ILE A 317 -25.33 -12.18 1.34
CA ILE A 317 -23.97 -12.01 1.84
C ILE A 317 -23.51 -10.58 1.55
N PRO A 318 -22.92 -9.88 2.53
CA PRO A 318 -22.77 -8.42 2.38
C PRO A 318 -21.95 -7.97 1.17
N TRP A 319 -21.17 -8.85 0.55
CA TRP A 319 -20.37 -8.49 -0.61
C TRP A 319 -20.87 -9.15 -1.89
N ASP A 320 -22.03 -9.80 -1.84
CA ASP A 320 -22.63 -10.48 -2.97
C ASP A 320 -23.38 -9.50 -3.86
N TYR A 321 -23.52 -9.86 -5.15
CA TYR A 321 -24.02 -8.91 -6.15
C TYR A 321 -25.31 -9.32 -6.84
N ASP A 322 -25.90 -10.47 -6.52
CA ASP A 322 -27.21 -10.81 -7.08
C ASP A 322 -27.89 -11.85 -6.18
N VAL A 323 -29.04 -12.33 -6.63
CA VAL A 323 -29.81 -13.37 -5.95
C VAL A 323 -30.02 -14.52 -6.93
N ASP A 324 -29.85 -15.75 -6.46
CA ASP A 324 -30.03 -16.93 -7.30
C ASP A 324 -31.10 -17.82 -6.71
N LEU A 325 -32.04 -18.23 -7.55
CA LEU A 325 -33.09 -19.18 -7.18
C LEU A 325 -33.06 -20.34 -8.16
N GLY A 326 -33.31 -21.54 -7.65
CA GLY A 326 -33.60 -22.67 -8.50
C GLY A 326 -35.10 -22.80 -8.68
N ILE A 327 -35.50 -23.32 -9.85
CA ILE A 327 -36.90 -23.61 -10.11
C ILE A 327 -37.00 -24.95 -10.83
N TYR A 328 -38.14 -25.60 -10.68
CA TYR A 328 -38.45 -26.75 -11.51
C TYR A 328 -38.77 -26.26 -12.92
N LEU A 329 -38.02 -26.77 -13.90
CA LEU A 329 -38.22 -26.34 -15.28
C LEU A 329 -39.64 -26.66 -15.74
N GLU A 330 -40.20 -27.77 -15.27
CA GLU A 330 -41.54 -28.18 -15.68
C GLU A 330 -42.61 -27.24 -15.14
N ASP A 331 -42.21 -26.24 -14.36
CA ASP A 331 -43.14 -25.27 -13.81
C ASP A 331 -43.09 -23.92 -14.50
N VAL A 332 -42.15 -23.72 -15.43
CA VAL A 332 -41.96 -22.42 -16.08
C VAL A 332 -43.26 -21.93 -16.71
N GLY A 333 -44.01 -22.84 -17.33
CA GLY A 333 -45.25 -22.48 -18.01
C GLY A 333 -46.33 -21.93 -17.11
N ASN A 334 -46.16 -22.00 -15.80
CA ASN A 334 -47.18 -21.45 -14.92
C ASN A 334 -47.01 -19.96 -14.66
N CYS A 335 -45.91 -19.37 -15.11
CA CYS A 335 -45.61 -17.97 -14.89
C CYS A 335 -45.65 -17.21 -16.20
N GLU A 336 -46.59 -16.27 -16.30
CA GLU A 336 -46.74 -15.43 -17.49
C GLU A 336 -45.42 -14.75 -17.86
N GLN A 337 -44.78 -14.10 -16.88
CA GLN A 337 -43.55 -13.38 -17.16
C GLN A 337 -42.47 -14.32 -17.70
N LEU A 338 -42.43 -15.56 -17.21
CA LEU A 338 -41.40 -16.50 -17.66
C LEU A 338 -41.70 -17.03 -19.06
N ARG A 339 -42.97 -17.36 -19.34
CA ARG A 339 -43.31 -17.79 -20.69
C ARG A 339 -43.08 -16.70 -21.71
N GLY A 340 -43.31 -15.44 -21.32
CA GLY A 340 -42.95 -14.34 -22.21
C GLY A 340 -41.44 -14.16 -22.33
N ALA A 341 -40.69 -14.58 -21.31
CA ALA A 341 -39.25 -14.37 -21.31
C ALA A 341 -38.56 -15.17 -22.42
N GLU A 342 -39.12 -16.32 -22.79
CA GLU A 342 -38.52 -17.11 -23.86
C GLU A 342 -38.69 -16.45 -25.22
N ALA A 343 -39.83 -15.78 -25.44
CA ALA A 343 -40.07 -15.11 -26.72
C ALA A 343 -39.25 -13.83 -26.84
N GLY A 344 -39.08 -13.11 -25.73
CA GLY A 344 -38.31 -11.88 -25.75
C GLY A 344 -38.34 -11.22 -24.39
N SER A 345 -37.62 -10.12 -24.29
CA SER A 345 -37.58 -9.36 -23.04
C SER A 345 -38.96 -8.83 -22.69
N VAL A 346 -39.30 -8.89 -21.41
CA VAL A 346 -40.64 -8.57 -20.93
C VAL A 346 -40.50 -7.64 -19.73
N VAL A 347 -40.97 -6.40 -19.88
CA VAL A 347 -41.15 -5.49 -18.77
C VAL A 347 -42.53 -5.75 -18.18
N ASP A 348 -42.57 -6.15 -16.91
CA ASP A 348 -43.89 -6.41 -16.35
C ASP A 348 -44.49 -5.11 -15.81
N GLU A 349 -45.68 -5.20 -15.24
CA GLU A 349 -46.43 -4.03 -14.81
C GLU A 349 -45.78 -3.29 -13.65
N ARG A 350 -44.82 -3.92 -12.97
CA ARG A 350 -44.14 -3.26 -11.86
C ARG A 350 -42.71 -2.86 -12.19
N GLY A 351 -42.37 -2.79 -13.48
CA GLY A 351 -41.08 -2.31 -13.92
C GLY A 351 -39.99 -3.35 -13.99
N PHE A 352 -40.23 -4.57 -13.48
CA PHE A 352 -39.22 -5.61 -13.53
C PHE A 352 -39.11 -6.20 -14.93
N VAL A 353 -37.88 -6.48 -15.34
CA VAL A 353 -37.59 -6.97 -16.68
C VAL A 353 -37.23 -8.45 -16.58
N TRP A 354 -38.02 -9.29 -17.24
CA TRP A 354 -37.83 -10.74 -17.25
C TRP A 354 -37.25 -11.15 -18.60
N GLU A 355 -36.11 -11.83 -18.58
CA GLU A 355 -35.43 -12.21 -19.81
C GLU A 355 -34.93 -13.64 -19.70
N LYS A 356 -34.80 -14.29 -20.87
CA LYS A 356 -34.07 -15.54 -20.98
C LYS A 356 -32.61 -15.23 -21.31
N ALA A 357 -31.71 -16.03 -20.74
CA ALA A 357 -30.29 -15.69 -20.75
C ALA A 357 -29.71 -15.72 -22.15
N VAL A 358 -28.51 -15.14 -22.27
CA VAL A 358 -27.73 -15.11 -23.49
C VAL A 358 -27.54 -16.55 -23.99
N GLU A 359 -26.58 -17.25 -23.40
CA GLU A 359 -26.57 -18.70 -23.34
C GLU A 359 -26.53 -19.10 -21.87
N GLY A 360 -27.08 -20.26 -21.56
CA GLY A 360 -27.13 -20.69 -20.17
C GLY A 360 -28.47 -21.26 -19.76
N ASP A 361 -29.49 -21.03 -20.58
CA ASP A 361 -30.83 -21.55 -20.34
C ASP A 361 -31.32 -21.23 -18.93
N PHE A 362 -31.16 -19.96 -18.54
CA PHE A 362 -31.68 -19.51 -17.26
C PHE A 362 -32.36 -18.16 -17.46
N PHE A 363 -33.16 -17.77 -16.47
CA PHE A 363 -33.97 -16.56 -16.54
C PHE A 363 -33.39 -15.51 -15.61
N ARG A 364 -33.44 -14.26 -16.05
CA ARG A 364 -32.91 -13.13 -15.30
C ARG A 364 -34.02 -12.10 -15.12
N VAL A 365 -34.20 -11.64 -13.88
CA VAL A 365 -35.24 -10.67 -13.55
C VAL A 365 -34.55 -9.43 -13.03
N GLN A 366 -34.59 -8.36 -13.81
CA GLN A 366 -33.90 -7.12 -13.45
C GLN A 366 -34.81 -6.21 -12.65
N TYR A 367 -34.22 -5.52 -11.68
CA TYR A 367 -34.95 -4.58 -10.85
C TYR A 367 -35.75 -3.59 -11.70
N SER A 368 -35.15 -3.07 -12.76
CA SER A 368 -35.84 -2.18 -13.69
C SER A 368 -35.07 -2.16 -15.00
N GLU A 369 -35.65 -1.47 -15.98
CA GLU A 369 -35.01 -1.37 -17.29
C GLU A 369 -33.63 -0.73 -17.18
N SER A 370 -33.47 0.24 -16.28
CA SER A 370 -32.19 0.92 -16.12
C SER A 370 -31.29 0.24 -15.07
N ASN A 371 -31.87 -0.29 -13.99
CA ASN A 371 -31.09 -0.81 -12.86
C ASN A 371 -31.01 -2.33 -12.98
N HIS A 372 -29.84 -2.83 -13.39
CA HIS A 372 -29.68 -4.22 -13.79
C HIS A 372 -29.26 -5.15 -12.64
N LEU A 373 -29.50 -4.76 -11.39
CA LEU A 373 -29.45 -5.74 -10.31
C LEU A 373 -30.55 -6.76 -10.53
N HIS A 374 -30.28 -8.03 -10.23
CA HIS A 374 -31.16 -9.05 -10.77
C HIS A 374 -31.23 -10.30 -9.89
N VAL A 375 -32.34 -11.01 -10.04
CA VAL A 375 -32.53 -12.36 -9.54
C VAL A 375 -32.39 -13.31 -10.72
N ASP A 376 -31.43 -14.23 -10.64
CA ASP A 376 -31.27 -15.24 -11.67
C ASP A 376 -32.03 -16.50 -11.28
N LEU A 377 -32.68 -17.12 -12.26
CA LEU A 377 -33.52 -18.28 -12.04
C LEU A 377 -32.96 -19.47 -12.84
N TRP A 378 -32.59 -20.52 -12.12
CA TRP A 378 -31.93 -21.68 -12.72
C TRP A 378 -32.86 -22.87 -12.70
N PRO A 379 -33.39 -23.32 -13.84
CA PRO A 379 -34.30 -24.47 -13.85
C PRO A 379 -33.58 -25.80 -14.04
N PHE A 380 -34.07 -26.80 -13.31
CA PHE A 380 -33.56 -28.17 -13.37
C PHE A 380 -34.73 -29.12 -13.60
N TYR A 381 -34.40 -30.40 -13.80
CA TYR A 381 -35.38 -31.47 -13.97
C TYR A 381 -34.76 -32.77 -13.49
N PRO A 382 -35.56 -33.73 -12.99
CA PRO A 382 -34.98 -34.91 -12.34
C PRO A 382 -34.69 -36.07 -13.27
N ARG A 383 -33.44 -36.19 -13.73
CA ARG A 383 -32.94 -37.40 -14.38
C ARG A 383 -32.57 -38.39 -13.29
N ASN A 384 -33.29 -39.50 -13.18
CA ASN A 384 -32.95 -40.56 -12.22
C ASN A 384 -32.90 -40.06 -10.78
N GLY A 385 -33.59 -38.96 -10.50
CA GLY A 385 -33.53 -38.37 -9.17
C GLY A 385 -32.41 -37.39 -8.95
N VAL A 386 -31.61 -37.08 -9.97
CA VAL A 386 -30.60 -36.03 -9.89
C VAL A 386 -31.07 -34.85 -10.73
N MET A 387 -31.10 -33.67 -10.12
CA MET A 387 -31.54 -32.47 -10.81
C MET A 387 -30.41 -31.93 -11.68
N THR A 388 -30.71 -31.68 -12.95
CA THR A 388 -29.68 -31.29 -13.89
C THR A 388 -30.18 -30.18 -14.81
N LYS A 389 -29.22 -29.47 -15.41
CA LYS A 389 -29.46 -28.53 -16.49
C LYS A 389 -28.58 -28.93 -17.66
N ASP A 390 -28.99 -28.51 -18.86
CA ASP A 390 -28.25 -28.91 -20.06
C ASP A 390 -26.95 -28.13 -20.24
N THR A 391 -26.79 -26.99 -19.56
CA THR A 391 -25.58 -26.20 -19.66
C THR A 391 -25.15 -25.75 -18.27
N TRP A 392 -23.86 -25.37 -18.17
CA TRP A 392 -23.24 -25.13 -16.87
C TRP A 392 -22.34 -23.91 -16.92
N LEU A 393 -21.93 -23.47 -15.74
CA LEU A 393 -21.10 -22.30 -15.55
C LEU A 393 -19.72 -22.71 -15.05
N ASP A 394 -18.76 -21.79 -15.19
CA ASP A 394 -17.39 -22.03 -14.76
C ASP A 394 -17.25 -22.05 -13.23
N HIS A 395 -18.35 -21.95 -12.50
CA HIS A 395 -18.29 -21.88 -11.05
C HIS A 395 -18.29 -23.27 -10.43
N ARG A 396 -17.60 -23.37 -9.29
CA ARG A 396 -17.51 -24.64 -8.57
C ARG A 396 -18.87 -25.15 -8.15
N GLN A 397 -19.75 -24.26 -7.70
CA GLN A 397 -21.01 -24.62 -7.07
C GLN A 397 -22.14 -24.84 -8.07
N ASP A 398 -21.86 -24.82 -9.37
CA ASP A 398 -22.87 -25.07 -10.39
C ASP A 398 -22.77 -26.54 -10.79
N VAL A 399 -23.48 -27.39 -10.05
CA VAL A 399 -23.43 -28.84 -10.23
C VAL A 399 -24.84 -29.40 -10.13
N GLU A 400 -24.94 -30.72 -10.27
CA GLU A 400 -26.18 -31.44 -10.05
C GLU A 400 -26.34 -31.82 -8.58
N PHE A 401 -27.55 -32.17 -8.19
CA PHE A 401 -27.80 -32.55 -6.81
C PHE A 401 -28.97 -33.51 -6.74
N PRO A 402 -28.98 -34.41 -5.75
CA PRO A 402 -30.14 -35.29 -5.55
C PRO A 402 -31.44 -34.50 -5.46
N GLU A 403 -32.52 -35.09 -5.99
CA GLU A 403 -33.82 -34.45 -5.97
C GLU A 403 -34.46 -34.49 -4.58
N HIS A 404 -34.10 -35.49 -3.76
CA HIS A 404 -34.69 -35.59 -2.42
C HIS A 404 -34.43 -34.35 -1.59
N PHE A 405 -33.40 -33.56 -1.92
CA PHE A 405 -33.19 -32.29 -1.24
C PHE A 405 -34.32 -31.31 -1.47
N LEU A 406 -35.25 -31.61 -2.40
CA LEU A 406 -36.39 -30.75 -2.68
C LEU A 406 -37.73 -31.35 -2.26
N GLN A 407 -37.76 -32.63 -1.90
CA GLN A 407 -38.96 -33.26 -1.36
C GLN A 407 -38.70 -33.59 0.11
N PRO A 408 -39.12 -32.74 1.07
CA PRO A 408 -39.84 -31.48 0.89
C PRO A 408 -38.94 -30.25 0.83
N LEU A 409 -39.53 -29.11 0.52
CA LEU A 409 -38.87 -27.83 0.71
C LEU A 409 -39.16 -27.32 2.11
N VAL A 410 -38.25 -26.49 2.63
CA VAL A 410 -38.36 -26.02 4.00
C VAL A 410 -38.40 -24.50 4.01
N PRO A 411 -39.11 -23.88 4.95
CA PRO A 411 -39.03 -22.42 5.07
C PRO A 411 -37.67 -21.99 5.60
N LEU A 412 -37.26 -20.78 5.22
CA LEU A 412 -36.00 -20.24 5.69
C LEU A 412 -36.01 -18.72 5.58
N PRO A 413 -35.85 -18.01 6.70
CA PRO A 413 -35.82 -16.54 6.63
C PRO A 413 -34.70 -16.05 5.73
N PHE A 414 -34.99 -15.00 4.96
CA PHE A 414 -34.03 -14.49 3.99
C PHE A 414 -34.46 -13.09 3.55
N ALA A 415 -33.57 -12.12 3.75
CA ALA A 415 -33.73 -10.77 3.18
C ALA A 415 -35.01 -10.09 3.66
N GLY A 416 -35.49 -10.43 4.85
CA GLY A 416 -36.64 -9.77 5.42
C GLY A 416 -37.95 -10.50 5.23
N PHE A 417 -37.96 -11.62 4.53
CA PHE A 417 -39.16 -12.43 4.37
C PHE A 417 -38.77 -13.90 4.55
N VAL A 418 -39.72 -14.80 4.28
CA VAL A 418 -39.52 -16.23 4.38
C VAL A 418 -39.50 -16.82 2.98
N ALA A 419 -38.41 -17.48 2.63
CA ALA A 419 -38.27 -18.12 1.33
C ALA A 419 -38.13 -19.62 1.53
N GLN A 420 -38.27 -20.37 0.43
CA GLN A 420 -38.15 -21.82 0.49
CA GLN A 420 -38.15 -21.82 0.46
C GLN A 420 -36.70 -22.24 0.23
N ALA A 421 -36.23 -23.20 1.01
CA ALA A 421 -34.90 -23.74 0.91
C ALA A 421 -34.97 -25.25 0.71
N PRO A 422 -33.94 -25.87 0.12
CA PRO A 422 -33.89 -27.32 0.11
C PRO A 422 -33.83 -27.84 1.53
N ASN A 423 -34.51 -28.97 1.77
CA ASN A 423 -34.38 -29.62 3.07
C ASN A 423 -32.92 -29.96 3.32
N ASN A 424 -32.56 -30.04 4.60
CA ASN A 424 -31.17 -30.25 5.01
C ASN A 424 -30.24 -29.34 4.23
N TYR A 425 -30.55 -28.03 4.25
CA TYR A 425 -29.80 -27.09 3.43
C TYR A 425 -28.33 -27.04 3.82
N ARG A 426 -27.98 -27.44 5.04
CA ARG A 426 -26.58 -27.44 5.45
C ARG A 426 -25.78 -28.46 4.66
N ARG A 427 -26.29 -29.69 4.53
CA ARG A 427 -25.63 -30.70 3.71
C ARG A 427 -25.66 -30.32 2.23
N PHE A 428 -26.79 -29.77 1.77
CA PHE A 428 -26.91 -29.31 0.39
C PHE A 428 -25.82 -28.29 0.06
N LEU A 429 -25.55 -27.37 0.98
CA LEU A 429 -24.57 -26.32 0.73
C LEU A 429 -23.16 -26.89 0.67
N GLU A 430 -22.84 -27.85 1.54
CA GLU A 430 -21.49 -28.37 1.60
C GLU A 430 -21.16 -29.23 0.38
N LEU A 431 -22.17 -29.89 -0.21
CA LEU A 431 -21.92 -30.65 -1.43
C LEU A 431 -21.51 -29.73 -2.57
N LYS A 432 -22.14 -28.56 -2.66
CA LYS A 432 -21.85 -27.64 -3.75
C LYS A 432 -20.62 -26.76 -3.48
N PHE A 433 -20.40 -26.36 -2.24
CA PHE A 433 -19.32 -25.45 -1.90
C PHE A 433 -18.14 -26.10 -1.19
N GLY A 434 -18.38 -27.16 -0.43
CA GLY A 434 -17.34 -27.77 0.38
C GLY A 434 -17.69 -27.71 1.86
N PRO A 435 -17.08 -28.58 2.66
CA PRO A 435 -17.40 -28.59 4.09
C PRO A 435 -17.00 -27.27 4.76
N GLY A 436 -17.83 -26.84 5.70
CA GLY A 436 -17.55 -25.65 6.49
C GLY A 436 -17.88 -24.33 5.81
N VAL A 437 -18.55 -24.35 4.66
CA VAL A 437 -18.77 -23.12 3.90
C VAL A 437 -19.58 -22.10 4.70
N ILE A 438 -20.53 -22.58 5.51
CA ILE A 438 -21.38 -21.66 6.27
C ILE A 438 -20.57 -20.94 7.33
N GLU A 439 -19.62 -21.63 7.95
CA GLU A 439 -18.88 -21.11 9.09
C GLU A 439 -17.59 -20.39 8.70
N ASN A 440 -17.29 -20.27 7.41
CA ASN A 440 -16.01 -19.72 6.97
C ASN A 440 -16.24 -18.94 5.68
N PRO A 441 -16.50 -17.64 5.77
CA PRO A 441 -16.88 -16.87 4.58
C PRO A 441 -15.68 -16.43 3.76
N GLN A 442 -15.90 -16.35 2.44
CA GLN A 442 -14.83 -16.00 1.50
C GLN A 442 -15.41 -15.15 0.37
N TYR A 443 -14.51 -14.61 -0.46
CA TYR A 443 -14.86 -13.72 -1.57
C TYR A 443 -15.08 -14.54 -2.84
N PRO A 444 -15.66 -13.92 -3.88
CA PRO A 444 -15.94 -14.71 -5.10
C PRO A 444 -14.70 -15.23 -5.82
N ASN A 445 -13.66 -14.41 -5.97
CA ASN A 445 -12.42 -14.80 -6.62
C ASN A 445 -11.26 -14.52 -5.67
N PRO A 446 -10.99 -15.42 -4.73
CA PRO A 446 -9.93 -15.16 -3.73
C PRO A 446 -8.55 -14.95 -4.34
N ALA A 447 -8.25 -15.60 -5.47
CA ALA A 447 -6.92 -15.43 -6.06
C ALA A 447 -6.71 -14.02 -6.60
N LEU A 448 -7.79 -13.35 -7.02
CA LEU A 448 -7.66 -11.96 -7.43
C LEU A 448 -7.78 -11.01 -6.25
N LEU A 449 -8.79 -11.21 -5.40
CA LEU A 449 -9.03 -10.34 -4.25
C LEU A 449 -9.59 -11.14 -3.09
N SER A 450 -8.93 -11.04 -1.94
CA SER A 450 -9.29 -11.82 -0.76
C SER A 450 -10.00 -10.95 0.27
N LEU A 451 -10.94 -11.57 0.98
CA LEU A 451 -11.68 -10.98 2.09
C LEU A 451 -10.75 -10.35 3.12
N PRO B 7 20.84 10.26 -13.39
CA PRO B 7 19.68 11.15 -13.30
C PRO B 7 18.38 10.36 -13.13
N ARG B 8 17.71 10.54 -12.00
CA ARG B 8 16.53 9.75 -11.66
C ARG B 8 15.27 10.46 -12.13
N VAL B 9 14.39 9.71 -12.80
CA VAL B 9 13.20 10.25 -13.45
C VAL B 9 12.01 9.37 -13.16
N THR B 10 10.95 9.95 -12.62
CA THR B 10 9.70 9.24 -12.38
C THR B 10 8.78 9.39 -13.60
N VAL B 11 8.38 8.26 -14.18
CA VAL B 11 7.35 8.29 -15.22
C VAL B 11 6.01 8.50 -14.55
N LEU B 12 5.23 9.46 -15.04
CA LEU B 12 3.94 9.81 -14.46
C LEU B 12 2.90 9.79 -15.57
N VAL B 13 1.91 8.92 -15.43
CA VAL B 13 0.89 8.67 -16.44
C VAL B 13 -0.43 9.25 -15.93
N ARG B 14 -0.95 10.26 -16.63
CA ARG B 14 -2.18 10.92 -16.27
C ARG B 14 -3.27 10.83 -17.33
N GLU B 15 -2.91 10.84 -18.61
CA GLU B 15 -3.87 10.94 -19.71
C GLU B 15 -4.15 9.54 -20.26
N PHE B 16 -5.27 8.96 -19.85
CA PHE B 16 -5.73 7.66 -20.34
C PHE B 16 -7.19 7.49 -19.96
N GLU B 17 -7.84 6.54 -20.62
CA GLU B 17 -9.23 6.20 -20.33
C GLU B 17 -9.31 4.82 -19.70
N ALA B 18 -10.13 4.69 -18.65
CA ALA B 18 -10.22 3.42 -17.94
C ALA B 18 -10.82 2.33 -18.82
N PHE B 19 -11.79 2.68 -19.67
CA PHE B 19 -12.49 1.67 -20.46
C PHE B 19 -11.67 1.15 -21.63
N ASP B 20 -10.58 1.82 -22.00
CA ASP B 20 -9.80 1.43 -23.17
C ASP B 20 -8.46 2.15 -23.08
N ASN B 21 -7.39 1.42 -22.78
CA ASN B 21 -6.08 2.03 -22.65
C ASN B 21 -4.98 1.02 -22.95
N ALA B 22 -3.77 1.53 -23.06
CA ALA B 22 -2.55 0.72 -23.20
C ALA B 22 -1.59 1.00 -22.06
N VAL B 23 -2.13 1.38 -20.90
CA VAL B 23 -1.27 1.71 -19.75
C VAL B 23 -0.43 0.54 -19.29
N PRO B 24 -0.94 -0.70 -19.18
CA PRO B 24 -0.05 -1.81 -18.78
C PRO B 24 1.14 -1.96 -19.71
N GLU B 25 0.90 -1.87 -21.02
CA GLU B 25 1.98 -1.95 -22.00
C GLU B 25 2.97 -0.80 -21.81
N LEU B 26 2.43 0.42 -21.64
CA LEU B 26 3.27 1.58 -21.36
C LEU B 26 4.20 1.32 -20.18
N VAL B 27 3.61 0.99 -19.02
CA VAL B 27 4.39 0.76 -17.81
C VAL B 27 5.41 -0.36 -18.02
N ASP B 28 4.95 -1.49 -18.58
CA ASP B 28 5.84 -2.62 -18.80
C ASP B 28 7.06 -2.24 -19.64
N SER B 29 6.86 -1.42 -20.68
CA SER B 29 7.95 -1.09 -21.59
C SER B 29 9.07 -0.33 -20.87
N PHE B 30 8.72 0.52 -19.91
CA PHE B 30 9.74 1.22 -19.14
C PHE B 30 10.42 0.28 -18.15
N LEU B 31 9.66 -0.66 -17.58
CA LEU B 31 10.24 -1.63 -16.65
C LEU B 31 11.25 -2.53 -17.33
N GLN B 32 11.05 -2.80 -18.63
CA GLN B 32 11.99 -3.62 -19.39
C GLN B 32 13.35 -2.93 -19.56
N GLN B 33 13.42 -1.61 -19.38
CA GLN B 33 14.69 -0.88 -19.42
C GLN B 33 15.31 -0.70 -18.05
N ASP B 34 14.50 -0.69 -16.99
CA ASP B 34 14.98 -0.66 -15.61
C ASP B 34 13.88 -1.25 -14.73
N PRO B 35 14.07 -2.47 -14.23
CA PRO B 35 13.05 -3.13 -13.40
C PRO B 35 12.58 -2.30 -12.21
N ALA B 36 13.41 -1.37 -11.73
CA ALA B 36 13.06 -0.55 -10.57
C ALA B 36 12.64 0.87 -10.97
N GLN B 37 12.32 1.08 -12.25
CA GLN B 37 11.86 2.37 -12.73
C GLN B 37 10.68 2.88 -11.90
N PRO B 38 10.80 4.03 -11.25
CA PRO B 38 9.65 4.58 -10.52
C PRO B 38 8.57 5.05 -11.48
N VAL B 39 7.36 4.52 -11.29
CA VAL B 39 6.21 4.80 -12.16
C VAL B 39 5.04 5.20 -11.29
N VAL B 40 4.41 6.31 -11.62
CA VAL B 40 3.19 6.76 -10.94
C VAL B 40 2.08 6.88 -11.97
N VAL B 41 1.01 6.11 -11.77
CA VAL B 41 -0.22 6.26 -12.53
C VAL B 41 -1.18 7.09 -11.69
N ALA B 42 -1.66 8.19 -12.24
CA ALA B 42 -2.57 9.07 -11.54
C ALA B 42 -3.97 8.93 -12.12
N ALA B 43 -4.96 8.93 -11.24
CA ALA B 43 -6.35 8.85 -11.63
C ALA B 43 -7.20 9.49 -10.54
N ASP B 44 -8.37 10.00 -10.92
CA ASP B 44 -9.27 10.57 -9.92
C ASP B 44 -10.04 9.50 -9.16
N THR B 45 -10.44 8.41 -9.83
CA THR B 45 -11.06 7.27 -9.17
C THR B 45 -10.32 6.01 -9.58
N LEU B 46 -10.47 4.98 -8.77
CA LEU B 46 -9.85 3.69 -9.05
C LEU B 46 -10.36 3.16 -10.38
N PRO B 47 -9.50 2.98 -11.38
CA PRO B 47 -9.98 2.48 -12.67
C PRO B 47 -10.58 1.09 -12.55
N TYR B 48 -11.78 0.93 -13.10
CA TYR B 48 -12.38 -0.39 -13.26
C TYR B 48 -12.82 -0.51 -14.72
N PRO B 49 -12.50 -1.62 -15.40
CA PRO B 49 -11.82 -2.82 -14.94
C PRO B 49 -10.41 -2.57 -14.40
N PRO B 50 -9.88 -3.49 -13.59
CA PRO B 50 -8.59 -3.23 -12.93
C PRO B 50 -7.47 -2.99 -13.93
N LEU B 51 -6.66 -1.97 -13.66
CA LEU B 51 -5.47 -1.73 -14.47
C LEU B 51 -4.53 -2.93 -14.45
N ALA B 52 -4.47 -3.64 -13.33
CA ALA B 52 -3.60 -4.79 -13.17
C ALA B 52 -2.16 -4.44 -13.53
N LEU B 53 -1.68 -3.35 -12.96
CA LEU B 53 -0.27 -3.04 -13.01
C LEU B 53 0.48 -4.09 -12.18
N PRO B 54 1.77 -4.29 -12.44
CA PRO B 54 2.57 -5.13 -11.53
C PRO B 54 2.53 -4.53 -10.13
N ARG B 55 2.21 -5.35 -9.14
CA ARG B 55 2.10 -4.88 -7.76
C ARG B 55 3.49 -4.93 -7.12
N ILE B 56 4.32 -3.97 -7.55
CA ILE B 56 5.71 -3.87 -7.10
C ILE B 56 5.90 -2.47 -6.51
N PRO B 57 6.79 -2.29 -5.54
CA PRO B 57 6.83 -1.00 -4.84
C PRO B 57 7.16 0.20 -5.72
N ASN B 58 7.86 0.02 -6.84
CA ASN B 58 8.21 1.16 -7.69
C ASN B 58 7.10 1.57 -8.66
N VAL B 59 5.99 0.84 -8.73
CA VAL B 59 4.85 1.22 -9.55
C VAL B 59 3.69 1.51 -8.60
N ARG B 60 3.21 2.75 -8.60
CA ARG B 60 2.20 3.17 -7.65
C ARG B 60 1.04 3.86 -8.37
N LEU B 61 -0.16 3.64 -7.83
CA LEU B 61 -1.37 4.27 -8.30
C LEU B 61 -1.75 5.38 -7.33
N ALA B 62 -1.81 6.61 -7.83
CA ALA B 62 -2.16 7.77 -7.01
C ALA B 62 -3.58 8.21 -7.34
N LEU B 63 -4.46 8.11 -6.34
CA LEU B 63 -5.88 8.46 -6.51
C LEU B 63 -6.09 9.88 -5.99
N LEU B 64 -6.45 10.79 -6.91
CA LEU B 64 -6.52 12.20 -6.61
C LEU B 64 -7.87 12.65 -6.05
N GLN B 65 -8.65 11.75 -5.55
CA GLN B 65 -9.94 12.03 -4.98
C GLN B 65 -9.84 12.22 -3.47
N PRO B 66 -10.71 13.03 -2.87
CA PRO B 66 -10.84 13.01 -1.42
C PRO B 66 -11.37 11.66 -0.96
N ALA B 67 -11.00 11.29 0.26
CA ALA B 67 -11.49 10.04 0.84
C ALA B 67 -11.50 10.17 2.35
N LEU B 68 -12.54 9.61 2.97
CA LEU B 68 -12.71 9.74 4.41
C LEU B 68 -11.60 9.07 5.21
N ASP B 69 -10.89 8.11 4.62
CA ASP B 69 -9.93 7.30 5.34
C ASP B 69 -8.50 7.51 4.86
N ARG B 70 -8.22 8.66 4.27
CA ARG B 70 -6.90 8.98 3.75
C ARG B 70 -6.50 10.38 4.20
N PRO B 71 -5.21 10.63 4.39
CA PRO B 71 -4.76 11.97 4.73
C PRO B 71 -4.69 12.85 3.49
N ALA B 72 -4.53 14.16 3.73
CA ALA B 72 -4.42 15.11 2.62
C ALA B 72 -3.34 14.69 1.63
N ALA B 73 -2.24 14.14 2.14
CA ALA B 73 -1.09 13.84 1.28
C ALA B 73 -1.40 12.76 0.26
N ALA B 74 -2.37 11.88 0.54
CA ALA B 74 -2.65 10.75 -0.34
C ALA B 74 -3.18 11.20 -1.70
N SER B 75 -3.76 12.40 -1.79
CA SER B 75 -4.25 12.93 -3.05
C SER B 75 -3.37 14.02 -3.62
N ARG B 76 -2.25 14.32 -2.97
CA ARG B 76 -1.30 15.30 -3.49
C ARG B 76 -0.20 14.56 -4.23
N PRO B 77 -0.07 14.72 -5.54
CA PRO B 77 0.78 13.81 -6.32
C PRO B 77 2.27 13.99 -6.09
N GLU B 78 2.72 15.16 -5.61
CA GLU B 78 4.15 15.33 -5.36
C GLU B 78 4.68 14.31 -4.36
N THR B 79 3.84 13.86 -3.42
CA THR B 79 4.31 12.91 -2.41
C THR B 79 4.55 11.52 -2.97
N TYR B 80 4.13 11.24 -4.20
CA TYR B 80 4.44 9.98 -4.86
C TYR B 80 5.72 10.06 -5.71
N VAL B 81 6.21 11.26 -5.97
CA VAL B 81 7.39 11.47 -6.80
C VAL B 81 8.54 11.88 -5.89
N ALA B 82 9.56 11.03 -5.80
CA ALA B 82 10.74 11.32 -5.01
C ALA B 82 11.91 11.82 -5.84
N THR B 83 11.83 11.69 -7.16
CA THR B 83 12.95 12.01 -8.03
C THR B 83 13.00 13.50 -8.35
N GLU B 84 14.17 13.94 -8.79
CA GLU B 84 14.36 15.34 -9.18
C GLU B 84 13.51 15.68 -10.40
N PHE B 85 13.40 14.76 -11.35
CA PHE B 85 12.72 15.00 -12.61
C PHE B 85 11.49 14.10 -12.73
N VAL B 86 10.54 14.55 -13.54
CA VAL B 86 9.31 13.81 -13.79
C VAL B 86 9.04 13.85 -15.28
N ALA B 87 8.62 12.72 -15.84
CA ALA B 87 8.26 12.63 -17.25
C ALA B 87 6.79 12.29 -17.36
N LEU B 88 6.01 13.25 -17.86
CA LEU B 88 4.62 12.97 -18.21
C LEU B 88 4.58 12.18 -19.51
N VAL B 89 3.97 11.00 -19.48
CA VAL B 89 3.90 10.12 -20.63
C VAL B 89 2.44 9.82 -20.93
N PRO B 90 1.96 10.11 -22.13
CA PRO B 90 0.55 9.84 -22.46
C PRO B 90 0.36 8.37 -22.81
N ASP B 91 -0.89 7.91 -22.65
CA ASP B 91 -1.23 6.58 -23.09
C ASP B 91 -1.04 6.48 -24.60
N GLY B 92 -0.62 5.31 -25.06
CA GLY B 92 -0.29 5.09 -26.45
C GLY B 92 1.18 5.18 -26.79
N ALA B 93 2.04 5.42 -25.80
CA ALA B 93 3.47 5.58 -25.99
C ALA B 93 4.24 4.43 -25.34
N ARG B 94 5.51 4.30 -25.72
CA ARG B 94 6.37 3.26 -25.19
C ARG B 94 7.81 3.69 -25.17
N ALA B 95 8.52 3.34 -24.10
CA ALA B 95 9.98 3.37 -24.08
C ALA B 95 10.48 2.08 -24.73
N GLU B 96 10.94 2.18 -25.97
CA GLU B 96 11.53 1.06 -26.68
C GLU B 96 13.03 1.18 -26.82
N ALA B 97 13.53 2.37 -26.92
CA ALA B 97 14.97 2.63 -26.95
C ALA B 97 15.49 2.80 -25.54
N PRO B 98 16.56 2.10 -25.17
CA PRO B 98 17.18 2.35 -23.87
C PRO B 98 17.51 3.83 -23.68
N GLY B 99 17.38 4.28 -22.44
CA GLY B 99 17.91 5.57 -22.02
C GLY B 99 17.39 6.79 -22.77
N LEU B 100 16.08 6.83 -23.05
CA LEU B 100 15.52 8.03 -23.64
C LEU B 100 15.31 9.12 -22.60
N LEU B 101 14.87 8.75 -21.40
CA LEU B 101 14.65 9.72 -20.34
C LEU B 101 15.95 10.40 -19.92
N GLU B 102 17.04 9.64 -19.87
CA GLU B 102 18.35 10.21 -19.54
C GLU B 102 18.73 11.28 -20.55
N ARG B 103 18.56 11.00 -21.84
CA ARG B 103 18.88 11.98 -22.87
C ARG B 103 18.01 13.22 -22.75
N MET B 104 16.72 13.04 -22.47
CA MET B 104 15.85 14.20 -22.22
C MET B 104 16.34 14.99 -21.03
N VAL B 105 16.85 14.31 -20.01
CA VAL B 105 17.38 15.00 -18.83
C VAL B 105 18.57 15.87 -19.20
N GLU B 106 19.49 15.32 -20.02
CA GLU B 106 20.69 16.07 -20.38
C GLU B 106 20.36 17.31 -21.20
N ALA B 107 19.39 17.22 -22.11
CA ALA B 107 18.98 18.40 -22.87
C ALA B 107 18.38 19.47 -21.97
N LEU B 108 17.62 19.06 -20.96
CA LEU B 108 17.02 20.01 -20.04
C LEU B 108 18.08 20.80 -19.28
N ARG B 109 19.12 20.11 -18.78
CA ARG B 109 20.18 20.83 -18.08
C ARG B 109 21.01 21.68 -19.02
N ALA B 110 21.18 21.24 -20.27
CA ALA B 110 22.00 22.00 -21.21
C ALA B 110 21.26 23.20 -21.79
N GLY B 111 19.95 23.10 -21.96
CA GLY B 111 19.16 24.18 -22.53
C GLY B 111 18.73 25.20 -21.50
N SER B 112 17.86 26.11 -21.95
CA SER B 112 17.35 27.17 -21.10
C SER B 112 15.85 27.04 -20.82
N ALA B 113 15.17 26.08 -21.43
CA ALA B 113 13.75 25.89 -21.23
C ALA B 113 13.49 25.04 -20.00
N ARG B 114 12.47 25.42 -19.23
CA ARG B 114 12.11 24.65 -18.04
C ARG B 114 11.44 23.34 -18.36
N LEU B 115 10.89 23.20 -19.58
CA LEU B 115 10.29 21.96 -20.03
C LEU B 115 10.98 21.51 -21.30
N VAL B 116 11.16 20.20 -21.44
CA VAL B 116 11.64 19.59 -22.67
C VAL B 116 10.67 18.48 -23.03
N ALA B 117 10.49 18.26 -24.34
CA ALA B 117 9.46 17.36 -24.80
C ALA B 117 9.99 16.46 -25.90
N ALA B 118 9.41 15.28 -26.00
CA ALA B 118 9.68 14.36 -27.09
C ALA B 118 8.35 13.89 -27.68
N PRO B 119 8.14 14.04 -28.97
CA PRO B 119 6.95 13.46 -29.59
C PRO B 119 6.94 11.95 -29.43
N VAL B 120 5.75 11.36 -29.59
CA VAL B 120 5.63 9.91 -29.74
C VAL B 120 4.96 9.64 -31.08
N ALA B 121 5.42 8.61 -31.77
CA ALA B 121 5.04 8.36 -33.16
C ALA B 121 3.65 7.74 -33.26
N THR B 122 2.66 8.51 -32.81
CA THR B 122 1.26 8.15 -33.01
C THR B 122 0.77 8.78 -34.30
N ALA B 123 -0.54 8.68 -34.55
CA ALA B 123 -1.13 9.38 -35.68
C ALA B 123 -1.14 10.89 -35.50
N ASN B 124 -0.74 11.39 -34.33
CA ASN B 124 -0.80 12.82 -34.03
C ASN B 124 0.35 13.19 -33.11
N PRO B 125 1.58 13.18 -33.62
CA PRO B 125 2.72 13.58 -32.79
C PRO B 125 2.67 15.06 -32.46
N ALA B 126 3.30 15.41 -31.33
CA ALA B 126 3.18 16.75 -30.78
C ALA B 126 3.71 17.80 -31.75
N ARG B 127 2.94 18.88 -31.89
CA ARG B 127 3.30 20.04 -32.69
C ARG B 127 3.72 21.20 -31.77
N CYS B 128 4.61 22.03 -32.29
CA CYS B 128 5.10 23.21 -31.57
C CYS B 128 4.17 24.39 -31.83
N LEU B 129 3.69 25.03 -30.76
CA LEU B 129 2.73 26.13 -30.87
C LEU B 129 3.12 27.31 -29.99
N ALA B 130 2.70 28.50 -30.42
CA ALA B 130 2.73 29.68 -29.58
C ALA B 130 1.42 29.77 -28.80
N LEU B 131 1.48 30.46 -27.66
CA LEU B 131 0.29 30.59 -26.81
C LEU B 131 0.44 31.80 -25.91
N ASN B 132 -0.50 32.73 -26.00
CA ASN B 132 -0.62 33.83 -25.05
C ASN B 132 -1.91 33.63 -24.27
N VAL B 133 -1.84 33.87 -22.96
CA VAL B 133 -3.00 33.76 -22.08
C VAL B 133 -3.31 35.15 -21.52
N SER B 134 -4.57 35.55 -21.61
CA SER B 134 -5.05 36.82 -21.10
C SER B 134 -6.23 36.52 -20.18
N LEU B 135 -5.94 36.35 -18.89
CA LEU B 135 -7.00 36.07 -17.93
C LEU B 135 -8.01 37.20 -17.88
N ARG B 136 -7.54 38.45 -17.94
CA ARG B 136 -8.45 39.59 -17.86
C ARG B 136 -9.49 39.55 -18.96
N GLU B 137 -9.15 39.02 -20.14
CA GLU B 137 -10.07 38.91 -21.26
C GLU B 137 -10.59 37.50 -21.44
N TRP B 138 -10.28 36.58 -20.52
CA TRP B 138 -10.78 35.21 -20.54
C TRP B 138 -10.38 34.49 -21.83
N THR B 139 -9.21 34.83 -22.38
CA THR B 139 -8.85 34.36 -23.71
C THR B 139 -7.49 33.69 -23.72
N ALA B 140 -7.40 32.58 -24.44
CA ALA B 140 -6.14 31.93 -24.77
C ALA B 140 -5.99 31.98 -26.29
N ARG B 141 -4.83 32.47 -26.75
CA ARG B 141 -4.58 32.68 -28.17
C ARG B 141 -3.41 31.80 -28.59
N TYR B 142 -3.68 30.78 -29.41
CA TYR B 142 -2.64 29.91 -29.93
C TYR B 142 -2.25 30.33 -31.35
N GLY B 143 -1.01 30.02 -31.73
CA GLY B 143 -0.55 30.27 -33.07
C GLY B 143 0.58 29.34 -33.44
N ALA B 144 1.03 29.48 -34.68
CA ALA B 144 2.26 28.80 -35.11
C ALA B 144 3.43 29.31 -34.29
N ALA B 145 4.36 28.43 -33.99
CA ALA B 145 5.47 28.77 -33.10
C ALA B 145 6.52 29.57 -33.84
N PRO B 146 6.80 30.82 -33.44
CA PRO B 146 7.77 31.63 -34.18
C PRO B 146 9.21 31.17 -34.05
N ALA B 147 9.59 30.56 -32.92
CA ALA B 147 10.97 30.18 -32.67
C ALA B 147 11.11 28.69 -32.40
N ALA B 148 10.36 27.88 -33.12
CA ALA B 148 10.49 26.43 -33.02
C ALA B 148 11.96 26.05 -33.25
N PRO B 149 12.50 25.06 -32.53
CA PRO B 149 11.85 24.07 -31.67
C PRO B 149 11.51 24.53 -30.24
N ARG B 150 11.44 25.85 -30.02
CA ARG B 150 11.07 26.41 -28.73
C ARG B 150 9.63 26.88 -28.80
N CYS B 151 8.78 26.38 -27.89
CA CYS B 151 7.34 26.57 -27.96
C CYS B 151 6.80 27.10 -26.64
N ASP B 152 5.64 27.76 -26.71
CA ASP B 152 4.83 28.01 -25.52
C ASP B 152 3.95 26.83 -25.18
N ALA B 153 3.56 26.04 -26.18
CA ALA B 153 2.61 24.95 -25.96
C ALA B 153 2.80 23.89 -27.02
N LEU B 154 2.27 22.71 -26.75
CA LEU B 154 2.28 21.60 -27.68
C LEU B 154 0.85 21.22 -28.05
N ASP B 155 0.70 20.63 -29.23
CA ASP B 155 -0.54 19.99 -29.63
C ASP B 155 -0.22 18.60 -30.15
N GLY B 156 -0.80 17.60 -29.54
CA GLY B 156 -0.52 16.22 -29.88
C GLY B 156 0.22 15.52 -28.75
N ASP B 157 0.64 14.28 -29.04
CA ASP B 157 1.19 13.39 -28.03
C ASP B 157 2.68 13.61 -27.87
N ALA B 158 3.12 13.86 -26.63
CA ALA B 158 4.53 13.98 -26.35
C ALA B 158 4.82 13.47 -24.95
N VAL B 159 6.04 13.00 -24.75
CA VAL B 159 6.59 12.88 -23.41
C VAL B 159 7.15 14.24 -23.01
N VAL B 160 6.73 14.73 -21.86
CA VAL B 160 7.15 16.04 -21.38
C VAL B 160 7.89 15.85 -20.06
N LEU B 161 9.16 16.26 -20.02
CA LEU B 161 10.00 16.11 -18.85
C LEU B 161 10.32 17.47 -18.26
N LEU B 162 10.22 17.56 -16.94
CA LEU B 162 10.52 18.79 -16.21
C LEU B 162 10.85 18.42 -14.77
N ARG B 163 11.35 19.40 -14.03
CA ARG B 163 11.64 19.18 -12.62
C ARG B 163 10.35 19.07 -11.83
N ALA B 164 10.32 18.09 -10.92
CA ALA B 164 9.14 17.89 -10.07
C ALA B 164 8.77 19.17 -9.32
N ARG B 165 9.79 19.89 -8.82
CA ARG B 165 9.52 21.14 -8.10
C ARG B 165 8.78 22.15 -8.97
N ASP B 166 9.03 22.14 -10.29
CA ASP B 166 8.34 23.06 -11.18
C ASP B 166 6.93 22.56 -11.49
N LEU B 167 6.77 21.27 -11.76
CA LEU B 167 5.45 20.74 -12.08
C LEU B 167 4.49 20.90 -10.90
N PHE B 168 4.91 20.47 -9.71
CA PHE B 168 4.01 20.42 -8.57
C PHE B 168 3.91 21.75 -7.83
N ASN B 169 4.65 22.79 -8.24
CA ASN B 169 4.33 24.13 -7.77
C ASN B 169 3.24 24.78 -8.60
N LEU B 170 2.84 24.17 -9.72
CA LEU B 170 1.69 24.67 -10.46
C LEU B 170 0.42 24.43 -9.67
N SER B 171 -0.57 25.31 -9.86
CA SER B 171 -1.80 25.23 -9.09
C SER B 171 -2.59 23.96 -9.39
N ALA B 172 -2.55 23.49 -10.63
CA ALA B 172 -3.29 22.31 -11.06
C ALA B 172 -2.40 21.49 -11.98
N PRO B 173 -1.39 20.82 -11.42
CA PRO B 173 -0.38 20.15 -12.26
C PRO B 173 -0.95 19.09 -13.17
N LEU B 174 -2.03 18.41 -12.75
CA LEU B 174 -2.51 17.23 -13.46
C LEU B 174 -3.98 17.37 -13.88
N ALA B 175 -4.49 18.60 -13.95
CA ALA B 175 -5.83 18.79 -14.49
C ALA B 175 -5.89 18.29 -15.93
N ARG B 176 -7.00 17.68 -16.30
CA ARG B 176 -7.13 17.10 -17.61
C ARG B 176 -7.97 17.99 -18.53
N PRO B 177 -7.71 17.99 -19.85
CA PRO B 177 -6.59 17.29 -20.49
C PRO B 177 -5.27 17.98 -20.18
N VAL B 178 -4.24 17.19 -19.87
CA VAL B 178 -2.94 17.74 -19.50
C VAL B 178 -2.35 18.53 -20.66
N GLY B 179 -2.62 18.10 -21.90
CA GLY B 179 -2.10 18.81 -23.06
C GLY B 179 -2.56 20.25 -23.10
N THR B 180 -3.80 20.51 -22.66
CA THR B 180 -4.27 21.89 -22.54
C THR B 180 -3.84 22.52 -21.23
N SER B 181 -4.09 21.83 -20.12
CA SER B 181 -3.95 22.44 -18.80
C SER B 181 -2.51 22.85 -18.52
N LEU B 182 -1.54 21.99 -18.87
CA LEU B 182 -0.16 22.25 -18.48
C LEU B 182 0.37 23.52 -19.13
N PHE B 183 0.16 23.68 -20.44
CA PHE B 183 0.79 24.78 -21.14
C PHE B 183 0.06 26.11 -20.93
N LEU B 184 -1.22 26.08 -20.58
CA LEU B 184 -1.86 27.30 -20.11
C LEU B 184 -1.11 27.86 -18.90
N GLN B 185 -0.75 26.98 -17.96
CA GLN B 185 -0.09 27.41 -16.74
C GLN B 185 1.37 27.78 -16.99
N THR B 186 2.09 27.00 -17.79
CA THR B 186 3.50 27.29 -18.00
C THR B 186 3.72 28.47 -18.93
N ALA B 187 2.86 28.66 -19.94
CA ALA B 187 3.01 29.82 -20.82
C ALA B 187 2.68 31.11 -20.09
N LEU B 188 1.63 31.09 -19.27
CA LEU B 188 1.30 32.26 -18.45
C LEU B 188 2.48 32.67 -17.58
N ARG B 189 3.31 31.72 -17.16
CA ARG B 189 4.47 31.98 -16.35
C ARG B 189 5.70 32.34 -17.16
N GLY B 190 5.58 32.45 -18.48
CA GLY B 190 6.71 32.75 -19.33
C GLY B 190 7.66 31.60 -19.58
N TRP B 191 7.30 30.39 -19.18
CA TRP B 191 8.17 29.23 -19.38
C TRP B 191 8.08 28.73 -20.81
N ALA B 192 9.18 28.16 -21.28
CA ALA B 192 9.24 27.56 -22.60
C ALA B 192 9.33 26.05 -22.49
N VAL B 193 8.88 25.38 -23.55
CA VAL B 193 9.02 23.93 -23.69
C VAL B 193 9.79 23.68 -24.98
N GLN B 194 10.93 23.01 -24.87
CA GLN B 194 11.78 22.76 -26.03
C GLN B 194 11.43 21.37 -26.59
N LEU B 195 10.94 21.36 -27.82
CA LEU B 195 10.58 20.11 -28.49
C LEU B 195 11.83 19.49 -29.09
N LEU B 196 12.29 18.39 -28.50
CA LEU B 196 13.53 17.75 -28.90
C LEU B 196 13.33 16.91 -30.15
N ASP B 197 14.45 16.58 -30.81
CA ASP B 197 14.45 15.62 -31.91
C ASP B 197 14.67 14.22 -31.34
N LEU B 198 13.67 13.79 -30.56
CA LEU B 198 13.62 12.46 -29.96
C LEU B 198 12.20 11.95 -30.06
N THR B 199 12.03 10.72 -30.52
CA THR B 199 10.70 10.16 -30.74
C THR B 199 10.55 8.87 -29.95
N PHE B 200 9.59 8.84 -29.04
CA PHE B 200 9.16 7.61 -28.39
C PHE B 200 8.27 6.81 -29.34
N ALA B 201 8.30 5.49 -29.19
CA ALA B 201 7.48 4.64 -30.04
C ALA B 201 6.04 4.59 -29.56
N ALA B 202 5.16 4.17 -30.45
CA ALA B 202 3.77 3.93 -30.11
C ALA B 202 3.59 2.49 -29.61
N ALA B 203 2.51 2.29 -28.85
CA ALA B 203 2.17 0.96 -28.36
C ALA B 203 1.96 -0.01 -29.52
N ARG B 204 2.30 -1.29 -29.27
CA ARG B 204 2.05 -2.31 -30.27
C ARG B 204 0.55 -2.46 -30.52
N GLN B 205 -0.22 -2.63 -29.46
CA GLN B 205 -1.66 -2.44 -29.53
C GLN B 205 -1.96 -1.06 -28.97
N PRO B 206 -2.15 -0.05 -29.82
CA PRO B 206 -2.58 1.25 -29.31
C PRO B 206 -3.96 1.16 -28.71
N PRO B 207 -4.33 2.07 -27.82
CA PRO B 207 -5.69 2.09 -27.31
C PRO B 207 -6.63 2.66 -28.37
N LEU B 208 -7.93 2.48 -28.13
CA LEU B 208 -8.98 3.01 -29.00
C LEU B 208 -8.81 2.51 -30.43
N ALA B 209 -8.72 1.18 -30.58
CA ALA B 209 -8.54 0.58 -31.89
C ALA B 209 -9.83 0.61 -32.72
N THR B 210 -10.98 0.72 -32.08
CA THR B 210 -12.26 0.76 -32.78
C THR B 210 -12.70 2.20 -33.01
N ALA B 211 -13.64 2.38 -33.93
CA ALA B 211 -14.20 3.70 -34.19
C ALA B 211 -15.16 4.14 -33.09
N HIS B 212 -15.80 3.18 -32.41
CA HIS B 212 -16.74 3.50 -31.34
C HIS B 212 -16.01 4.04 -30.12
N ALA B 213 -14.92 3.39 -29.71
CA ALA B 213 -14.19 3.85 -28.53
C ALA B 213 -13.38 5.10 -28.83
N ARG B 214 -12.81 5.21 -30.03
CA ARG B 214 -12.17 6.46 -30.44
C ARG B 214 -13.15 7.62 -30.38
N TRP B 215 -14.41 7.35 -30.71
CA TRP B 215 -15.46 8.36 -30.64
C TRP B 215 -15.84 8.66 -29.20
N LYS B 216 -15.95 7.63 -28.36
CA LYS B 216 -16.33 7.82 -26.97
C LYS B 216 -15.22 8.48 -26.17
N ALA B 217 -13.96 8.31 -26.59
CA ALA B 217 -12.87 9.00 -25.91
C ALA B 217 -12.84 10.48 -26.26
N GLU B 218 -13.08 10.83 -27.53
CA GLU B 218 -13.11 12.22 -27.91
C GLU B 218 -14.26 12.96 -27.24
N ARG B 219 -15.36 12.26 -26.97
CA ARG B 219 -16.50 12.87 -26.31
C ARG B 219 -16.18 13.24 -24.87
N GLU B 220 -15.64 12.29 -24.09
CA GLU B 220 -15.27 12.61 -22.71
C GLU B 220 -14.12 13.60 -22.66
N GLY B 221 -13.22 13.55 -23.65
CA GLY B 221 -12.13 14.52 -23.70
C GLY B 221 -12.65 15.94 -23.87
N ARG B 222 -13.52 16.14 -24.87
CA ARG B 222 -14.09 17.46 -25.09
C ARG B 222 -14.89 17.93 -23.88
N ALA B 223 -15.57 17.01 -23.19
CA ALA B 223 -16.28 17.37 -21.96
C ALA B 223 -15.28 17.79 -20.88
N ARG B 224 -14.22 17.01 -20.70
CA ARG B 224 -13.17 17.39 -19.75
C ARG B 224 -12.52 18.70 -20.17
N ARG B 225 -12.34 18.92 -21.48
CA ARG B 225 -11.72 20.15 -21.93
C ARG B 225 -12.61 21.36 -21.61
N ALA B 226 -13.92 21.26 -21.87
CA ALA B 226 -14.81 22.36 -21.59
C ALA B 226 -14.89 22.64 -20.10
N ALA B 227 -14.96 21.58 -19.28
CA ALA B 227 -14.98 21.78 -17.83
C ALA B 227 -13.69 22.40 -17.33
N LEU B 228 -12.55 22.06 -17.97
CA LEU B 228 -11.27 22.63 -17.56
C LEU B 228 -11.24 24.14 -17.79
N LEU B 229 -11.65 24.59 -18.98
CA LEU B 229 -11.52 26.00 -19.31
C LEU B 229 -12.53 26.85 -18.56
N ARG B 230 -13.73 26.31 -18.33
CA ARG B 230 -14.69 26.99 -17.46
C ARG B 230 -14.13 27.12 -16.04
N ALA B 231 -13.56 26.04 -15.51
CA ALA B 231 -12.99 26.09 -14.17
C ALA B 231 -11.86 27.10 -14.07
N LEU B 232 -11.10 27.27 -15.15
CA LEU B 232 -9.92 28.13 -15.13
C LEU B 232 -10.20 29.53 -15.66
N GLY B 233 -11.42 29.82 -16.11
CA GLY B 233 -11.74 31.14 -16.59
C GLY B 233 -11.28 31.43 -18.00
N ILE B 234 -11.32 30.45 -18.89
CA ILE B 234 -11.04 30.65 -20.30
C ILE B 234 -12.36 30.56 -21.04
N ARG B 235 -12.85 31.71 -21.50
CA ARG B 235 -14.09 31.76 -22.28
C ARG B 235 -13.86 31.55 -23.77
N LEU B 236 -12.68 31.92 -24.26
CA LEU B 236 -12.45 32.00 -25.69
C LEU B 236 -11.06 31.46 -26.02
N VAL B 237 -11.01 30.52 -26.95
CA VAL B 237 -9.76 30.01 -27.49
C VAL B 237 -9.75 30.33 -28.97
N SER B 238 -8.68 30.97 -29.43
CA SER B 238 -8.55 31.35 -30.82
C SER B 238 -7.29 30.74 -31.41
N TRP B 239 -7.28 30.58 -32.73
CA TRP B 239 -6.15 30.05 -33.45
C TRP B 239 -5.87 30.91 -34.67
N GLU B 240 -4.59 30.99 -35.02
CA GLU B 240 -4.21 31.58 -36.30
C GLU B 240 -4.84 30.77 -37.42
N GLY B 241 -5.49 31.48 -38.34
CA GLY B 241 -6.52 30.92 -39.18
C GLY B 241 -7.90 31.39 -38.78
N GLY B 242 -8.02 32.12 -37.68
CA GLY B 242 -9.25 32.75 -37.27
C GLY B 242 -10.21 31.89 -36.48
N ARG B 243 -9.97 30.58 -36.41
CA ARG B 243 -10.93 29.66 -35.79
C ARG B 243 -11.10 29.96 -34.31
N LEU B 244 -12.36 30.00 -33.87
CA LEU B 244 -12.73 30.34 -32.50
C LEU B 244 -13.42 29.17 -31.82
N GLU B 245 -13.02 28.91 -30.57
CA GLU B 245 -13.70 27.96 -29.70
C GLU B 245 -14.26 28.71 -28.50
N TRP B 246 -15.55 28.57 -28.26
CA TRP B 246 -16.23 29.30 -27.20
C TRP B 246 -16.58 28.36 -26.05
N PHE B 247 -16.62 28.94 -24.83
CA PHE B 247 -16.93 28.18 -23.63
C PHE B 247 -17.67 29.04 -22.60
N GLY B 248 -18.47 30.01 -23.06
CA GLY B 248 -19.22 30.86 -22.16
C GLY B 248 -20.69 30.95 -22.50
N CYS B 249 -21.19 32.19 -22.67
CA CYS B 249 -22.57 32.46 -23.04
C CYS B 249 -22.93 31.87 -24.39
N ASN B 250 -24.23 31.68 -24.58
CA ASN B 250 -24.83 31.71 -25.90
C ASN B 250 -26.28 32.11 -25.73
N LYS B 251 -27.05 32.02 -26.82
CA LYS B 251 -28.45 32.38 -26.78
C LYS B 251 -29.25 31.46 -25.86
N GLU B 252 -28.77 30.24 -25.65
CA GLU B 252 -29.52 29.20 -24.95
C GLU B 252 -29.18 29.06 -23.47
N THR B 253 -28.16 29.75 -22.99
CA THR B 253 -27.76 29.67 -21.59
C THR B 253 -28.09 30.97 -20.87
N THR B 254 -27.69 31.05 -19.61
CA THR B 254 -27.68 32.34 -18.94
C THR B 254 -26.43 33.11 -19.33
N ARG B 255 -26.42 34.39 -19.02
CA ARG B 255 -25.19 35.16 -19.12
C ARG B 255 -24.22 34.71 -18.04
N CYS B 256 -22.96 35.13 -18.19
CA CYS B 256 -21.90 34.54 -17.36
C CYS B 256 -21.94 35.06 -15.93
N PHE B 257 -22.36 36.30 -15.72
CA PHE B 257 -22.34 36.94 -14.40
C PHE B 257 -23.76 37.24 -13.94
N GLY B 258 -24.00 37.11 -12.64
CA GLY B 258 -25.31 37.35 -12.06
C GLY B 258 -25.62 38.82 -11.92
N THR B 259 -26.59 39.12 -11.05
CA THR B 259 -27.05 40.49 -10.86
C THR B 259 -25.93 41.36 -10.33
N VAL B 260 -25.82 42.58 -10.90
CA VAL B 260 -24.75 43.50 -10.57
C VAL B 260 -25.20 44.37 -9.39
N VAL B 261 -24.42 44.34 -8.30
CA VAL B 261 -24.62 45.23 -7.17
C VAL B 261 -23.56 46.33 -7.23
N GLY B 262 -23.92 47.50 -6.70
CA GLY B 262 -23.02 48.64 -6.68
C GLY B 262 -22.50 49.06 -8.04
N ASP B 263 -23.21 48.70 -9.10
CA ASP B 263 -22.80 48.95 -10.49
C ASP B 263 -21.48 48.29 -10.85
N THR B 264 -20.97 47.40 -9.99
CA THR B 264 -19.66 46.78 -10.19
C THR B 264 -19.84 45.28 -10.34
N PRO B 265 -19.81 44.75 -11.57
CA PRO B 265 -20.03 43.31 -11.77
C PRO B 265 -18.96 42.48 -11.08
N ALA B 266 -19.30 41.21 -10.85
CA ALA B 266 -18.42 40.32 -10.09
C ALA B 266 -17.07 40.12 -10.77
N TYR B 267 -17.03 40.12 -12.11
CA TYR B 267 -15.78 39.85 -12.79
C TYR B 267 -14.73 40.92 -12.50
N LEU B 268 -15.16 42.16 -12.27
CA LEU B 268 -14.22 43.24 -11.96
C LEU B 268 -13.48 42.98 -10.66
N TYR B 269 -14.18 42.45 -9.66
CA TYR B 269 -13.53 42.15 -8.38
C TYR B 269 -12.51 41.04 -8.52
N GLU B 270 -12.73 40.12 -9.46
CA GLU B 270 -11.75 39.10 -9.82
C GLU B 270 -10.64 39.62 -10.70
N GLU B 271 -10.59 40.95 -10.91
CA GLU B 271 -9.56 41.60 -11.72
C GLU B 271 -9.61 41.12 -13.17
N ARG B 272 -10.81 40.84 -13.65
CA ARG B 272 -11.04 40.54 -15.05
C ARG B 272 -12.07 41.51 -15.61
N TRP B 273 -12.13 41.59 -16.94
CA TRP B 273 -13.08 42.45 -17.61
C TRP B 273 -14.25 41.61 -18.10
N THR B 274 -15.11 42.19 -18.93
CA THR B 274 -16.34 41.52 -19.34
C THR B 274 -16.00 40.29 -20.18
N PRO B 275 -16.61 39.13 -19.91
CA PRO B 275 -16.30 37.92 -20.67
C PRO B 275 -16.59 38.11 -22.15
N PRO B 276 -15.72 37.62 -23.03
CA PRO B 276 -15.85 37.92 -24.47
C PRO B 276 -17.15 37.44 -25.08
N CYS B 277 -17.75 36.38 -24.53
CA CYS B 277 -19.06 35.93 -25.00
C CYS B 277 -20.16 36.90 -24.61
N CYS B 278 -20.05 37.50 -23.42
CA CYS B 278 -21.02 38.47 -22.98
C CYS B 278 -20.98 39.72 -23.86
N LEU B 279 -19.77 40.22 -24.14
CA LEU B 279 -19.63 41.35 -25.06
C LEU B 279 -20.18 41.01 -26.43
N ARG B 280 -19.88 39.81 -26.93
CA ARG B 280 -20.39 39.41 -28.24
C ARG B 280 -21.91 39.46 -28.29
N ALA B 281 -22.56 38.85 -27.29
CA ALA B 281 -24.02 38.92 -27.23
C ALA B 281 -24.50 40.36 -27.21
N LEU B 282 -23.83 41.22 -26.43
CA LEU B 282 -24.22 42.63 -26.36
C LEU B 282 -24.09 43.31 -27.71
N ARG B 283 -23.03 43.00 -28.45
CA ARG B 283 -22.85 43.65 -29.75
C ARG B 283 -23.89 43.14 -30.76
N GLU B 284 -24.20 41.85 -30.74
CA GLU B 284 -25.25 41.35 -31.63
C GLU B 284 -26.61 41.87 -31.22
N THR B 285 -26.84 42.07 -29.92
CA THR B 285 -28.11 42.66 -29.49
C THR B 285 -28.18 44.13 -29.89
N ALA B 286 -27.09 44.89 -29.70
CA ALA B 286 -27.09 46.29 -30.10
C ALA B 286 -27.34 46.43 -31.60
N ARG B 287 -26.63 45.64 -32.41
CA ARG B 287 -26.83 45.65 -33.85
C ARG B 287 -28.28 45.34 -34.20
N TYR B 288 -28.82 44.26 -33.63
CA TYR B 288 -30.18 43.85 -33.95
C TYR B 288 -31.18 44.94 -33.58
N VAL B 289 -31.07 45.49 -32.37
CA VAL B 289 -32.03 46.49 -31.90
C VAL B 289 -31.96 47.74 -32.75
N VAL B 290 -30.75 48.19 -33.07
CA VAL B 290 -30.58 49.35 -33.95
C VAL B 290 -31.29 49.11 -35.28
N GLY B 291 -31.12 47.91 -35.84
CA GLY B 291 -31.79 47.58 -37.09
C GLY B 291 -33.30 47.61 -36.97
N VAL B 292 -33.82 47.19 -35.82
CA VAL B 292 -35.27 47.21 -35.61
C VAL B 292 -35.77 48.64 -35.51
N LEU B 293 -35.10 49.46 -34.70
CA LEU B 293 -35.55 50.84 -34.50
C LEU B 293 -35.41 51.66 -35.77
N GLU B 294 -34.38 51.40 -36.58
CA GLU B 294 -34.24 52.14 -37.83
C GLU B 294 -35.34 51.77 -38.82
N ALA B 295 -35.61 50.48 -38.98
CA ALA B 295 -36.68 50.04 -39.87
C ALA B 295 -38.04 50.50 -39.37
N ALA B 296 -38.21 50.62 -38.05
CA ALA B 296 -39.45 51.11 -37.48
C ALA B 296 -39.59 52.62 -37.59
N GLY B 297 -38.52 53.34 -37.93
CA GLY B 297 -38.59 54.78 -37.91
C GLY B 297 -38.61 55.35 -36.50
N VAL B 298 -37.80 54.77 -35.61
CA VAL B 298 -37.62 55.29 -34.26
C VAL B 298 -36.30 56.03 -34.24
N ARG B 299 -36.34 57.31 -33.88
CA ARG B 299 -35.11 58.06 -33.70
C ARG B 299 -34.40 57.59 -32.45
N TYR B 300 -33.13 57.20 -32.59
CA TYR B 300 -32.34 56.71 -31.48
C TYR B 300 -30.97 57.36 -31.51
N TRP B 301 -30.27 57.28 -30.39
CA TRP B 301 -28.87 57.70 -30.34
C TRP B 301 -28.15 56.88 -29.30
N LEU B 302 -26.88 56.59 -29.58
CA LEU B 302 -25.98 56.02 -28.58
C LEU B 302 -26.02 56.87 -27.33
N GLU B 303 -26.19 56.22 -26.18
CA GLU B 303 -26.28 56.88 -24.89
C GLU B 303 -25.27 56.31 -23.92
N GLY B 304 -25.06 57.05 -22.83
CA GLY B 304 -24.25 56.62 -21.71
C GLY B 304 -22.93 55.98 -22.05
N GLY B 305 -22.69 54.80 -21.49
CA GLY B 305 -21.43 54.10 -21.68
C GLY B 305 -21.20 53.61 -23.10
N SER B 306 -22.28 53.35 -23.84
CA SER B 306 -22.12 52.93 -25.23
C SER B 306 -21.56 54.06 -26.09
N LEU B 307 -22.10 55.28 -25.92
CA LEU B 307 -21.57 56.42 -26.65
C LEU B 307 -20.13 56.71 -26.24
N LEU B 308 -19.86 56.67 -24.94
CA LEU B 308 -18.50 56.87 -24.45
C LEU B 308 -17.54 55.87 -25.08
N GLY B 309 -17.92 54.59 -25.08
CA GLY B 309 -17.11 53.58 -25.76
C GLY B 309 -16.95 53.88 -27.24
N ALA B 310 -18.06 54.17 -27.93
CA ALA B 310 -17.99 54.52 -29.34
C ALA B 310 -17.01 55.67 -29.57
N ALA B 311 -17.10 56.71 -28.76
CA ALA B 311 -16.21 57.85 -28.91
C ALA B 311 -14.76 57.47 -28.66
N ARG B 312 -14.51 56.53 -27.75
CA ARG B 312 -13.12 56.16 -27.43
C ARG B 312 -12.52 55.27 -28.51
N HIS B 313 -13.22 54.21 -28.89
CA HIS B 313 -12.61 53.22 -29.78
C HIS B 313 -13.65 52.47 -30.62
N GLY B 314 -14.84 53.03 -30.79
CA GLY B 314 -15.85 52.41 -31.62
C GLY B 314 -16.39 51.09 -31.11
N ASP B 315 -16.47 50.91 -29.80
CA ASP B 315 -16.89 49.61 -29.27
C ASP B 315 -17.33 49.75 -27.82
N ILE B 316 -17.85 48.64 -27.29
CA ILE B 316 -18.24 48.57 -25.89
C ILE B 316 -17.02 48.74 -25.02
N ILE B 317 -17.17 49.52 -23.94
CA ILE B 317 -16.09 49.64 -22.95
C ILE B 317 -15.78 48.25 -22.40
N PRO B 318 -14.51 47.82 -22.38
CA PRO B 318 -14.22 46.39 -22.18
C PRO B 318 -14.65 45.80 -20.83
N TRP B 319 -15.02 46.62 -19.85
CA TRP B 319 -15.60 46.11 -18.60
C TRP B 319 -17.10 46.40 -18.50
N ASP B 320 -17.71 46.96 -19.54
CA ASP B 320 -19.10 47.37 -19.48
C ASP B 320 -20.03 46.16 -19.62
N TYR B 321 -21.22 46.28 -19.04
CA TYR B 321 -22.13 45.15 -18.90
C TYR B 321 -23.48 45.33 -19.61
N ASP B 322 -23.74 46.47 -20.25
CA ASP B 322 -24.97 46.60 -21.05
C ASP B 322 -24.73 47.60 -22.18
N VAL B 323 -25.79 47.86 -22.96
CA VAL B 323 -25.78 48.84 -24.04
C VAL B 323 -26.95 49.79 -23.83
N ASP B 324 -26.71 51.08 -24.01
CA ASP B 324 -27.72 52.10 -23.78
C ASP B 324 -27.97 52.90 -25.06
N LEU B 325 -29.24 53.10 -25.38
CA LEU B 325 -29.67 53.97 -26.46
C LEU B 325 -30.77 54.88 -25.94
N GLY B 326 -30.71 56.15 -26.31
CA GLY B 326 -31.83 57.04 -26.11
C GLY B 326 -32.76 56.99 -27.32
N ILE B 327 -34.05 57.16 -27.06
CA ILE B 327 -35.04 57.26 -28.14
C ILE B 327 -35.99 58.41 -27.82
N TYR B 328 -36.66 58.90 -28.86
CA TYR B 328 -37.74 59.86 -28.68
C TYR B 328 -38.96 59.14 -28.15
N LEU B 329 -39.48 59.60 -27.01
CA LEU B 329 -40.67 58.98 -26.41
C LEU B 329 -41.83 58.95 -27.39
N GLU B 330 -42.03 60.02 -28.16
CA GLU B 330 -43.14 60.09 -29.09
C GLU B 330 -43.02 59.08 -30.23
N ASP B 331 -41.90 58.37 -30.33
CA ASP B 331 -41.66 57.42 -31.41
C ASP B 331 -41.98 55.97 -31.05
N VAL B 332 -42.19 55.65 -29.77
CA VAL B 332 -42.26 54.24 -29.37
C VAL B 332 -43.40 53.54 -30.09
N GLY B 333 -44.51 54.24 -30.32
CA GLY B 333 -45.64 53.67 -31.02
C GLY B 333 -45.36 53.28 -32.47
N ASN B 334 -44.24 53.75 -33.04
CA ASN B 334 -43.89 53.32 -34.38
C ASN B 334 -43.35 51.90 -34.43
N CYS B 335 -42.98 51.32 -33.29
CA CYS B 335 -42.27 50.04 -33.22
C CYS B 335 -43.17 48.96 -32.63
N GLU B 336 -43.39 47.89 -33.39
CA GLU B 336 -44.26 46.80 -32.95
C GLU B 336 -43.81 46.22 -31.62
N GLN B 337 -42.49 45.98 -31.46
CA GLN B 337 -42.00 45.36 -30.23
C GLN B 337 -42.21 46.28 -29.03
N LEU B 338 -41.94 47.57 -29.20
CA LEU B 338 -42.17 48.52 -28.11
C LEU B 338 -43.64 48.60 -27.75
N ARG B 339 -44.52 48.49 -28.75
CA ARG B 339 -45.96 48.56 -28.52
C ARG B 339 -46.43 47.42 -27.62
N GLY B 340 -46.02 46.19 -27.95
CA GLY B 340 -46.38 45.06 -27.10
C GLY B 340 -45.72 45.12 -25.74
N ALA B 341 -44.48 45.63 -25.69
CA ALA B 341 -43.74 45.68 -24.44
C ALA B 341 -44.48 46.42 -23.34
N GLU B 342 -45.24 47.46 -23.69
CA GLU B 342 -46.01 48.18 -22.69
C GLU B 342 -47.15 47.35 -22.13
N ALA B 343 -47.61 46.32 -22.86
CA ALA B 343 -48.64 45.42 -22.35
C ALA B 343 -48.06 44.19 -21.68
N GLY B 344 -46.79 43.90 -21.88
CA GLY B 344 -46.18 42.71 -21.30
C GLY B 344 -44.91 42.34 -22.02
N SER B 345 -44.28 41.29 -21.54
CA SER B 345 -43.03 40.81 -22.11
C SER B 345 -43.27 40.22 -23.51
N VAL B 346 -42.43 40.60 -24.47
CA VAL B 346 -42.59 40.21 -25.86
C VAL B 346 -41.33 39.47 -26.31
N VAL B 347 -41.53 38.27 -26.87
CA VAL B 347 -40.46 37.53 -27.53
C VAL B 347 -40.71 37.65 -29.04
N ASP B 348 -39.72 38.13 -29.78
CA ASP B 348 -39.96 38.48 -31.17
C ASP B 348 -39.40 37.43 -32.11
N GLU B 349 -39.40 37.75 -33.41
CA GLU B 349 -39.00 36.85 -34.48
C GLU B 349 -37.63 36.22 -34.27
N ARG B 350 -36.76 36.86 -33.49
CA ARG B 350 -35.39 36.40 -33.32
C ARG B 350 -35.07 36.00 -31.87
N GLY B 351 -36.10 35.75 -31.06
CA GLY B 351 -35.89 35.32 -29.69
C GLY B 351 -35.51 36.42 -28.72
N PHE B 352 -35.38 37.66 -29.18
CA PHE B 352 -35.13 38.78 -28.28
C PHE B 352 -36.38 39.07 -27.44
N VAL B 353 -36.15 39.54 -26.22
CA VAL B 353 -37.22 39.78 -25.26
C VAL B 353 -37.30 41.27 -24.99
N TRP B 354 -38.40 41.89 -25.41
CA TRP B 354 -38.64 43.31 -25.19
C TRP B 354 -39.58 43.47 -23.99
N GLU B 355 -39.19 44.33 -23.05
CA GLU B 355 -40.00 44.55 -21.86
C GLU B 355 -39.96 46.02 -21.44
N LYS B 356 -41.01 46.45 -20.77
CA LYS B 356 -41.05 47.75 -20.11
C LYS B 356 -40.60 47.56 -18.67
N ALA B 357 -39.50 48.21 -18.30
CA ALA B 357 -38.83 47.91 -17.05
C ALA B 357 -39.72 48.23 -15.84
N VAL B 358 -39.51 47.48 -14.77
CA VAL B 358 -40.23 47.73 -13.53
C VAL B 358 -39.83 49.07 -12.93
N GLU B 359 -38.54 49.41 -12.99
CA GLU B 359 -37.98 50.42 -12.11
C GLU B 359 -38.22 51.83 -12.63
N GLY B 360 -37.82 52.12 -13.87
CA GLY B 360 -37.80 53.50 -14.29
C GLY B 360 -38.20 53.83 -15.71
N ASP B 361 -39.44 53.54 -16.08
CA ASP B 361 -40.08 54.11 -17.27
C ASP B 361 -39.16 54.04 -18.49
N PHE B 362 -38.43 52.94 -18.63
CA PHE B 362 -37.57 52.70 -19.78
C PHE B 362 -37.77 51.27 -20.28
N PHE B 363 -37.19 50.98 -21.43
CA PHE B 363 -37.32 49.68 -22.07
C PHE B 363 -36.01 48.91 -21.98
N ARG B 364 -36.13 47.58 -22.10
CA ARG B 364 -34.99 46.67 -21.98
C ARG B 364 -35.18 45.53 -22.97
N VAL B 365 -34.14 45.23 -23.76
CA VAL B 365 -34.19 44.18 -24.77
C VAL B 365 -33.15 43.13 -24.41
N GLN B 366 -33.62 41.95 -23.98
CA GLN B 366 -32.73 40.86 -23.60
C GLN B 366 -32.32 40.04 -24.81
N TYR B 367 -31.04 39.65 -24.84
CA TYR B 367 -30.51 38.79 -25.90
C TYR B 367 -31.42 37.58 -26.15
N SER B 368 -31.88 36.94 -25.09
CA SER B 368 -32.81 35.82 -25.22
C SER B 368 -33.60 35.69 -23.93
N GLU B 369 -34.47 34.69 -23.88
CA GLU B 369 -35.24 34.42 -22.67
C GLU B 369 -34.32 34.05 -21.50
N SER B 370 -33.33 33.20 -21.75
CA SER B 370 -32.42 32.77 -20.69
C SER B 370 -31.26 33.72 -20.46
N ASN B 371 -30.77 34.38 -21.51
CA ASN B 371 -29.57 35.22 -21.43
C ASN B 371 -29.98 36.69 -21.31
N HIS B 372 -29.79 37.27 -20.13
CA HIS B 372 -30.26 38.62 -19.84
C HIS B 372 -29.20 39.69 -20.06
N LEU B 373 -28.31 39.52 -21.03
CA LEU B 373 -27.55 40.65 -21.54
C LEU B 373 -28.50 41.50 -22.38
N HIS B 374 -28.47 42.82 -22.18
CA HIS B 374 -29.57 43.61 -22.70
C HIS B 374 -29.13 44.96 -23.24
N VAL B 375 -30.00 45.50 -24.10
CA VAL B 375 -29.95 46.88 -24.53
C VAL B 375 -31.05 47.62 -23.78
N ASP B 376 -30.70 48.74 -23.16
CA ASP B 376 -31.67 49.57 -22.45
C ASP B 376 -32.02 50.78 -23.31
N LEU B 377 -33.31 50.98 -23.54
CA LEU B 377 -33.82 52.08 -24.34
C LEU B 377 -34.35 53.17 -23.42
N TRP B 378 -33.78 54.36 -23.52
CA TRP B 378 -34.13 55.46 -22.63
C TRP B 378 -34.99 56.46 -23.39
N PRO B 379 -36.31 56.46 -23.21
CA PRO B 379 -37.17 57.42 -23.92
C PRO B 379 -37.05 58.81 -23.31
N PHE B 380 -36.78 59.81 -24.16
CA PHE B 380 -36.80 61.20 -23.79
C PHE B 380 -37.85 61.93 -24.61
N TYR B 381 -38.36 63.03 -24.08
CA TYR B 381 -39.21 63.91 -24.87
C TYR B 381 -38.74 65.35 -24.69
N PRO B 382 -38.98 66.20 -25.69
CA PRO B 382 -38.59 67.61 -25.57
C PRO B 382 -39.63 68.39 -24.81
N ARG B 383 -39.17 69.33 -23.98
CA ARG B 383 -40.07 70.25 -23.29
C ARG B 383 -39.97 71.65 -23.86
N ASN B 384 -38.82 72.31 -23.71
CA ASN B 384 -38.56 73.62 -24.30
C ASN B 384 -37.18 73.60 -24.96
N GLY B 385 -37.00 72.67 -25.89
CA GLY B 385 -35.70 72.40 -26.47
C GLY B 385 -34.76 71.63 -25.56
N VAL B 386 -35.26 71.08 -24.46
CA VAL B 386 -34.49 70.31 -23.50
C VAL B 386 -35.07 68.91 -23.43
N MET B 387 -34.24 67.89 -23.70
CA MET B 387 -34.70 66.51 -23.59
C MET B 387 -34.80 66.11 -22.12
N THR B 388 -35.96 65.54 -21.74
CA THR B 388 -36.29 65.23 -20.37
C THR B 388 -36.96 63.87 -20.30
N LYS B 389 -37.06 63.34 -19.07
CA LYS B 389 -37.95 62.23 -18.76
C LYS B 389 -38.39 62.36 -17.30
N ASP B 390 -39.38 61.56 -16.92
CA ASP B 390 -40.01 61.67 -15.61
C ASP B 390 -39.35 60.79 -14.56
N THR B 391 -38.44 59.91 -14.95
CA THR B 391 -37.74 59.01 -14.05
C THR B 391 -36.24 59.32 -14.13
N TRP B 392 -35.51 58.96 -13.07
CA TRP B 392 -34.09 59.29 -13.02
C TRP B 392 -33.34 58.27 -12.16
N LEU B 393 -32.19 57.84 -12.66
CA LEU B 393 -31.27 57.00 -11.91
C LEU B 393 -30.39 57.84 -11.00
N ASP B 394 -29.80 57.17 -10.01
CA ASP B 394 -28.76 57.75 -9.17
C ASP B 394 -27.39 57.76 -9.86
N HIS B 395 -27.39 57.95 -11.18
CA HIS B 395 -26.17 58.14 -11.95
C HIS B 395 -26.01 59.62 -12.28
N ARG B 396 -24.76 60.07 -12.30
CA ARG B 396 -24.51 61.47 -12.63
C ARG B 396 -24.74 61.75 -14.10
N GLN B 397 -24.44 60.80 -14.97
CA GLN B 397 -24.65 60.95 -16.40
C GLN B 397 -26.11 60.76 -16.81
N ASP B 398 -27.02 60.54 -15.86
CA ASP B 398 -28.45 60.43 -16.12
C ASP B 398 -29.06 61.81 -15.90
N VAL B 399 -29.04 62.63 -16.97
CA VAL B 399 -29.39 64.04 -16.88
C VAL B 399 -30.19 64.46 -18.10
N GLU B 400 -30.89 65.58 -17.96
CA GLU B 400 -31.44 66.30 -19.11
C GLU B 400 -30.29 66.80 -19.99
N PHE B 401 -30.63 67.22 -21.21
CA PHE B 401 -29.64 67.76 -22.12
C PHE B 401 -30.35 68.51 -23.23
N PRO B 402 -29.66 69.44 -23.90
CA PRO B 402 -30.31 70.22 -24.96
C PRO B 402 -30.64 69.36 -26.17
N GLU B 403 -31.80 69.63 -26.77
CA GLU B 403 -32.24 68.84 -27.93
C GLU B 403 -31.41 69.11 -29.17
N HIS B 404 -30.73 70.26 -29.25
CA HIS B 404 -29.92 70.55 -30.43
C HIS B 404 -28.81 69.52 -30.61
N PHE B 405 -28.37 68.87 -29.53
CA PHE B 405 -27.41 67.76 -29.66
C PHE B 405 -27.95 66.65 -30.53
N LEU B 406 -29.28 66.54 -30.64
CA LEU B 406 -29.92 65.52 -31.47
C LEU B 406 -30.28 66.03 -32.86
N GLN B 407 -29.95 67.28 -33.17
CA GLN B 407 -30.40 67.94 -34.40
C GLN B 407 -29.21 68.50 -35.14
N PRO B 408 -28.59 67.72 -36.05
CA PRO B 408 -28.95 66.34 -36.36
C PRO B 408 -28.07 65.33 -35.64
N LEU B 409 -28.27 64.04 -35.93
CA LEU B 409 -27.43 62.99 -35.41
C LEU B 409 -26.32 62.69 -36.41
N VAL B 410 -25.20 62.17 -35.88
CA VAL B 410 -24.04 61.93 -36.72
C VAL B 410 -23.67 60.44 -36.72
N PRO B 411 -23.20 59.90 -37.84
CA PRO B 411 -22.76 58.51 -37.84
C PRO B 411 -21.55 58.33 -36.95
N LEU B 412 -21.50 57.19 -36.26
CA LEU B 412 -20.42 56.87 -35.35
C LEU B 412 -20.28 55.35 -35.24
N PRO B 413 -19.13 54.79 -35.65
CA PRO B 413 -18.96 53.32 -35.55
C PRO B 413 -19.04 52.84 -34.11
N PHE B 414 -19.74 51.72 -33.93
CA PHE B 414 -19.92 51.11 -32.62
C PHE B 414 -20.20 49.62 -32.82
N ALA B 415 -19.37 48.78 -32.21
CA ALA B 415 -19.64 47.34 -32.12
C ALA B 415 -19.76 46.68 -33.51
N GLY B 416 -18.94 47.14 -34.46
CA GLY B 416 -18.89 46.55 -35.77
C GLY B 416 -19.81 47.15 -36.81
N PHE B 417 -20.73 48.02 -36.40
CA PHE B 417 -21.63 48.68 -37.34
C PHE B 417 -21.57 50.18 -37.11
N VAL B 418 -22.33 50.92 -37.91
CA VAL B 418 -22.38 52.37 -37.83
C VAL B 418 -23.64 52.75 -37.08
N ALA B 419 -23.47 53.40 -35.94
CA ALA B 419 -24.60 53.81 -35.11
C ALA B 419 -24.80 55.32 -35.21
N GLN B 420 -25.99 55.75 -34.79
CA GLN B 420 -26.33 57.17 -34.74
C GLN B 420 -25.96 57.72 -33.38
N ALA B 421 -25.31 58.87 -33.37
CA ALA B 421 -24.82 59.50 -32.15
C ALA B 421 -25.21 60.96 -32.14
N PRO B 422 -25.31 61.57 -30.96
CA PRO B 422 -25.52 63.02 -30.92
C PRO B 422 -24.41 63.74 -31.64
N ASN B 423 -24.75 64.87 -32.26
CA ASN B 423 -23.68 65.72 -32.77
C ASN B 423 -22.92 66.32 -31.59
N ASN B 424 -21.67 66.71 -31.85
CA ASN B 424 -20.78 67.23 -30.81
C ASN B 424 -20.74 66.29 -29.61
N TYR B 425 -20.62 64.99 -29.88
CA TYR B 425 -20.77 64.01 -28.80
C TYR B 425 -19.69 64.16 -27.73
N ARG B 426 -18.51 64.71 -28.09
CA ARG B 426 -17.52 65.06 -27.07
C ARG B 426 -18.10 66.00 -26.04
N ARG B 427 -18.76 67.07 -26.49
CA ARG B 427 -19.38 68.02 -25.56
C ARG B 427 -20.55 67.38 -24.84
N PHE B 428 -21.33 66.55 -25.55
CA PHE B 428 -22.41 65.78 -24.94
C PHE B 428 -21.89 64.86 -23.85
N LEU B 429 -20.81 64.13 -24.15
CA LEU B 429 -20.25 63.19 -23.18
C LEU B 429 -19.68 63.92 -21.97
N GLU B 430 -18.97 65.03 -22.21
CA GLU B 430 -18.39 65.78 -21.10
C GLU B 430 -19.47 66.44 -20.26
N LEU B 431 -20.55 66.92 -20.90
CA LEU B 431 -21.66 67.48 -20.13
C LEU B 431 -22.25 66.44 -19.18
N LYS B 432 -22.40 65.20 -19.64
CA LYS B 432 -23.04 64.18 -18.82
C LYS B 432 -22.06 63.55 -17.83
N PHE B 433 -20.82 63.30 -18.23
CA PHE B 433 -19.86 62.62 -17.38
C PHE B 433 -18.88 63.55 -16.67
N GLY B 434 -18.75 64.80 -17.11
CA GLY B 434 -17.73 65.68 -16.60
C GLY B 434 -16.58 65.77 -17.56
N PRO B 435 -15.82 66.87 -17.49
CA PRO B 435 -14.78 67.12 -18.49
C PRO B 435 -13.68 66.08 -18.43
N GLY B 436 -13.14 65.74 -19.60
CA GLY B 436 -12.06 64.79 -19.70
C GLY B 436 -12.46 63.33 -19.69
N VAL B 437 -13.77 63.04 -19.74
CA VAL B 437 -14.24 61.67 -19.56
C VAL B 437 -13.71 60.77 -20.67
N ILE B 438 -13.64 61.27 -21.90
CA ILE B 438 -13.19 60.42 -23.01
C ILE B 438 -11.77 59.94 -22.76
N GLU B 439 -10.94 60.80 -22.19
CA GLU B 439 -9.51 60.53 -22.03
C GLU B 439 -9.15 59.87 -20.72
N ASN B 440 -10.12 59.60 -19.83
CA ASN B 440 -9.82 59.14 -18.47
C ASN B 440 -10.74 58.01 -18.06
N PRO B 441 -10.46 56.79 -18.53
CA PRO B 441 -11.35 55.66 -18.21
C PRO B 441 -11.41 55.39 -16.72
N GLN B 442 -12.60 55.01 -16.26
CA GLN B 442 -12.79 54.69 -14.85
C GLN B 442 -13.88 53.64 -14.71
N TYR B 443 -13.76 52.82 -13.67
CA TYR B 443 -14.76 51.82 -13.35
C TYR B 443 -16.06 52.50 -12.98
N PRO B 444 -17.19 51.78 -13.10
CA PRO B 444 -18.50 52.44 -12.91
C PRO B 444 -18.73 52.97 -11.49
N ASN B 445 -17.96 52.52 -10.51
CA ASN B 445 -18.14 52.97 -9.12
C ASN B 445 -16.79 52.96 -8.43
N PRO B 446 -16.00 54.03 -8.61
CA PRO B 446 -14.63 54.03 -8.07
C PRO B 446 -14.59 54.04 -6.55
N ALA B 447 -15.68 54.41 -5.88
CA ALA B 447 -15.70 54.37 -4.42
C ALA B 447 -15.70 52.94 -3.90
N LEU B 448 -16.12 51.97 -4.70
CA LEU B 448 -16.05 50.56 -4.35
C LEU B 448 -14.85 49.86 -4.98
N LEU B 449 -14.58 50.11 -6.26
CA LEU B 449 -13.46 49.51 -6.95
C LEU B 449 -13.05 50.42 -8.09
N SER B 450 -11.79 50.84 -8.09
CA SER B 450 -11.26 51.77 -9.08
C SER B 450 -10.17 51.08 -9.90
N LEU B 451 -9.84 51.70 -11.03
CA LEU B 451 -8.70 51.27 -11.84
C LEU B 451 -7.40 51.75 -11.20
N PRO C 7 17.24 -23.12 -28.44
CA PRO C 7 17.04 -23.61 -27.08
C PRO C 7 16.28 -22.60 -26.21
N ARG C 8 15.12 -23.01 -25.70
CA ARG C 8 14.26 -22.12 -24.95
C ARG C 8 14.00 -22.59 -23.52
N VAL C 9 14.56 -23.72 -23.11
CA VAL C 9 14.35 -24.27 -21.78
C VAL C 9 15.70 -24.32 -21.07
N THR C 10 15.74 -23.80 -19.85
CA THR C 10 16.92 -23.94 -18.99
C THR C 10 16.58 -24.95 -17.91
N VAL C 11 17.28 -26.08 -17.93
CA VAL C 11 17.19 -27.04 -16.84
C VAL C 11 17.78 -26.42 -15.59
N LEU C 12 17.03 -26.45 -14.49
CA LEU C 12 17.48 -25.91 -13.21
C LEU C 12 17.32 -26.98 -12.15
N VAL C 13 18.43 -27.32 -11.49
CA VAL C 13 18.45 -28.37 -10.47
C VAL C 13 18.65 -27.69 -9.12
N ARG C 14 17.69 -27.87 -8.22
CA ARG C 14 17.73 -27.27 -6.89
C ARG C 14 17.64 -28.30 -5.78
N GLU C 15 16.82 -29.33 -5.94
CA GLU C 15 16.62 -30.32 -4.89
C GLU C 15 17.59 -31.47 -5.11
N PHE C 16 18.66 -31.48 -4.32
CA PHE C 16 19.64 -32.55 -4.27
C PHE C 16 20.43 -32.35 -2.98
N GLU C 17 21.19 -33.38 -2.61
CA GLU C 17 22.03 -33.31 -1.43
C GLU C 17 23.49 -33.36 -1.86
N ALA C 18 24.31 -32.51 -1.25
CA ALA C 18 25.74 -32.46 -1.59
C ALA C 18 26.42 -33.80 -1.31
N PHE C 19 26.06 -34.44 -0.19
CA PHE C 19 26.79 -35.63 0.24
C PHE C 19 26.47 -36.85 -0.62
N ASP C 20 25.30 -36.88 -1.26
CA ASP C 20 24.90 -38.04 -2.05
C ASP C 20 23.90 -37.57 -3.09
N ASN C 21 24.32 -37.53 -4.35
CA ASN C 21 23.45 -37.06 -5.41
C ASN C 21 23.80 -37.78 -6.71
N ALA C 22 22.91 -37.62 -7.70
CA ALA C 22 23.16 -38.06 -9.07
C ALA C 22 23.11 -36.88 -10.02
N VAL C 23 23.44 -35.69 -9.51
CA VAL C 23 23.37 -34.49 -10.34
C VAL C 23 24.30 -34.57 -11.55
N PRO C 24 25.56 -35.04 -11.44
CA PRO C 24 26.38 -35.14 -12.66
C PRO C 24 25.78 -36.03 -13.73
N GLU C 25 25.19 -37.17 -13.34
CA GLU C 25 24.50 -38.00 -14.33
C GLU C 25 23.34 -37.24 -14.98
N LEU C 26 22.53 -36.57 -14.14
CA LEU C 26 21.45 -35.72 -14.64
C LEU C 26 21.96 -34.75 -15.70
N VAL C 27 22.97 -33.95 -15.35
CA VAL C 27 23.47 -32.93 -16.26
C VAL C 27 23.98 -33.56 -17.54
N ASP C 28 24.77 -34.65 -17.41
CA ASP C 28 25.29 -35.33 -18.59
C ASP C 28 24.17 -35.83 -19.49
N SER C 29 23.11 -36.39 -18.90
CA SER C 29 22.03 -36.96 -19.71
C SER C 29 21.39 -35.92 -20.61
N PHE C 30 21.28 -34.68 -20.15
CA PHE C 30 20.71 -33.63 -20.98
C PHE C 30 21.68 -33.18 -22.07
N LEU C 31 22.97 -33.04 -21.71
CA LEU C 31 23.96 -32.65 -22.71
C LEU C 31 24.19 -33.74 -23.76
N GLN C 32 23.87 -34.99 -23.43
CA GLN C 32 23.92 -36.04 -24.44
C GLN C 32 22.85 -35.82 -25.52
N GLN C 33 21.72 -35.22 -25.15
CA GLN C 33 20.67 -34.95 -26.13
C GLN C 33 20.86 -33.62 -26.84
N ASP C 34 21.41 -32.62 -26.16
CA ASP C 34 21.79 -31.35 -26.77
C ASP C 34 23.02 -30.81 -26.05
N PRO C 35 24.18 -30.77 -26.73
CA PRO C 35 25.38 -30.24 -26.07
C PRO C 35 25.23 -28.79 -25.64
N ALA C 36 24.34 -28.03 -26.25
CA ALA C 36 24.15 -26.62 -25.97
C ALA C 36 23.06 -26.37 -24.93
N GLN C 37 22.48 -27.41 -24.35
CA GLN C 37 21.38 -27.28 -23.40
C GLN C 37 21.80 -26.40 -22.22
N PRO C 38 21.08 -25.31 -21.95
CA PRO C 38 21.40 -24.51 -20.75
C PRO C 38 21.01 -25.28 -19.50
N VAL C 39 21.94 -25.38 -18.56
CA VAL C 39 21.75 -26.10 -17.31
C VAL C 39 22.26 -25.23 -16.18
N VAL C 40 21.43 -25.05 -15.15
CA VAL C 40 21.81 -24.34 -13.93
C VAL C 40 21.63 -25.30 -12.76
N VAL C 41 22.70 -25.55 -12.03
CA VAL C 41 22.61 -26.20 -10.72
C VAL C 41 22.66 -25.09 -9.68
N ALA C 42 21.63 -25.02 -8.85
CA ALA C 42 21.50 -23.97 -7.85
C ALA C 42 21.77 -24.55 -6.47
N ALA C 43 22.52 -23.80 -5.66
CA ALA C 43 22.84 -24.24 -4.32
C ALA C 43 23.00 -23.02 -3.44
N ASP C 44 22.88 -23.23 -2.13
CA ASP C 44 23.13 -22.16 -1.18
C ASP C 44 24.62 -21.94 -0.97
N THR C 45 25.39 -23.01 -0.84
CA THR C 45 26.84 -22.97 -0.76
C THR C 45 27.42 -23.89 -1.81
N LEU C 46 28.70 -23.69 -2.09
CA LEU C 46 29.41 -24.55 -3.03
C LEU C 46 29.24 -26.02 -2.62
N PRO C 47 28.60 -26.85 -3.45
CA PRO C 47 28.41 -28.25 -3.07
C PRO C 47 29.74 -28.97 -2.94
N TYR C 48 29.84 -29.80 -1.90
CA TYR C 48 31.02 -30.60 -1.62
C TYR C 48 30.55 -32.00 -1.21
N PRO C 49 31.16 -33.07 -1.75
CA PRO C 49 32.30 -33.13 -2.68
C PRO C 49 31.99 -32.42 -4.00
N PRO C 50 33.03 -31.96 -4.70
CA PRO C 50 32.80 -31.22 -5.94
C PRO C 50 31.91 -31.99 -6.90
N LEU C 51 31.05 -31.26 -7.60
CA LEU C 51 30.22 -31.89 -8.63
C LEU C 51 31.03 -32.18 -9.89
N ALA C 52 31.98 -31.30 -10.22
CA ALA C 52 32.78 -31.42 -11.44
C ALA C 52 31.88 -31.49 -12.67
N LEU C 53 30.94 -30.56 -12.75
CA LEU C 53 30.14 -30.40 -13.95
C LEU C 53 31.04 -29.94 -15.11
N PRO C 54 30.66 -30.23 -16.35
CA PRO C 54 31.48 -29.80 -17.48
C PRO C 54 31.66 -28.28 -17.46
N ARG C 55 32.89 -27.85 -17.71
CA ARG C 55 33.23 -26.43 -17.69
C ARG C 55 32.99 -25.84 -19.08
N ILE C 56 31.70 -25.70 -19.39
CA ILE C 56 31.24 -25.11 -20.64
C ILE C 56 30.36 -23.92 -20.26
N PRO C 57 30.21 -22.93 -21.14
CA PRO C 57 29.46 -21.72 -20.75
C PRO C 57 27.99 -21.96 -20.43
N ASN C 58 27.37 -23.01 -20.99
CA ASN C 58 25.95 -23.26 -20.78
C ASN C 58 25.64 -24.06 -19.52
N VAL C 59 26.66 -24.55 -18.81
CA VAL C 59 26.49 -25.18 -17.51
C VAL C 59 27.02 -24.21 -16.46
N ARG C 60 26.15 -23.73 -15.59
CA ARG C 60 26.51 -22.74 -14.60
C ARG C 60 26.05 -23.20 -13.22
N LEU C 61 26.91 -22.97 -12.22
CA LEU C 61 26.58 -23.24 -10.83
C LEU C 61 26.17 -21.92 -10.19
N ALA C 62 24.93 -21.85 -9.72
CA ALA C 62 24.38 -20.63 -9.13
C ALA C 62 24.40 -20.78 -7.61
N LEU C 63 25.27 -20.02 -6.95
CA LEU C 63 25.31 -19.95 -5.50
C LEU C 63 24.44 -18.78 -5.05
N LEU C 64 23.39 -19.07 -4.30
CA LEU C 64 22.33 -18.09 -4.05
C LEU C 64 22.43 -17.43 -2.68
N GLN C 65 23.41 -17.76 -1.87
CA GLN C 65 23.43 -17.03 -0.61
C GLN C 65 24.29 -15.79 -0.74
N PRO C 66 24.00 -14.76 0.06
CA PRO C 66 24.75 -13.51 -0.04
C PRO C 66 26.19 -13.68 0.43
N ALA C 67 27.09 -12.92 -0.20
CA ALA C 67 28.52 -13.05 0.04
C ALA C 67 29.17 -11.67 0.04
N LEU C 68 30.20 -11.52 0.87
CA LEU C 68 30.85 -10.22 1.03
C LEU C 68 31.58 -9.76 -0.22
N ASP C 69 31.89 -10.68 -1.15
CA ASP C 69 32.70 -10.34 -2.31
C ASP C 69 31.93 -10.39 -3.63
N ARG C 70 30.60 -10.45 -3.60
CA ARG C 70 29.88 -10.64 -4.84
C ARG C 70 28.78 -9.60 -4.98
N PRO C 71 28.41 -9.24 -6.21
CA PRO C 71 27.35 -8.26 -6.41
C PRO C 71 25.99 -8.85 -6.09
N ALA C 72 25.02 -7.95 -5.87
CA ALA C 72 23.67 -8.38 -5.53
C ALA C 72 23.09 -9.35 -6.55
N ALA C 73 23.46 -9.17 -7.82
CA ALA C 73 22.89 -10.01 -8.89
C ALA C 73 23.28 -11.47 -8.72
N ALA C 74 24.43 -11.74 -8.10
CA ALA C 74 24.96 -13.11 -8.05
C ALA C 74 24.07 -14.05 -7.26
N SER C 75 23.31 -13.52 -6.30
CA SER C 75 22.39 -14.34 -5.52
C SER C 75 20.96 -14.33 -6.06
N ARG C 76 20.73 -13.76 -7.25
CA ARG C 76 19.40 -13.76 -7.83
C ARG C 76 19.31 -14.81 -8.92
N PRO C 77 18.44 -15.80 -8.79
CA PRO C 77 18.47 -16.93 -9.72
C PRO C 77 18.17 -16.56 -11.17
N GLU C 78 17.38 -15.51 -11.39
CA GLU C 78 17.11 -15.10 -12.77
C GLU C 78 18.37 -14.67 -13.50
N THR C 79 19.42 -14.29 -12.76
CA THR C 79 20.68 -13.87 -13.37
C THR C 79 21.27 -14.98 -14.24
N TYR C 80 20.97 -16.23 -13.94
CA TYR C 80 21.63 -17.38 -14.57
C TYR C 80 20.78 -18.01 -15.67
N VAL C 81 19.65 -17.41 -16.02
CA VAL C 81 18.70 -17.98 -16.96
C VAL C 81 18.42 -16.94 -18.05
N ALA C 82 18.67 -17.31 -19.30
CA ALA C 82 18.46 -16.40 -20.43
C ALA C 82 17.43 -16.93 -21.42
N THR C 83 16.64 -17.93 -21.05
CA THR C 83 15.65 -18.53 -21.94
C THR C 83 14.24 -18.25 -21.40
N GLU C 84 13.25 -18.52 -22.25
CA GLU C 84 11.86 -18.20 -21.90
C GLU C 84 11.34 -19.10 -20.79
N PHE C 85 11.67 -20.39 -20.82
CA PHE C 85 11.12 -21.36 -19.88
C PHE C 85 12.21 -21.91 -18.97
N VAL C 86 11.81 -22.34 -17.79
CA VAL C 86 12.67 -23.03 -16.84
C VAL C 86 12.04 -24.37 -16.53
N ALA C 87 12.84 -25.44 -16.56
CA ALA C 87 12.40 -26.77 -16.17
C ALA C 87 13.08 -27.12 -14.86
N LEU C 88 12.29 -27.22 -13.79
CA LEU C 88 12.79 -27.67 -12.51
C LEU C 88 12.90 -29.19 -12.53
N VAL C 89 14.13 -29.70 -12.46
CA VAL C 89 14.40 -31.14 -12.53
C VAL C 89 14.91 -31.59 -11.16
N PRO C 90 14.28 -32.57 -10.54
CA PRO C 90 14.77 -33.06 -9.25
C PRO C 90 15.92 -34.04 -9.44
N ASP C 91 16.79 -34.08 -8.44
CA ASP C 91 17.85 -35.09 -8.49
C ASP C 91 17.23 -36.48 -8.52
N GLY C 92 17.86 -37.37 -9.26
CA GLY C 92 17.31 -38.68 -9.51
C GLY C 92 16.69 -38.85 -10.88
N ALA C 93 16.46 -37.75 -11.60
CA ALA C 93 15.93 -37.79 -12.94
C ALA C 93 17.05 -37.96 -13.95
N ARG C 94 16.66 -38.32 -15.17
CA ARG C 94 17.62 -38.47 -16.26
C ARG C 94 16.87 -38.32 -17.58
N ALA C 95 17.46 -37.59 -18.51
CA ALA C 95 16.93 -37.52 -19.86
C ALA C 95 17.39 -38.74 -20.63
N GLU C 96 16.43 -39.46 -21.22
CA GLU C 96 16.77 -40.64 -22.01
C GLU C 96 16.17 -40.53 -23.40
N ALA C 97 14.86 -40.36 -23.48
CA ALA C 97 14.25 -40.06 -24.76
C ALA C 97 14.53 -38.61 -25.14
N PRO C 98 14.93 -38.34 -26.37
CA PRO C 98 15.21 -36.96 -26.78
C PRO C 98 13.94 -36.19 -27.11
N GLY C 99 14.06 -34.87 -27.02
CA GLY C 99 12.98 -33.96 -27.37
C GLY C 99 11.80 -33.95 -26.41
N LEU C 100 12.07 -34.04 -25.10
CA LEU C 100 10.98 -34.08 -24.13
C LEU C 100 10.70 -32.73 -23.48
N LEU C 101 11.70 -31.85 -23.38
CA LEU C 101 11.42 -30.49 -22.93
C LEU C 101 10.65 -29.71 -23.97
N GLU C 102 10.90 -29.96 -25.25
CA GLU C 102 10.10 -29.33 -26.30
C GLU C 102 8.65 -29.77 -26.24
N ARG C 103 8.42 -31.07 -26.05
CA ARG C 103 7.06 -31.58 -25.86
C ARG C 103 6.36 -30.87 -24.70
N MET C 104 7.10 -30.61 -23.62
CA MET C 104 6.49 -29.94 -22.46
C MET C 104 6.15 -28.50 -22.76
N VAL C 105 6.98 -27.81 -23.56
CA VAL C 105 6.68 -26.43 -23.93
C VAL C 105 5.41 -26.38 -24.78
N GLU C 106 5.32 -27.26 -25.78
CA GLU C 106 4.13 -27.31 -26.62
C GLU C 106 2.88 -27.63 -25.81
N ALA C 107 3.00 -28.45 -24.77
CA ALA C 107 1.86 -28.70 -23.90
C ALA C 107 1.46 -27.45 -23.13
N LEU C 108 2.44 -26.73 -22.60
CA LEU C 108 2.16 -25.53 -21.82
C LEU C 108 1.63 -24.40 -22.70
N ARG C 109 2.11 -24.31 -23.93
CA ARG C 109 1.59 -23.34 -24.88
C ARG C 109 0.11 -23.57 -25.16
N ALA C 110 -0.25 -24.82 -25.44
CA ALA C 110 -1.59 -25.14 -25.88
C ALA C 110 -2.58 -25.18 -24.72
N GLY C 111 -2.11 -25.45 -23.50
CA GLY C 111 -2.99 -25.61 -22.37
C GLY C 111 -3.39 -24.28 -21.75
N SER C 112 -4.06 -24.38 -20.60
CA SER C 112 -4.49 -23.23 -19.82
C SER C 112 -3.79 -23.14 -18.47
N ALA C 113 -2.96 -24.12 -18.13
CA ALA C 113 -2.24 -24.11 -16.87
C ALA C 113 -0.86 -23.49 -17.05
N ARG C 114 -0.44 -22.71 -16.05
CA ARG C 114 0.84 -22.01 -16.15
C ARG C 114 2.04 -22.91 -15.87
N LEU C 115 1.81 -24.07 -15.28
CA LEU C 115 2.85 -25.05 -15.06
C LEU C 115 2.45 -26.35 -15.73
N VAL C 116 3.43 -27.03 -16.34
CA VAL C 116 3.24 -28.40 -16.79
C VAL C 116 4.30 -29.25 -16.09
N ALA C 117 4.01 -30.54 -15.98
CA ALA C 117 4.86 -31.42 -15.21
C ALA C 117 4.84 -32.81 -15.80
N ALA C 118 5.98 -33.49 -15.70
CA ALA C 118 6.12 -34.87 -16.12
C ALA C 118 6.73 -35.65 -14.96
N PRO C 119 6.09 -36.72 -14.49
CA PRO C 119 6.67 -37.51 -13.41
C PRO C 119 8.00 -38.13 -13.83
N VAL C 120 8.89 -38.26 -12.86
CA VAL C 120 10.11 -39.05 -13.03
C VAL C 120 9.80 -40.47 -12.56
N ALA C 121 10.38 -41.46 -13.23
CA ALA C 121 10.08 -42.87 -12.95
C ALA C 121 10.92 -43.38 -11.79
N THR C 122 10.83 -42.68 -10.66
CA THR C 122 11.53 -43.10 -9.44
C THR C 122 10.59 -44.00 -8.63
N ALA C 123 11.01 -44.34 -7.41
CA ALA C 123 10.12 -45.03 -6.49
C ALA C 123 8.94 -44.16 -6.09
N ASN C 124 9.07 -42.84 -6.20
CA ASN C 124 8.06 -41.89 -5.72
C ASN C 124 7.65 -40.94 -6.84
N PRO C 125 7.02 -41.45 -7.90
CA PRO C 125 6.64 -40.58 -9.01
C PRO C 125 5.52 -39.64 -8.65
N ALA C 126 5.52 -38.47 -9.29
CA ALA C 126 4.62 -37.39 -8.92
C ALA C 126 3.16 -37.79 -9.00
N ARG C 127 2.40 -37.41 -7.98
CA ARG C 127 0.96 -37.59 -7.97
C ARG C 127 0.28 -36.22 -7.87
N CYS C 128 -0.91 -36.15 -8.43
CA CYS C 128 -1.68 -34.92 -8.56
C CYS C 128 -2.45 -34.63 -7.28
N LEU C 129 -2.40 -33.37 -6.83
CA LEU C 129 -2.96 -32.97 -5.54
C LEU C 129 -3.80 -31.71 -5.68
N ALA C 130 -4.81 -31.60 -4.82
CA ALA C 130 -5.50 -30.34 -4.62
C ALA C 130 -4.84 -29.58 -3.48
N LEU C 131 -4.94 -28.25 -3.54
CA LEU C 131 -4.30 -27.45 -2.50
C LEU C 131 -4.94 -26.08 -2.45
N ASN C 132 -5.41 -25.67 -1.27
CA ASN C 132 -5.79 -24.30 -1.00
C ASN C 132 -4.90 -23.72 0.08
N VAL C 133 -4.47 -22.50 -0.14
CA VAL C 133 -3.67 -21.78 0.85
C VAL C 133 -4.54 -20.67 1.45
N SER C 134 -4.80 -20.77 2.73
CA SER C 134 -5.49 -19.74 3.51
C SER C 134 -4.44 -19.06 4.39
N LEU C 135 -4.03 -17.85 4.02
CA LEU C 135 -3.07 -17.12 4.83
C LEU C 135 -3.73 -16.54 6.07
N ARG C 136 -4.99 -16.12 5.97
CA ARG C 136 -5.75 -15.69 7.14
C ARG C 136 -5.72 -16.76 8.23
N GLU C 137 -5.77 -18.04 7.84
CA GLU C 137 -5.81 -19.15 8.78
C GLU C 137 -4.47 -19.87 8.88
N TRP C 138 -3.42 -19.35 8.24
CA TRP C 138 -2.08 -19.94 8.32
C TRP C 138 -2.10 -21.44 8.02
N THR C 139 -2.97 -21.86 7.10
CA THR C 139 -3.22 -23.27 6.87
C THR C 139 -3.05 -23.60 5.41
N ALA C 140 -2.44 -24.76 5.14
CA ALA C 140 -2.32 -25.32 3.80
C ALA C 140 -3.09 -26.63 3.78
N ARG C 141 -4.17 -26.67 3.01
CA ARG C 141 -5.10 -27.79 3.00
C ARG C 141 -4.87 -28.60 1.73
N TYR C 142 -4.33 -29.81 1.88
CA TYR C 142 -4.11 -30.70 0.76
C TYR C 142 -5.21 -31.76 0.68
N GLY C 143 -5.33 -32.36 -0.51
CA GLY C 143 -6.28 -33.42 -0.73
C GLY C 143 -6.13 -33.96 -2.13
N ALA C 144 -6.87 -35.03 -2.40
CA ALA C 144 -6.90 -35.60 -3.75
C ALA C 144 -7.41 -34.56 -4.74
N ALA C 145 -6.86 -34.59 -5.95
CA ALA C 145 -7.17 -33.60 -6.97
C ALA C 145 -8.43 -33.97 -7.75
N PRO C 146 -9.55 -33.28 -7.52
CA PRO C 146 -10.80 -33.67 -8.18
C PRO C 146 -10.82 -33.44 -9.68
N ALA C 147 -9.91 -32.62 -10.22
CA ALA C 147 -9.85 -32.34 -11.65
C ALA C 147 -8.58 -32.89 -12.29
N ALA C 148 -8.05 -33.99 -11.75
CA ALA C 148 -6.86 -34.60 -12.32
C ALA C 148 -7.10 -34.90 -13.80
N PRO C 149 -6.11 -34.71 -14.68
CA PRO C 149 -4.73 -34.36 -14.31
C PRO C 149 -4.43 -32.87 -14.17
N ARG C 150 -5.46 -32.04 -13.95
CA ARG C 150 -5.26 -30.65 -13.58
C ARG C 150 -5.15 -30.55 -12.06
N CYS C 151 -4.02 -30.03 -11.57
CA CYS C 151 -3.69 -30.05 -10.15
C CYS C 151 -3.50 -28.63 -9.62
N ASP C 152 -3.45 -28.53 -8.29
CA ASP C 152 -2.88 -27.37 -7.60
C ASP C 152 -1.47 -27.62 -7.11
N ALA C 153 -1.07 -28.88 -6.96
CA ALA C 153 0.23 -29.20 -6.39
C ALA C 153 0.58 -30.64 -6.75
N LEU C 154 1.86 -30.96 -6.59
CA LEU C 154 2.38 -32.29 -6.85
C LEU C 154 3.04 -32.84 -5.60
N ASP C 155 2.94 -34.16 -5.44
CA ASP C 155 3.64 -34.89 -4.40
C ASP C 155 4.53 -35.92 -5.08
N GLY C 156 5.83 -35.81 -4.88
CA GLY C 156 6.78 -36.72 -5.48
C GLY C 156 7.62 -36.05 -6.55
N ASP C 157 8.23 -36.89 -7.38
CA ASP C 157 9.25 -36.44 -8.32
C ASP C 157 8.64 -36.16 -9.69
N ALA C 158 8.90 -34.95 -10.20
CA ALA C 158 8.48 -34.58 -11.54
C ALA C 158 9.35 -33.45 -12.04
N VAL C 159 9.58 -33.44 -13.36
CA VAL C 159 10.06 -32.24 -14.01
C VAL C 159 8.91 -31.26 -14.13
N VAL C 160 9.09 -30.05 -13.62
CA VAL C 160 8.10 -28.99 -13.69
C VAL C 160 8.62 -27.89 -14.59
N LEU C 161 7.85 -27.54 -15.62
CA LEU C 161 8.25 -26.50 -16.55
C LEU C 161 7.26 -25.35 -16.49
N LEU C 162 7.80 -24.13 -16.49
CA LEU C 162 7.01 -22.91 -16.47
C LEU C 162 7.88 -21.79 -17.01
N ARG C 163 7.24 -20.66 -17.30
CA ARG C 163 7.98 -19.52 -17.83
C ARG C 163 8.91 -18.97 -16.76
N ALA C 164 10.12 -18.58 -17.19
CA ALA C 164 11.08 -17.96 -16.28
C ALA C 164 10.50 -16.71 -15.62
N ARG C 165 9.74 -15.91 -16.39
CA ARG C 165 9.13 -14.71 -15.85
C ARG C 165 8.16 -15.02 -14.71
N ASP C 166 7.53 -16.20 -14.74
CA ASP C 166 6.59 -16.55 -13.68
C ASP C 166 7.33 -17.09 -12.47
N LEU C 167 8.28 -18.00 -12.69
CA LEU C 167 9.06 -18.57 -11.59
C LEU C 167 9.80 -17.49 -10.81
N PHE C 168 10.51 -16.61 -11.51
CA PHE C 168 11.42 -15.70 -10.85
C PHE C 168 10.74 -14.42 -10.38
N ASN C 169 9.45 -14.27 -10.61
CA ASN C 169 8.73 -13.19 -9.96
C ASN C 169 8.09 -13.62 -8.65
N LEU C 170 8.11 -14.91 -8.34
CA LEU C 170 7.69 -15.34 -7.03
C LEU C 170 8.63 -14.78 -5.97
N SER C 171 8.16 -14.76 -4.73
CA SER C 171 8.98 -14.22 -3.65
C SER C 171 10.09 -15.20 -3.26
N ALA C 172 9.80 -16.50 -3.30
CA ALA C 172 10.75 -17.53 -2.88
C ALA C 172 10.82 -18.62 -3.95
N PRO C 173 11.30 -18.29 -5.14
CA PRO C 173 11.21 -19.24 -6.28
C PRO C 173 11.95 -20.54 -6.05
N LEU C 174 13.07 -20.53 -5.34
CA LEU C 174 13.89 -21.72 -5.19
C LEU C 174 14.03 -22.14 -3.73
N ALA C 175 13.07 -21.76 -2.89
CA ALA C 175 13.13 -22.11 -1.48
C ALA C 175 12.85 -23.60 -1.30
N ARG C 176 13.59 -24.22 -0.40
CA ARG C 176 13.54 -25.67 -0.26
C ARG C 176 12.64 -26.09 0.89
N PRO C 177 11.92 -27.22 0.75
CA PRO C 177 11.87 -28.03 -0.46
C PRO C 177 11.04 -27.39 -1.56
N VAL C 178 11.52 -27.45 -2.81
CA VAL C 178 10.81 -26.84 -3.93
C VAL C 178 9.43 -27.46 -4.07
N GLY C 179 9.36 -28.79 -4.00
CA GLY C 179 8.10 -29.50 -4.06
C GLY C 179 7.03 -28.99 -3.11
N THR C 180 7.44 -28.28 -2.05
CA THR C 180 6.50 -27.64 -1.14
C THR C 180 6.34 -26.16 -1.42
N SER C 181 7.46 -25.42 -1.52
CA SER C 181 7.36 -23.96 -1.60
C SER C 181 6.80 -23.49 -2.94
N LEU C 182 7.11 -24.17 -4.03
CA LEU C 182 6.63 -23.71 -5.34
C LEU C 182 5.10 -23.76 -5.41
N PHE C 183 4.51 -24.92 -5.08
CA PHE C 183 3.08 -25.07 -5.24
C PHE C 183 2.29 -24.32 -4.18
N LEU C 184 2.90 -24.01 -3.03
CA LEU C 184 2.24 -23.09 -2.11
C LEU C 184 2.08 -21.71 -2.76
N GLN C 185 3.10 -21.26 -3.47
CA GLN C 185 3.05 -19.95 -4.11
C GLN C 185 2.16 -19.95 -5.34
N THR C 186 2.24 -21.02 -6.15
CA THR C 186 1.47 -21.05 -7.39
C THR C 186 -0.01 -21.30 -7.11
N ALA C 187 -0.32 -22.16 -6.13
CA ALA C 187 -1.72 -22.41 -5.80
C ALA C 187 -2.38 -21.17 -5.22
N LEU C 188 -1.64 -20.42 -4.37
CA LEU C 188 -2.22 -19.20 -3.80
C LEU C 188 -2.59 -18.20 -4.88
N ARG C 189 -1.81 -18.13 -5.96
CA ARG C 189 -2.12 -17.27 -7.09
C ARG C 189 -3.18 -17.86 -8.00
N GLY C 190 -3.79 -18.99 -7.62
CA GLY C 190 -4.76 -19.62 -8.47
C GLY C 190 -4.20 -20.27 -9.71
N TRP C 191 -2.89 -20.45 -9.78
CA TRP C 191 -2.29 -21.14 -10.90
C TRP C 191 -2.49 -22.64 -10.75
N ALA C 192 -2.54 -23.33 -11.89
CA ALA C 192 -2.65 -24.77 -11.91
C ALA C 192 -1.42 -25.36 -12.57
N VAL C 193 -1.16 -26.63 -12.26
CA VAL C 193 -0.10 -27.39 -12.92
C VAL C 193 -0.76 -28.60 -13.56
N GLN C 194 -0.44 -28.83 -14.84
CA GLN C 194 -0.99 -29.93 -15.60
C GLN C 194 0.02 -31.08 -15.60
N LEU C 195 -0.40 -32.24 -15.12
CA LEU C 195 0.46 -33.42 -15.09
C LEU C 195 0.30 -34.14 -16.42
N LEU C 196 1.34 -34.10 -17.25
CA LEU C 196 1.32 -34.66 -18.58
C LEU C 196 1.57 -36.17 -18.54
N ASP C 197 1.11 -36.83 -19.59
CA ASP C 197 1.40 -38.25 -19.80
C ASP C 197 2.72 -38.40 -20.53
N LEU C 198 3.75 -37.82 -19.91
CA LEU C 198 5.16 -37.97 -20.28
C LEU C 198 5.92 -38.33 -19.02
N THR C 199 6.91 -39.19 -19.17
CA THR C 199 7.65 -39.69 -18.01
C THR C 199 9.14 -39.57 -18.27
N PHE C 200 9.84 -38.91 -17.35
CA PHE C 200 11.30 -38.88 -17.39
C PHE C 200 11.86 -40.15 -16.76
N ALA C 201 12.92 -40.69 -17.35
CA ALA C 201 13.55 -41.87 -16.79
C ALA C 201 14.27 -41.50 -15.49
N ALA C 202 14.70 -42.53 -14.77
CA ALA C 202 15.44 -42.36 -13.53
C ALA C 202 16.93 -42.57 -13.77
N ALA C 203 17.73 -41.99 -12.87
CA ALA C 203 19.17 -42.20 -12.92
C ALA C 203 19.48 -43.69 -12.83
N ARG C 204 20.50 -44.11 -13.58
CA ARG C 204 20.93 -45.51 -13.51
C ARG C 204 21.63 -45.79 -12.18
N GLN C 205 22.29 -44.79 -11.62
CA GLN C 205 22.81 -44.87 -10.26
C GLN C 205 22.00 -43.92 -9.41
N PRO C 206 20.84 -44.35 -8.91
CA PRO C 206 19.96 -43.42 -8.19
C PRO C 206 20.62 -42.96 -6.90
N PRO C 207 20.41 -41.70 -6.51
CA PRO C 207 21.01 -41.20 -5.27
C PRO C 207 20.27 -41.71 -4.04
N LEU C 208 20.97 -41.66 -2.91
CA LEU C 208 20.40 -42.01 -1.61
C LEU C 208 19.87 -43.44 -1.59
N ALA C 209 20.67 -44.36 -2.12
CA ALA C 209 20.23 -45.74 -2.33
C ALA C 209 20.43 -46.63 -1.11
N THR C 210 20.79 -46.07 0.04
CA THR C 210 20.90 -46.83 1.28
C THR C 210 19.97 -46.23 2.33
N ALA C 211 19.60 -47.07 3.30
CA ALA C 211 18.76 -46.62 4.40
C ALA C 211 19.41 -45.49 5.18
N HIS C 212 20.74 -45.48 5.27
CA HIS C 212 21.40 -44.45 6.06
C HIS C 212 21.46 -43.13 5.32
N ALA C 213 21.77 -43.16 4.00
CA ALA C 213 21.74 -41.94 3.21
C ALA C 213 20.34 -41.36 3.15
N ARG C 214 19.33 -42.22 2.96
CA ARG C 214 17.95 -41.73 2.92
C ARG C 214 17.56 -41.10 4.25
N TRP C 215 17.97 -41.72 5.36
CA TRP C 215 17.63 -41.15 6.66
C TRP C 215 18.28 -39.78 6.85
N LYS C 216 19.53 -39.63 6.42
CA LYS C 216 20.19 -38.32 6.47
C LYS C 216 19.44 -37.30 5.63
N ALA C 217 19.09 -37.67 4.40
CA ALA C 217 18.39 -36.76 3.50
C ALA C 217 17.04 -36.35 4.10
N GLU C 218 16.29 -37.31 4.62
CA GLU C 218 14.95 -37.03 5.13
C GLU C 218 15.00 -36.14 6.36
N ARG C 219 15.98 -36.35 7.24
CA ARG C 219 16.10 -35.49 8.41
C ARG C 219 16.37 -34.05 8.00
N GLU C 220 17.25 -33.87 7.01
CA GLU C 220 17.54 -32.52 6.54
C GLU C 220 16.37 -31.96 5.72
N GLY C 221 15.75 -32.80 4.89
CA GLY C 221 14.57 -32.37 4.16
C GLY C 221 13.45 -31.89 5.08
N ARG C 222 13.14 -32.67 6.10
CA ARG C 222 12.08 -32.27 7.03
C ARG C 222 12.48 -31.01 7.79
N ALA C 223 13.75 -30.89 8.15
CA ALA C 223 14.21 -29.67 8.81
C ALA C 223 14.03 -28.43 7.93
N ARG C 224 14.29 -28.58 6.63
CA ARG C 224 14.12 -27.45 5.71
C ARG C 224 12.65 -27.14 5.51
N ARG C 225 11.81 -28.16 5.41
CA ARG C 225 10.37 -27.95 5.28
C ARG C 225 9.81 -27.23 6.49
N ALA C 226 10.22 -27.65 7.70
CA ALA C 226 9.73 -27.02 8.92
C ALA C 226 10.14 -25.56 9.00
N ALA C 227 11.39 -25.25 8.63
CA ALA C 227 11.80 -23.85 8.61
C ALA C 227 11.09 -23.08 7.50
N LEU C 228 10.79 -23.73 6.38
CA LEU C 228 10.10 -23.06 5.28
C LEU C 228 8.69 -22.65 5.66
N LEU C 229 7.93 -23.56 6.29
CA LEU C 229 6.55 -23.25 6.62
C LEU C 229 6.48 -22.19 7.71
N ARG C 230 7.38 -22.25 8.69
CA ARG C 230 7.41 -21.21 9.72
C ARG C 230 7.76 -19.85 9.12
N ALA C 231 8.72 -19.82 8.19
CA ALA C 231 9.09 -18.57 7.57
C ALA C 231 7.93 -17.96 6.79
N LEU C 232 7.14 -18.79 6.12
CA LEU C 232 6.07 -18.33 5.24
C LEU C 232 4.72 -18.26 5.95
N GLY C 233 4.65 -18.53 7.24
CA GLY C 233 3.40 -18.38 7.96
C GLY C 233 2.39 -19.47 7.74
N ILE C 234 2.84 -20.68 7.39
CA ILE C 234 1.96 -21.84 7.33
C ILE C 234 2.11 -22.56 8.67
N ARG C 235 1.11 -22.41 9.54
CA ARG C 235 1.14 -23.02 10.87
C ARG C 235 0.55 -24.43 10.87
N LEU C 236 -0.19 -24.81 9.85
CA LEU C 236 -0.90 -26.08 9.87
C LEU C 236 -0.95 -26.64 8.46
N VAL C 237 -0.64 -27.92 8.34
CA VAL C 237 -0.80 -28.66 7.09
C VAL C 237 -1.78 -29.80 7.35
N SER C 238 -2.73 -29.99 6.44
CA SER C 238 -3.75 -31.02 6.60
C SER C 238 -3.90 -31.78 5.30
N TRP C 239 -4.19 -33.07 5.44
CA TRP C 239 -4.57 -33.92 4.31
C TRP C 239 -6.03 -34.32 4.48
N GLU C 240 -6.87 -33.89 3.55
CA GLU C 240 -8.30 -34.16 3.59
C GLU C 240 -8.88 -33.81 4.97
N GLY C 241 -8.42 -32.68 5.51
CA GLY C 241 -8.88 -32.21 6.80
C GLY C 241 -8.40 -33.03 7.99
N GLY C 242 -7.47 -33.95 7.79
CA GLY C 242 -6.92 -34.76 8.85
C GLY C 242 -5.42 -34.91 8.72
N ARG C 243 -4.84 -35.94 9.33
CA ARG C 243 -3.40 -36.16 9.33
C ARG C 243 -2.68 -34.86 9.63
N LEU C 244 -3.15 -34.14 10.65
CA LEU C 244 -2.71 -32.77 10.87
C LEU C 244 -1.23 -32.71 11.23
N GLU C 245 -0.56 -31.70 10.67
CA GLU C 245 0.87 -31.46 10.87
C GLU C 245 1.01 -30.02 11.38
N TRP C 246 1.45 -29.86 12.62
CA TRP C 246 1.52 -28.54 13.23
C TRP C 246 2.91 -27.95 13.10
N PHE C 247 2.95 -26.61 13.05
CA PHE C 247 4.21 -25.88 12.92
C PHE C 247 4.13 -24.55 13.68
N GLY C 248 3.34 -24.49 14.75
CA GLY C 248 3.17 -23.26 15.49
C GLY C 248 3.55 -23.42 16.95
N CYS C 249 2.76 -22.84 17.84
CA CYS C 249 3.04 -22.90 19.27
C CYS C 249 2.50 -24.22 19.84
N ASN C 250 2.82 -24.47 21.10
CA ASN C 250 2.37 -25.66 21.82
C ASN C 250 2.58 -25.42 23.31
N LYS C 251 2.41 -26.49 24.09
CA LYS C 251 2.51 -26.39 25.55
C LYS C 251 3.89 -25.90 25.99
N GLU C 252 4.93 -26.17 25.21
CA GLU C 252 6.30 -25.93 25.64
C GLU C 252 6.90 -24.65 25.08
N THR C 253 6.25 -24.01 24.11
CA THR C 253 6.74 -22.77 23.53
C THR C 253 5.94 -21.59 24.07
N THR C 254 6.32 -20.39 23.65
CA THR C 254 5.48 -19.23 23.84
C THR C 254 4.35 -19.26 22.80
N ARG C 255 3.33 -18.44 23.02
CA ARG C 255 2.29 -18.37 22.00
C ARG C 255 2.82 -17.57 20.81
N CYS C 256 2.11 -17.70 19.69
CA CYS C 256 2.63 -17.15 18.44
C CYS C 256 2.70 -15.61 18.43
N PHE C 257 1.93 -14.91 19.26
CA PHE C 257 1.84 -13.48 19.07
C PHE C 257 2.24 -12.63 20.29
N GLY C 258 2.11 -13.14 21.49
CA GLY C 258 2.50 -12.38 22.67
C GLY C 258 1.70 -11.10 22.86
N THR C 259 2.27 -10.19 23.65
CA THR C 259 1.49 -9.19 24.39
C THR C 259 0.66 -8.30 23.46
N VAL C 260 -0.65 -8.39 23.61
CA VAL C 260 -1.59 -7.59 22.84
C VAL C 260 -1.60 -6.17 23.40
N VAL C 261 -1.42 -5.19 22.51
CA VAL C 261 -1.61 -3.78 22.85
C VAL C 261 -2.82 -3.28 22.08
N GLY C 262 -3.63 -2.44 22.72
CA GLY C 262 -4.79 -1.85 22.08
C GLY C 262 -5.80 -2.86 21.56
N ASP C 263 -5.96 -3.99 22.26
CA ASP C 263 -6.93 -5.02 21.92
C ASP C 263 -6.75 -5.59 20.51
N THR C 264 -5.68 -5.17 19.83
CA THR C 264 -5.44 -5.61 18.46
C THR C 264 -4.14 -6.42 18.41
N PRO C 265 -4.23 -7.75 18.35
CA PRO C 265 -3.01 -8.56 18.32
C PRO C 265 -2.25 -8.37 17.02
N ALA C 266 -1.01 -8.86 17.02
CA ALA C 266 -0.10 -8.61 15.91
C ALA C 266 -0.59 -9.21 14.61
N TYR C 267 -1.30 -10.34 14.67
CA TYR C 267 -1.67 -11.00 13.41
C TYR C 267 -2.70 -10.20 12.62
N LEU C 268 -3.48 -9.34 13.28
CA LEU C 268 -4.44 -8.51 12.55
C LEU C 268 -3.71 -7.55 11.61
N TYR C 269 -2.70 -6.84 12.12
CA TYR C 269 -1.91 -5.97 11.26
C TYR C 269 -1.23 -6.72 10.13
N GLU C 270 -1.00 -8.01 10.29
CA GLU C 270 -0.47 -8.82 9.20
C GLU C 270 -1.57 -9.29 8.26
N GLU C 271 -2.78 -8.74 8.38
CA GLU C 271 -3.93 -9.09 7.56
C GLU C 271 -4.19 -10.59 7.60
N ARG C 272 -4.04 -11.17 8.78
CA ARG C 272 -4.37 -12.57 9.01
C ARG C 272 -5.25 -12.66 10.24
N TRP C 273 -5.74 -13.86 10.51
CA TRP C 273 -6.56 -14.11 11.69
C TRP C 273 -5.73 -14.89 12.70
N THR C 274 -6.39 -15.38 13.75
CA THR C 274 -5.68 -16.05 14.83
C THR C 274 -4.98 -17.31 14.30
N PRO C 275 -3.70 -17.51 14.63
CA PRO C 275 -3.03 -18.75 14.23
C PRO C 275 -3.79 -19.97 14.73
N PRO C 276 -3.87 -21.02 13.91
CA PRO C 276 -4.69 -22.17 14.29
C PRO C 276 -4.13 -22.96 15.46
N CYS C 277 -2.80 -22.97 15.61
CA CYS C 277 -2.20 -23.52 16.83
C CYS C 277 -2.66 -22.75 18.06
N CYS C 278 -2.78 -21.43 17.94
CA CYS C 278 -3.29 -20.63 19.05
C CYS C 278 -4.75 -20.96 19.33
N LEU C 279 -5.57 -21.06 18.28
CA LEU C 279 -6.96 -21.46 18.47
C LEU C 279 -7.05 -22.85 19.11
N ARG C 280 -6.23 -23.78 18.63
CA ARG C 280 -6.24 -25.14 19.20
C ARG C 280 -5.96 -25.11 20.69
N ALA C 281 -4.96 -24.32 21.11
CA ALA C 281 -4.65 -24.24 22.53
C ALA C 281 -5.80 -23.62 23.31
N LEU C 282 -6.46 -22.62 22.74
CA LEU C 282 -7.57 -21.98 23.44
C LEU C 282 -8.74 -22.94 23.63
N ARG C 283 -9.08 -23.71 22.59
CA ARG C 283 -10.12 -24.72 22.72
C ARG C 283 -9.77 -25.73 23.82
N GLU C 284 -8.53 -26.21 23.83
CA GLU C 284 -8.15 -27.22 24.80
C GLU C 284 -8.18 -26.66 26.21
N THR C 285 -7.74 -25.41 26.38
CA THR C 285 -7.79 -24.78 27.71
C THR C 285 -9.23 -24.53 28.15
N ALA C 286 -10.05 -24.01 27.23
CA ALA C 286 -11.48 -23.84 27.52
C ALA C 286 -12.09 -25.16 27.99
N ARG C 287 -11.85 -26.23 27.23
CA ARG C 287 -12.39 -27.54 27.58
C ARG C 287 -11.90 -28.01 28.94
N TYR C 288 -10.59 -27.91 29.16
CA TYR C 288 -10.02 -28.33 30.44
C TYR C 288 -10.60 -27.52 31.59
N VAL C 289 -10.66 -26.19 31.44
CA VAL C 289 -11.15 -25.34 32.51
C VAL C 289 -12.63 -25.61 32.79
N VAL C 290 -13.43 -25.75 31.73
CA VAL C 290 -14.83 -26.08 31.92
C VAL C 290 -14.98 -27.41 32.66
N GLY C 291 -14.20 -28.40 32.25
CA GLY C 291 -14.23 -29.68 32.95
C GLY C 291 -13.89 -29.54 34.42
N VAL C 292 -12.91 -28.69 34.74
CA VAL C 292 -12.50 -28.50 36.13
C VAL C 292 -13.61 -27.84 36.93
N LEU C 293 -14.27 -26.83 36.34
CA LEU C 293 -15.30 -26.10 37.08
C LEU C 293 -16.57 -26.94 37.23
N GLU C 294 -16.90 -27.76 36.23
CA GLU C 294 -18.05 -28.65 36.37
C GLU C 294 -17.81 -29.69 37.46
N ALA C 295 -16.60 -30.24 37.53
CA ALA C 295 -16.30 -31.23 38.57
C ALA C 295 -16.26 -30.60 39.95
N ALA C 296 -15.83 -29.34 40.06
CA ALA C 296 -15.76 -28.68 41.35
C ALA C 296 -17.09 -28.07 41.79
N GLY C 297 -18.09 -28.05 40.93
CA GLY C 297 -19.34 -27.39 41.28
C GLY C 297 -19.28 -25.89 41.22
N VAL C 298 -18.66 -25.34 40.18
CA VAL C 298 -18.62 -23.90 39.94
C VAL C 298 -19.59 -23.58 38.83
N ARG C 299 -20.58 -22.74 39.12
CA ARG C 299 -21.50 -22.28 38.08
C ARG C 299 -20.76 -21.34 37.14
N TYR C 300 -20.70 -21.71 35.86
CA TYR C 300 -20.05 -20.91 34.85
C TYR C 300 -20.98 -20.77 33.65
N TRP C 301 -20.66 -19.81 32.79
CA TRP C 301 -21.36 -19.63 31.52
C TRP C 301 -20.43 -18.95 30.53
N LEU C 302 -20.61 -19.26 29.25
CA LEU C 302 -19.83 -18.60 28.22
C LEU C 302 -20.12 -17.10 28.22
N GLU C 303 -19.08 -16.31 28.01
CA GLU C 303 -19.15 -14.87 28.20
C GLU C 303 -18.47 -14.18 27.03
N GLY C 304 -18.81 -12.90 26.85
CA GLY C 304 -18.19 -12.05 25.84
C GLY C 304 -18.07 -12.68 24.47
N GLY C 305 -16.83 -12.73 23.96
CA GLY C 305 -16.59 -13.24 22.63
C GLY C 305 -16.78 -14.74 22.49
N SER C 306 -16.65 -15.49 23.59
CA SER C 306 -16.88 -16.93 23.53
C SER C 306 -18.37 -17.24 23.36
N LEU C 307 -19.22 -16.62 24.18
CA LEU C 307 -20.66 -16.78 23.99
C LEU C 307 -21.07 -16.33 22.59
N LEU C 308 -20.51 -15.23 22.11
CA LEU C 308 -20.83 -14.73 20.78
C LEU C 308 -20.42 -15.73 19.71
N GLY C 309 -19.19 -16.24 19.80
CA GLY C 309 -18.73 -17.22 18.83
C GLY C 309 -19.54 -18.50 18.87
N ALA C 310 -19.91 -18.94 20.07
CA ALA C 310 -20.73 -20.14 20.20
C ALA C 310 -22.10 -19.94 19.57
N ALA C 311 -22.69 -18.77 19.77
CA ALA C 311 -24.01 -18.49 19.19
C ALA C 311 -23.95 -18.36 17.67
N ARG C 312 -22.84 -17.84 17.14
CA ARG C 312 -22.74 -17.58 15.70
C ARG C 312 -22.40 -18.85 14.93
N HIS C 313 -21.29 -19.51 15.29
CA HIS C 313 -20.84 -20.71 14.60
C HIS C 313 -20.41 -21.82 15.55
N GLY C 314 -20.74 -21.72 16.83
CA GLY C 314 -20.35 -22.76 17.77
C GLY C 314 -18.86 -22.94 17.96
N ASP C 315 -18.06 -21.92 17.69
CA ASP C 315 -16.62 -22.02 17.90
C ASP C 315 -16.06 -20.65 18.27
N ILE C 316 -14.76 -20.64 18.57
CA ILE C 316 -14.06 -19.39 18.83
C ILE C 316 -14.12 -18.52 17.59
N ILE C 317 -14.44 -17.25 17.77
CA ILE C 317 -14.41 -16.30 16.65
C ILE C 317 -13.02 -16.31 16.05
N PRO C 318 -12.87 -16.49 14.73
CA PRO C 318 -11.57 -16.92 14.17
C PRO C 318 -10.46 -15.89 14.29
N TRP C 319 -10.76 -14.63 14.63
CA TRP C 319 -9.73 -13.63 14.91
C TRP C 319 -9.57 -13.33 16.39
N ASP C 320 -10.34 -13.99 17.25
CA ASP C 320 -10.28 -13.75 18.67
C ASP C 320 -9.06 -14.43 19.30
N TYR C 321 -8.66 -13.94 20.48
CA TYR C 321 -7.39 -14.34 21.07
C TYR C 321 -7.48 -14.85 22.50
N ASP C 322 -8.67 -15.01 23.07
CA ASP C 322 -8.78 -15.67 24.37
C ASP C 322 -10.20 -16.21 24.54
N VAL C 323 -10.46 -16.79 25.70
CA VAL C 323 -11.77 -17.31 26.06
C VAL C 323 -12.19 -16.70 27.38
N ASP C 324 -13.43 -16.25 27.46
CA ASP C 324 -13.97 -15.61 28.66
C ASP C 324 -15.17 -16.40 29.17
N LEU C 325 -15.16 -16.70 30.47
CA LEU C 325 -16.28 -17.34 31.14
C LEU C 325 -16.72 -16.47 32.31
N GLY C 326 -18.02 -16.34 32.48
CA GLY C 326 -18.55 -15.83 33.73
C GLY C 326 -18.72 -16.96 34.73
N ILE C 327 -18.54 -16.64 36.00
CA ILE C 327 -18.76 -17.59 37.09
C ILE C 327 -19.40 -16.85 38.25
N TYR C 328 -20.16 -17.59 39.05
CA TYR C 328 -20.63 -17.05 40.31
C TYR C 328 -19.45 -16.89 41.26
N LEU C 329 -19.30 -15.70 41.83
CA LEU C 329 -18.17 -15.44 42.72
C LEU C 329 -18.25 -16.31 43.97
N GLU C 330 -19.45 -16.55 44.48
CA GLU C 330 -19.61 -17.36 45.69
C GLU C 330 -19.19 -18.81 45.47
N ASP C 331 -19.07 -19.25 44.22
CA ASP C 331 -18.65 -20.61 43.90
C ASP C 331 -17.13 -20.77 43.88
N VAL C 332 -16.37 -19.68 44.06
CA VAL C 332 -14.93 -19.73 43.86
C VAL C 332 -14.27 -20.71 44.85
N GLY C 333 -14.68 -20.65 46.13
CA GLY C 333 -14.10 -21.52 47.14
C GLY C 333 -14.25 -22.99 46.82
N ASN C 334 -15.15 -23.36 45.91
CA ASN C 334 -15.35 -24.75 45.54
C ASN C 334 -14.22 -25.30 44.68
N CYS C 335 -13.45 -24.45 44.03
CA CYS C 335 -12.40 -24.88 43.10
C CYS C 335 -11.04 -24.68 43.75
N GLU C 336 -10.25 -25.75 43.78
CA GLU C 336 -8.95 -25.71 44.44
C GLU C 336 -7.98 -24.77 43.72
N GLN C 337 -7.95 -24.85 42.38
CA GLN C 337 -7.07 -23.96 41.63
C GLN C 337 -7.44 -22.51 41.82
N LEU C 338 -8.73 -22.21 41.92
CA LEU C 338 -9.15 -20.82 42.06
C LEU C 338 -8.79 -20.27 43.44
N ARG C 339 -9.14 -21.00 44.50
CA ARG C 339 -8.77 -20.53 45.83
C ARG C 339 -7.26 -20.51 46.01
N GLY C 340 -6.54 -21.38 45.30
CA GLY C 340 -5.09 -21.27 45.29
C GLY C 340 -4.59 -20.05 44.56
N ALA C 341 -5.33 -19.59 43.55
CA ALA C 341 -4.89 -18.47 42.72
C ALA C 341 -5.13 -17.11 43.36
N GLU C 342 -5.87 -17.05 44.47
CA GLU C 342 -6.03 -15.78 45.17
C GLU C 342 -4.88 -15.51 46.12
N ALA C 343 -4.07 -16.52 46.43
CA ALA C 343 -2.89 -16.37 47.28
C ALA C 343 -1.60 -16.43 46.48
N GLY C 344 -1.68 -16.37 45.15
CA GLY C 344 -0.49 -16.45 44.32
C GLY C 344 -0.66 -17.36 43.12
N SER C 345 0.34 -17.37 42.24
CA SER C 345 0.24 -18.13 40.99
C SER C 345 0.31 -19.63 41.26
N VAL C 346 -0.56 -20.39 40.59
CA VAL C 346 -0.68 -21.83 40.79
C VAL C 346 -0.47 -22.53 39.46
N VAL C 347 0.45 -23.50 39.46
CA VAL C 347 0.66 -24.40 38.32
C VAL C 347 0.13 -25.77 38.72
N ASP C 348 -0.90 -26.24 38.00
CA ASP C 348 -1.60 -27.44 38.44
C ASP C 348 -0.94 -28.70 37.85
N GLU C 349 -1.56 -29.84 38.14
CA GLU C 349 -1.01 -31.14 37.74
C GLU C 349 -0.76 -31.23 36.26
N ARG C 350 -1.57 -30.54 35.45
CA ARG C 350 -1.51 -30.68 34.00
C ARG C 350 -0.86 -29.49 33.32
N GLY C 351 -0.14 -28.66 34.06
CA GLY C 351 0.64 -27.58 33.50
C GLY C 351 -0.09 -26.27 33.30
N PHE C 352 -1.39 -26.22 33.57
CA PHE C 352 -2.15 -24.98 33.44
C PHE C 352 -1.84 -24.06 34.61
N VAL C 353 -1.73 -22.77 34.33
CA VAL C 353 -1.36 -21.77 35.33
C VAL C 353 -2.59 -20.95 35.67
N TRP C 354 -3.10 -21.12 36.88
CA TRP C 354 -4.24 -20.36 37.39
C TRP C 354 -3.73 -19.18 38.20
N GLU C 355 -4.13 -17.97 37.83
CA GLU C 355 -3.64 -16.80 38.54
C GLU C 355 -4.73 -15.74 38.59
N LYS C 356 -4.63 -14.87 39.61
CA LYS C 356 -5.55 -13.76 39.80
C LYS C 356 -4.81 -12.48 39.42
N ALA C 357 -5.02 -12.01 38.20
CA ALA C 357 -4.47 -10.73 37.76
C ALA C 357 -5.14 -9.63 38.58
N VAL C 358 -4.46 -9.21 39.65
CA VAL C 358 -4.97 -8.22 40.60
C VAL C 358 -5.45 -6.97 39.87
N GLU C 359 -4.99 -6.79 38.63
CA GLU C 359 -5.40 -5.73 37.74
C GLU C 359 -6.90 -5.44 37.80
N GLY C 360 -7.71 -6.36 37.29
CA GLY C 360 -9.14 -6.13 37.16
C GLY C 360 -10.08 -6.98 37.99
N ASP C 361 -9.57 -7.70 38.99
CA ASP C 361 -10.39 -8.55 39.87
C ASP C 361 -11.07 -9.66 39.08
N PHE C 362 -10.24 -10.46 38.41
CA PHE C 362 -10.70 -11.64 37.71
C PHE C 362 -9.57 -12.67 37.72
N PHE C 363 -9.91 -13.90 37.36
CA PHE C 363 -8.94 -14.98 37.30
C PHE C 363 -8.55 -15.26 35.85
N ARG C 364 -7.39 -15.88 35.69
CA ARG C 364 -6.86 -16.17 34.36
C ARG C 364 -6.15 -17.52 34.40
N VAL C 365 -6.49 -18.38 33.45
CA VAL C 365 -5.92 -19.73 33.37
C VAL C 365 -5.17 -19.83 32.05
N GLN C 366 -3.85 -19.93 32.12
CA GLN C 366 -3.01 -19.95 30.94
C GLN C 366 -2.66 -21.40 30.55
N TYR C 367 -2.52 -21.60 29.24
CA TYR C 367 -2.28 -22.93 28.69
C TYR C 367 -1.10 -23.63 29.34
N SER C 368 -0.01 -22.89 29.56
CA SER C 368 1.16 -23.40 30.26
C SER C 368 1.97 -22.22 30.77
N GLU C 369 3.06 -22.51 31.49
CA GLU C 369 3.89 -21.45 32.03
C GLU C 369 4.50 -20.60 30.92
N SER C 370 4.81 -21.20 29.77
CA SER C 370 5.42 -20.48 28.67
C SER C 370 4.42 -19.99 27.63
N ASN C 371 3.30 -20.67 27.46
CA ASN C 371 2.32 -20.33 26.43
C ASN C 371 1.11 -19.66 27.10
N HIS C 372 1.01 -18.34 26.95
CA HIS C 372 0.10 -17.53 27.73
C HIS C 372 -1.27 -17.34 27.09
N LEU C 373 -1.67 -18.23 26.19
CA LEU C 373 -3.06 -18.26 25.76
C LEU C 373 -3.94 -18.66 26.93
N HIS C 374 -5.00 -17.91 27.19
CA HIS C 374 -5.67 -18.05 28.47
C HIS C 374 -7.19 -18.06 28.32
N VAL C 375 -7.82 -18.65 29.33
CA VAL C 375 -9.24 -18.50 29.61
C VAL C 375 -9.37 -17.52 30.76
N ASP C 376 -10.08 -16.42 30.53
CA ASP C 376 -10.37 -15.48 31.59
C ASP C 376 -11.69 -15.84 32.25
N LEU C 377 -11.70 -15.80 33.59
CA LEU C 377 -12.89 -16.12 34.37
C LEU C 377 -13.35 -14.85 35.08
N TRP C 378 -14.59 -14.47 34.83
CA TRP C 378 -15.14 -13.23 35.36
C TRP C 378 -16.17 -13.52 36.44
N PRO C 379 -15.82 -13.36 37.72
CA PRO C 379 -16.75 -13.73 38.78
C PRO C 379 -17.89 -12.73 38.91
N PHE C 380 -19.09 -13.26 39.11
CA PHE C 380 -20.29 -12.45 39.18
C PHE C 380 -21.06 -12.82 40.44
N TYR C 381 -21.72 -11.81 41.04
CA TYR C 381 -22.52 -11.99 42.24
C TYR C 381 -23.80 -11.18 42.11
N PRO C 382 -24.94 -11.70 42.56
CA PRO C 382 -26.20 -10.95 42.43
C PRO C 382 -26.38 -9.95 43.56
N ARG C 383 -26.79 -8.73 43.20
CA ARG C 383 -27.18 -7.70 44.15
C ARG C 383 -28.45 -7.04 43.62
N ASN C 384 -29.56 -7.27 44.31
CA ASN C 384 -30.89 -6.79 43.88
C ASN C 384 -31.24 -7.35 42.51
N GLY C 385 -31.05 -8.65 42.34
CA GLY C 385 -31.51 -9.37 41.16
C GLY C 385 -30.70 -9.17 39.90
N VAL C 386 -29.60 -8.43 39.95
CA VAL C 386 -28.76 -8.19 38.78
C VAL C 386 -27.35 -8.70 39.05
N MET C 387 -26.74 -9.30 38.04
CA MET C 387 -25.38 -9.83 38.14
C MET C 387 -24.39 -8.70 37.85
N THR C 388 -23.65 -8.27 38.88
CA THR C 388 -22.89 -7.03 38.76
C THR C 388 -21.66 -7.06 39.68
N LYS C 389 -20.53 -6.53 39.18
CA LYS C 389 -19.30 -6.39 39.96
C LYS C 389 -18.85 -4.94 40.02
N ASP C 390 -18.29 -4.53 41.16
CA ASP C 390 -17.79 -3.17 41.30
C ASP C 390 -16.41 -2.99 40.64
N THR C 391 -16.19 -3.59 39.47
CA THR C 391 -14.96 -3.40 38.72
C THR C 391 -15.21 -3.69 37.24
N TRP C 392 -14.72 -2.82 36.38
CA TRP C 392 -14.99 -2.92 34.95
C TRP C 392 -13.78 -2.44 34.16
N LEU C 393 -13.80 -2.72 32.85
CA LEU C 393 -12.85 -2.20 31.89
C LEU C 393 -13.59 -1.53 30.73
N ASP C 394 -12.83 -0.88 29.85
CA ASP C 394 -13.38 -0.04 28.79
C ASP C 394 -13.81 -0.85 27.56
N HIS C 395 -14.76 -1.75 27.79
CA HIS C 395 -15.42 -2.50 26.72
C HIS C 395 -16.92 -2.26 26.77
N ARG C 396 -17.54 -2.15 25.59
CA ARG C 396 -18.98 -1.93 25.52
C ARG C 396 -19.76 -3.09 26.13
N GLN C 397 -19.18 -4.30 26.11
CA GLN C 397 -19.88 -5.51 26.53
C GLN C 397 -19.55 -5.94 27.96
N ASP C 398 -18.72 -5.18 28.68
CA ASP C 398 -18.48 -5.42 30.11
C ASP C 398 -19.58 -4.71 30.87
N VAL C 399 -20.65 -5.42 31.21
CA VAL C 399 -21.92 -4.80 31.57
C VAL C 399 -22.67 -5.71 32.55
N GLU C 400 -23.50 -5.08 33.37
CA GLU C 400 -24.41 -5.77 34.28
C GLU C 400 -25.53 -6.48 33.50
N PHE C 401 -26.15 -7.47 34.10
CA PHE C 401 -27.26 -8.14 33.45
C PHE C 401 -28.13 -8.83 34.50
N PRO C 402 -29.45 -8.88 34.28
CA PRO C 402 -30.33 -9.54 35.25
C PRO C 402 -30.02 -11.04 35.37
N GLU C 403 -30.27 -11.58 36.57
CA GLU C 403 -29.88 -12.95 36.86
C GLU C 403 -30.73 -13.97 36.11
N HIS C 404 -31.96 -13.61 35.74
CA HIS C 404 -32.85 -14.57 35.08
C HIS C 404 -32.21 -15.18 33.83
N PHE C 405 -31.23 -14.50 33.24
CA PHE C 405 -30.47 -15.11 32.15
C PHE C 405 -29.71 -16.34 32.59
N LEU C 406 -29.43 -16.49 33.89
CA LEU C 406 -28.65 -17.60 34.41
C LEU C 406 -29.50 -18.70 35.06
N GLN C 407 -30.82 -18.53 35.13
CA GLN C 407 -31.71 -19.53 35.71
C GLN C 407 -32.82 -19.84 34.74
N PRO C 408 -32.75 -20.96 34.00
CA PRO C 408 -31.66 -21.93 34.04
C PRO C 408 -30.46 -21.51 33.17
N LEU C 409 -29.44 -22.37 33.10
CA LEU C 409 -28.42 -22.29 32.08
C LEU C 409 -28.77 -23.28 30.96
N VAL C 410 -28.08 -23.13 29.84
CA VAL C 410 -28.47 -23.87 28.64
C VAL C 410 -27.24 -24.51 28.01
N PRO C 411 -27.32 -25.76 27.55
CA PRO C 411 -26.22 -26.34 26.78
C PRO C 411 -26.10 -25.67 25.42
N LEU C 412 -24.84 -25.35 25.04
CA LEU C 412 -24.54 -24.74 23.76
C LEU C 412 -23.24 -25.34 23.25
N PRO C 413 -23.22 -25.91 22.04
CA PRO C 413 -21.96 -26.36 21.45
C PRO C 413 -20.96 -25.22 21.35
N PHE C 414 -19.71 -25.50 21.69
CA PHE C 414 -18.68 -24.48 21.66
C PHE C 414 -17.32 -25.16 21.60
N ALA C 415 -16.62 -24.99 20.48
CA ALA C 415 -15.20 -25.34 20.39
C ALA C 415 -14.93 -26.81 20.67
N GLY C 416 -15.85 -27.69 20.25
CA GLY C 416 -15.65 -29.12 20.31
C GLY C 416 -16.35 -29.82 21.44
N PHE C 417 -16.86 -29.09 22.42
CA PHE C 417 -17.59 -29.68 23.54
C PHE C 417 -18.88 -28.89 23.74
N VAL C 418 -19.66 -29.31 24.73
CA VAL C 418 -20.91 -28.66 25.06
C VAL C 418 -20.68 -27.87 26.34
N ALA C 419 -20.76 -26.54 26.23
CA ALA C 419 -20.59 -25.64 27.35
C ALA C 419 -21.93 -25.03 27.73
N GLN C 420 -21.96 -24.37 28.87
CA GLN C 420 -23.17 -23.75 29.36
C GLN C 420 -23.22 -22.28 28.96
N ALA C 421 -24.41 -21.81 28.66
CA ALA C 421 -24.67 -20.45 28.22
C ALA C 421 -25.84 -19.90 29.01
N PRO C 422 -25.94 -18.58 29.12
CA PRO C 422 -27.19 -17.99 29.61
C PRO C 422 -28.34 -18.45 28.73
N ASN C 423 -29.50 -18.64 29.34
CA ASN C 423 -30.70 -18.84 28.54
C ASN C 423 -31.00 -17.58 27.75
N ASN C 424 -31.77 -17.74 26.67
CA ASN C 424 -32.06 -16.63 25.75
C ASN C 424 -30.78 -15.90 25.38
N TYR C 425 -29.73 -16.68 25.08
CA TYR C 425 -28.41 -16.10 24.87
C TYR C 425 -28.43 -15.12 23.69
N ARG C 426 -29.26 -15.38 22.68
CA ARG C 426 -29.39 -14.45 21.57
C ARG C 426 -29.80 -13.06 22.06
N ARG C 427 -30.87 -12.99 22.86
CA ARG C 427 -31.16 -11.75 23.57
C ARG C 427 -29.93 -11.26 24.33
N PHE C 428 -29.53 -12.02 25.35
CA PHE C 428 -28.35 -11.72 26.17
C PHE C 428 -27.22 -11.06 25.39
N LEU C 429 -26.81 -11.68 24.27
CA LEU C 429 -25.72 -11.11 23.49
C LEU C 429 -26.12 -9.76 22.90
N GLU C 430 -27.39 -9.61 22.51
CA GLU C 430 -27.84 -8.33 21.97
C GLU C 430 -27.88 -7.24 23.02
N LEU C 431 -28.17 -7.59 24.28
CA LEU C 431 -28.08 -6.60 25.35
C LEU C 431 -26.66 -6.07 25.47
N LYS C 432 -25.67 -6.96 25.40
CA LYS C 432 -24.30 -6.56 25.71
C LYS C 432 -23.57 -5.99 24.50
N PHE C 433 -23.83 -6.51 23.30
CA PHE C 433 -23.16 -6.06 22.09
C PHE C 433 -24.03 -5.19 21.19
N GLY C 434 -25.36 -5.28 21.29
CA GLY C 434 -26.23 -4.56 20.40
C GLY C 434 -26.94 -5.49 19.44
N PRO C 435 -28.12 -5.08 18.96
CA PRO C 435 -28.91 -5.97 18.10
C PRO C 435 -28.16 -6.34 16.82
N GLY C 436 -28.43 -7.55 16.34
CA GLY C 436 -27.82 -8.04 15.12
C GLY C 436 -26.37 -8.46 15.23
N VAL C 437 -25.81 -8.51 16.44
CA VAL C 437 -24.37 -8.77 16.58
C VAL C 437 -24.02 -10.15 16.05
N ILE C 438 -24.90 -11.13 16.25
CA ILE C 438 -24.62 -12.49 15.80
C ILE C 438 -24.50 -12.54 14.28
N GLU C 439 -25.24 -11.69 13.59
CA GLU C 439 -25.27 -11.67 12.12
C GLU C 439 -24.34 -10.63 11.50
N ASN C 440 -23.60 -9.86 12.30
CA ASN C 440 -22.73 -8.79 11.78
C ASN C 440 -21.37 -8.83 12.47
N PRO C 441 -20.45 -9.66 11.96
CA PRO C 441 -19.12 -9.78 12.59
C PRO C 441 -18.29 -8.49 12.49
N GLN C 442 -17.30 -8.41 13.38
CA GLN C 442 -16.53 -7.19 13.65
C GLN C 442 -15.18 -7.58 14.26
N TYR C 443 -14.15 -6.78 14.02
CA TYR C 443 -12.88 -6.91 14.73
C TYR C 443 -12.96 -6.17 16.06
N PRO C 444 -11.95 -6.28 16.95
CA PRO C 444 -12.13 -5.76 18.31
C PRO C 444 -11.85 -4.28 18.53
N ASN C 445 -11.28 -3.56 17.56
CA ASN C 445 -11.02 -2.13 17.75
C ASN C 445 -10.61 -1.45 16.45
N PRO C 446 -11.57 -1.06 15.59
CA PRO C 446 -11.26 -0.05 14.57
C PRO C 446 -11.17 1.32 15.24
N ALA C 447 -9.99 1.95 15.47
CA ALA C 447 -8.65 1.92 14.81
C ALA C 447 -8.67 2.98 13.74
N LEU C 448 -7.48 3.42 13.32
CA LEU C 448 -7.36 4.40 12.26
C LEU C 448 -7.03 3.75 10.91
N LEU C 449 -7.32 2.45 10.76
CA LEU C 449 -6.92 1.71 9.57
C LEU C 449 -7.95 0.67 9.13
N SER C 450 -7.46 -0.48 8.67
CA SER C 450 -8.17 -1.36 7.73
C SER C 450 -8.89 -2.51 8.44
N LEU C 451 -10.11 -2.79 7.98
CA LEU C 451 -11.10 -3.70 8.58
C LEU C 451 -11.78 -3.00 9.75
N PRO D 7 19.76 16.20 -5.92
CA PRO D 7 19.80 16.70 -4.54
C PRO D 7 18.71 16.09 -3.66
N ARG D 8 18.14 14.96 -4.11
CA ARG D 8 17.08 14.29 -3.38
C ARG D 8 17.64 13.06 -2.67
N VAL D 9 17.27 12.89 -1.40
CA VAL D 9 17.85 11.87 -0.54
C VAL D 9 16.73 11.17 0.22
N THR D 10 16.75 9.83 0.20
CA THR D 10 15.80 9.03 0.95
C THR D 10 16.40 8.65 2.30
N VAL D 11 15.66 8.90 3.37
CA VAL D 11 16.05 8.42 4.69
C VAL D 11 15.64 6.96 4.82
N LEU D 12 16.60 6.11 5.20
CA LEU D 12 16.38 4.68 5.26
C LEU D 12 16.74 4.20 6.66
N VAL D 13 15.75 3.71 7.40
CA VAL D 13 15.90 3.27 8.78
C VAL D 13 15.88 1.75 8.83
N ARG D 14 16.94 1.17 9.38
CA ARG D 14 17.05 -0.29 9.44
C ARG D 14 17.34 -0.79 10.86
N GLU D 15 18.08 -0.01 11.64
CA GLU D 15 18.54 -0.44 12.96
C GLU D 15 17.61 0.12 14.03
N PHE D 16 16.66 -0.71 14.47
CA PHE D 16 15.78 -0.38 15.57
C PHE D 16 15.21 -1.67 16.14
N GLU D 17 14.77 -1.62 17.39
CA GLU D 17 14.13 -2.74 18.05
C GLU D 17 12.63 -2.50 18.10
N ALA D 18 11.86 -3.51 17.70
CA ALA D 18 10.40 -3.37 17.67
C ALA D 18 9.83 -3.10 19.06
N PHE D 19 10.41 -3.72 20.10
CA PHE D 19 9.86 -3.60 21.44
C PHE D 19 10.13 -2.25 22.09
N ASP D 20 11.07 -1.48 21.53
CA ASP D 20 11.54 -0.26 22.17
C ASP D 20 12.35 0.53 21.16
N ASN D 21 11.71 1.52 20.54
CA ASN D 21 12.37 2.29 19.50
C ASN D 21 11.89 3.73 19.58
N ALA D 22 12.61 4.60 18.89
CA ALA D 22 12.23 6.01 18.73
C ALA D 22 12.09 6.36 17.26
N VAL D 23 11.61 5.42 16.46
CA VAL D 23 11.48 5.59 15.02
C VAL D 23 10.37 6.58 14.66
N PRO D 24 9.23 6.59 15.37
CA PRO D 24 8.23 7.64 15.06
C PRO D 24 8.79 9.05 15.21
N GLU D 25 9.55 9.31 16.29
CA GLU D 25 10.15 10.64 16.44
C GLU D 25 11.19 10.89 15.36
N LEU D 26 12.03 9.90 15.07
CA LEU D 26 12.97 10.00 13.97
C LEU D 26 12.28 10.46 12.69
N VAL D 27 11.23 9.74 12.30
CA VAL D 27 10.57 10.01 11.02
C VAL D 27 9.88 11.36 11.05
N ASP D 28 9.14 11.64 12.13
CA ASP D 28 8.43 12.90 12.22
C ASP D 28 9.37 14.09 12.21
N SER D 29 10.59 13.92 12.73
CA SER D 29 11.55 15.03 12.76
C SER D 29 12.01 15.39 11.36
N PHE D 30 12.17 14.39 10.48
CA PHE D 30 12.55 14.69 9.10
C PHE D 30 11.38 15.30 8.34
N LEU D 31 10.17 14.80 8.59
CA LEU D 31 8.99 15.38 7.96
C LEU D 31 8.77 16.83 8.36
N GLN D 32 9.30 17.25 9.51
CA GLN D 32 9.19 18.66 9.89
C GLN D 32 10.01 19.56 8.98
N GLN D 33 11.12 19.05 8.44
CA GLN D 33 11.97 19.85 7.56
C GLN D 33 11.49 19.84 6.13
N ASP D 34 10.76 18.80 5.74
CA ASP D 34 10.18 18.64 4.41
C ASP D 34 9.03 17.65 4.54
N PRO D 35 7.78 18.08 4.38
CA PRO D 35 6.65 17.16 4.54
C PRO D 35 6.62 16.07 3.49
N ALA D 36 7.36 16.22 2.39
CA ALA D 36 7.41 15.22 1.33
C ALA D 36 8.71 14.42 1.33
N GLN D 37 9.49 14.51 2.41
CA GLN D 37 10.74 13.77 2.53
C GLN D 37 10.52 12.29 2.29
N PRO D 38 11.17 11.69 1.29
CA PRO D 38 11.09 10.23 1.12
C PRO D 38 11.74 9.51 2.29
N VAL D 39 10.99 8.60 2.91
CA VAL D 39 11.41 7.88 4.11
C VAL D 39 11.02 6.42 3.97
N VAL D 40 11.98 5.53 4.13
CA VAL D 40 11.75 4.09 4.07
C VAL D 40 12.18 3.47 5.40
N VAL D 41 11.25 2.83 6.08
CA VAL D 41 11.57 1.99 7.23
C VAL D 41 11.60 0.55 6.75
N ALA D 42 12.74 -0.10 6.94
CA ALA D 42 12.93 -1.47 6.50
C ALA D 42 12.92 -2.39 7.70
N ALA D 43 12.24 -3.53 7.57
CA ALA D 43 12.16 -4.51 8.63
C ALA D 43 12.02 -5.88 8.00
N ASP D 44 12.46 -6.91 8.73
CA ASP D 44 12.28 -8.27 8.24
C ASP D 44 10.82 -8.69 8.32
N THR D 45 10.23 -8.57 9.50
CA THR D 45 8.81 -8.78 9.70
C THR D 45 8.17 -7.47 10.13
N LEU D 46 6.85 -7.41 9.96
CA LEU D 46 6.07 -6.25 10.36
C LEU D 46 6.32 -5.93 11.83
N PRO D 47 6.88 -4.77 12.16
CA PRO D 47 7.12 -4.45 13.57
C PRO D 47 5.82 -4.38 14.37
N TYR D 48 5.87 -4.95 15.57
CA TYR D 48 4.78 -4.90 16.53
C TYR D 48 5.40 -4.72 17.91
N PRO D 49 4.88 -3.80 18.73
CA PRO D 49 3.71 -2.91 18.51
C PRO D 49 3.84 -2.00 17.29
N PRO D 50 2.71 -1.64 16.69
CA PRO D 50 2.75 -0.89 15.43
C PRO D 50 3.57 0.38 15.55
N LEU D 51 4.33 0.69 14.49
CA LEU D 51 5.08 1.94 14.47
C LEU D 51 4.14 3.13 14.29
N ALA D 52 2.98 2.93 13.68
CA ALA D 52 1.97 3.98 13.52
C ALA D 52 2.57 5.21 12.84
N LEU D 53 3.47 4.97 11.89
CA LEU D 53 4.03 5.98 11.01
C LEU D 53 2.90 6.75 10.34
N PRO D 54 3.13 7.99 9.90
CA PRO D 54 2.12 8.64 9.06
C PRO D 54 1.95 7.86 7.76
N ARG D 55 0.71 7.52 7.45
CA ARG D 55 0.42 6.78 6.22
C ARG D 55 0.24 7.76 5.08
N ILE D 56 1.37 8.32 4.67
CA ILE D 56 1.45 9.24 3.55
C ILE D 56 2.31 8.58 2.48
N PRO D 57 2.18 8.99 1.22
CA PRO D 57 2.87 8.24 0.16
C PRO D 57 4.39 8.21 0.28
N ASN D 58 5.00 9.23 0.87
CA ASN D 58 6.46 9.36 0.93
C ASN D 58 7.08 8.66 2.12
N VAL D 59 6.28 8.02 2.97
CA VAL D 59 6.77 7.21 4.08
C VAL D 59 6.31 5.79 3.85
N ARG D 60 7.26 4.86 3.76
CA ARG D 60 6.92 3.50 3.37
C ARG D 60 7.63 2.49 4.26
N LEU D 61 6.95 1.37 4.49
CA LEU D 61 7.46 0.26 5.28
C LEU D 61 7.85 -0.85 4.31
N ALA D 62 9.14 -1.19 4.29
CA ALA D 62 9.68 -2.20 3.39
C ALA D 62 9.93 -3.49 4.18
N LEU D 63 9.16 -4.52 3.88
CA LEU D 63 9.30 -5.82 4.52
C LEU D 63 10.21 -6.70 3.67
N LEU D 64 11.35 -7.08 4.22
CA LEU D 64 12.41 -7.74 3.45
C LEU D 64 12.33 -9.26 3.48
N GLN D 65 11.35 -9.84 4.15
CA GLN D 65 11.44 -11.29 4.07
C GLN D 65 10.48 -11.85 3.02
N PRO D 66 10.76 -13.04 2.49
CA PRO D 66 9.86 -13.66 1.53
C PRO D 66 8.45 -13.86 2.11
N ALA D 67 7.49 -13.95 1.20
CA ALA D 67 6.09 -14.08 1.56
C ALA D 67 5.33 -14.74 0.41
N LEU D 68 4.40 -15.62 0.76
CA LEU D 68 3.68 -16.38 -0.25
C LEU D 68 2.89 -15.48 -1.20
N ASP D 69 2.48 -14.31 -0.72
CA ASP D 69 1.54 -13.44 -1.44
C ASP D 69 2.20 -12.13 -1.89
N ARG D 70 3.50 -12.14 -2.14
CA ARG D 70 4.19 -10.94 -2.58
C ARG D 70 5.15 -11.30 -3.70
N PRO D 71 5.39 -10.38 -4.64
CA PRO D 71 6.33 -10.67 -5.72
C PRO D 71 7.76 -10.50 -5.23
N ALA D 72 8.69 -11.06 -6.03
CA ALA D 72 10.11 -10.94 -5.71
C ALA D 72 10.51 -9.51 -5.40
N ALA D 73 9.95 -8.54 -6.14
CA ALA D 73 10.35 -7.15 -5.99
C ALA D 73 9.98 -6.60 -4.62
N ALA D 74 8.90 -7.10 -4.01
CA ALA D 74 8.42 -6.54 -2.75
C ALA D 74 9.45 -6.57 -1.63
N SER D 75 10.43 -7.47 -1.70
CA SER D 75 11.48 -7.54 -0.68
C SER D 75 12.80 -6.92 -1.11
N ARG D 76 12.91 -6.47 -2.36
CA ARG D 76 14.16 -5.87 -2.85
C ARG D 76 14.19 -4.39 -2.53
N PRO D 77 15.07 -3.91 -1.65
CA PRO D 77 14.93 -2.54 -1.12
C PRO D 77 15.13 -1.44 -2.14
N GLU D 78 15.96 -1.64 -3.18
CA GLU D 78 16.16 -0.58 -4.16
C GLU D 78 14.84 -0.18 -4.81
N THR D 79 13.88 -1.09 -4.85
CA THR D 79 12.59 -0.85 -5.47
C THR D 79 11.73 0.14 -4.66
N TYR D 80 12.08 0.40 -3.40
CA TYR D 80 11.42 1.42 -2.60
C TYR D 80 12.14 2.77 -2.63
N VAL D 81 13.33 2.84 -3.20
CA VAL D 81 14.14 4.05 -3.20
C VAL D 81 14.31 4.51 -4.64
N ALA D 82 13.85 5.74 -4.92
CA ALA D 82 13.92 6.29 -6.26
C ALA D 82 14.97 7.37 -6.43
N THR D 83 15.47 7.95 -5.33
CA THR D 83 16.39 9.06 -5.39
C THR D 83 17.81 8.57 -5.69
N GLU D 84 18.70 9.53 -5.95
CA GLU D 84 20.09 9.20 -6.24
C GLU D 84 20.85 8.79 -4.98
N PHE D 85 20.55 9.44 -3.86
CA PHE D 85 21.28 9.24 -2.61
C PHE D 85 20.36 8.65 -1.55
N VAL D 86 20.97 7.92 -0.62
CA VAL D 86 20.27 7.31 0.51
C VAL D 86 21.05 7.61 1.78
N ALA D 87 20.34 7.89 2.87
CA ALA D 87 20.96 8.11 4.18
C ALA D 87 20.44 7.06 5.14
N LEU D 88 21.32 6.18 5.60
CA LEU D 88 21.00 5.26 6.67
C LEU D 88 21.02 6.01 7.99
N VAL D 89 19.90 6.01 8.70
CA VAL D 89 19.77 6.73 9.96
C VAL D 89 19.48 5.69 11.05
N PRO D 90 20.30 5.60 12.09
CA PRO D 90 20.01 4.67 13.18
C PRO D 90 18.93 5.22 14.09
N ASP D 91 18.21 4.30 14.73
CA ASP D 91 17.27 4.70 15.77
C ASP D 91 18.00 5.48 16.86
N GLY D 92 17.28 6.41 17.47
CA GLY D 92 17.87 7.34 18.42
C GLY D 92 18.36 8.63 17.81
N ALA D 93 18.33 8.76 16.49
CA ALA D 93 18.79 9.95 15.79
C ALA D 93 17.59 10.82 15.41
N ARG D 94 17.88 12.00 14.86
CA ARG D 94 16.83 12.96 14.60
C ARG D 94 17.36 14.13 13.79
N ALA D 95 16.50 14.68 12.93
CA ALA D 95 16.80 15.89 12.18
C ALA D 95 16.25 17.10 12.93
N GLU D 96 17.12 18.07 13.20
CA GLU D 96 16.76 19.31 13.87
C GLU D 96 17.02 20.49 12.93
N ALA D 97 18.28 20.86 12.83
CA ALA D 97 18.69 21.90 11.90
C ALA D 97 18.38 21.45 10.48
N PRO D 98 17.86 22.32 9.62
CA PRO D 98 17.57 21.92 8.24
C PRO D 98 18.82 21.82 7.38
N GLY D 99 18.69 21.09 6.29
CA GLY D 99 19.71 21.02 5.26
C GLY D 99 20.84 20.04 5.51
N LEU D 100 20.83 19.32 6.64
CA LEU D 100 22.00 18.48 6.96
C LEU D 100 22.21 17.39 5.92
N LEU D 101 21.13 16.84 5.36
CA LEU D 101 21.30 15.84 4.30
C LEU D 101 21.92 16.47 3.05
N GLU D 102 21.46 17.67 2.68
CA GLU D 102 22.04 18.36 1.53
C GLU D 102 23.53 18.61 1.72
N ARG D 103 23.93 19.01 2.94
CA ARG D 103 25.35 19.22 3.22
C ARG D 103 26.14 17.93 3.02
N MET D 104 25.63 16.82 3.56
CA MET D 104 26.32 15.54 3.41
C MET D 104 26.43 15.15 1.94
N VAL D 105 25.41 15.48 1.14
CA VAL D 105 25.51 15.29 -0.29
C VAL D 105 26.60 16.16 -0.87
N GLU D 106 26.65 17.43 -0.45
CA GLU D 106 27.71 18.33 -0.89
C GLU D 106 29.08 17.74 -0.59
N ALA D 107 29.28 17.24 0.64
CA ALA D 107 30.57 16.65 1.00
C ALA D 107 30.89 15.44 0.12
N LEU D 108 29.88 14.57 -0.12
CA LEU D 108 30.11 13.38 -0.91
C LEU D 108 30.60 13.73 -2.32
N ARG D 109 30.00 14.74 -2.94
CA ARG D 109 30.36 15.08 -4.31
C ARG D 109 31.70 15.80 -4.39
N ALA D 110 32.10 16.51 -3.33
CA ALA D 110 33.39 17.17 -3.33
C ALA D 110 34.51 16.24 -2.88
N GLY D 111 34.24 15.31 -1.97
CA GLY D 111 35.25 14.40 -1.48
C GLY D 111 35.55 13.28 -2.45
N SER D 112 36.39 12.34 -1.99
CA SER D 112 36.75 11.16 -2.77
C SER D 112 36.25 9.87 -2.15
N ALA D 113 35.64 9.93 -0.97
CA ALA D 113 35.09 8.74 -0.34
C ALA D 113 33.73 8.40 -0.92
N ARG D 114 33.49 7.11 -1.16
CA ARG D 114 32.19 6.67 -1.66
C ARG D 114 31.11 6.78 -0.60
N LEU D 115 31.48 6.91 0.67
CA LEU D 115 30.53 7.03 1.76
C LEU D 115 30.91 8.22 2.62
N VAL D 116 29.92 8.98 3.06
CA VAL D 116 30.15 10.02 4.07
C VAL D 116 29.23 9.72 5.24
N ALA D 117 29.63 10.21 6.41
CA ALA D 117 28.90 9.89 7.62
C ALA D 117 29.00 11.05 8.60
N ALA D 118 27.99 11.16 9.45
CA ALA D 118 27.91 12.18 10.47
C ALA D 118 27.53 11.51 11.78
N PRO D 119 28.30 11.70 12.85
CA PRO D 119 27.93 11.10 14.14
C PRO D 119 26.56 11.56 14.61
N VAL D 120 25.86 10.69 15.30
CA VAL D 120 24.69 11.07 16.07
C VAL D 120 25.14 11.29 17.51
N ALA D 121 24.70 12.40 18.10
CA ALA D 121 25.16 12.80 19.44
C ALA D 121 24.48 11.96 20.53
N THR D 122 24.64 10.64 20.41
CA THR D 122 24.15 9.72 21.42
C THR D 122 25.24 9.47 22.45
N ALA D 123 25.06 8.44 23.28
CA ALA D 123 26.11 8.01 24.20
C ALA D 123 27.19 7.20 23.51
N ASN D 124 26.99 6.82 22.24
CA ASN D 124 27.98 6.12 21.44
C ASN D 124 28.09 6.78 20.07
N PRO D 125 28.62 8.00 20.01
CA PRO D 125 28.81 8.64 18.70
C PRO D 125 29.84 7.87 17.88
N ALA D 126 29.62 7.85 16.57
CA ALA D 126 30.45 7.05 15.69
C ALA D 126 31.92 7.45 15.81
N ARG D 127 32.76 6.46 16.00
CA ARG D 127 34.20 6.62 15.94
C ARG D 127 34.73 5.95 14.69
N CYS D 128 35.86 6.44 14.23
CA CYS D 128 36.49 5.95 13.01
C CYS D 128 37.40 4.75 13.29
N LEU D 129 37.37 3.78 12.38
CA LEU D 129 38.14 2.56 12.55
C LEU D 129 38.76 2.14 11.23
N ALA D 130 39.97 1.57 11.33
CA ALA D 130 40.56 0.81 10.24
C ALA D 130 39.98 -0.59 10.24
N LEU D 131 39.98 -1.21 9.06
CA LEU D 131 39.39 -2.55 8.94
C LEU D 131 39.93 -3.24 7.71
N ASN D 132 40.39 -4.47 7.90
CA ASN D 132 41.02 -5.29 6.88
C ASN D 132 40.28 -6.62 6.88
N VAL D 133 39.77 -7.03 5.71
CA VAL D 133 38.94 -8.23 5.58
C VAL D 133 39.72 -9.28 4.79
N SER D 134 39.84 -10.47 5.36
CA SER D 134 40.51 -11.58 4.70
C SER D 134 39.52 -12.75 4.62
N LEU D 135 38.79 -12.84 3.51
CA LEU D 135 37.87 -13.96 3.33
C LEU D 135 38.61 -15.29 3.33
N ARG D 136 39.82 -15.31 2.77
CA ARG D 136 40.59 -16.55 2.73
C ARG D 136 40.86 -17.09 4.13
N GLU D 137 40.96 -16.21 5.13
CA GLU D 137 41.25 -16.59 6.50
C GLU D 137 40.05 -16.40 7.42
N TRP D 138 38.86 -16.18 6.85
CA TRP D 138 37.62 -16.05 7.62
C TRP D 138 37.75 -15.02 8.74
N THR D 139 38.48 -13.95 8.47
CA THR D 139 38.88 -13.03 9.53
C THR D 139 38.69 -11.59 9.10
N ALA D 140 38.13 -10.78 10.00
CA ALA D 140 38.09 -9.34 9.87
C ALA D 140 38.91 -8.73 11.00
N ARG D 141 39.79 -7.79 10.67
CA ARG D 141 40.70 -7.18 11.63
C ARG D 141 40.43 -5.69 11.70
N TYR D 142 40.08 -5.20 12.89
CA TYR D 142 39.83 -3.79 13.12
C TYR D 142 40.98 -3.16 13.90
N GLY D 143 41.13 -1.86 13.76
CA GLY D 143 42.10 -1.12 14.53
C GLY D 143 41.78 0.37 14.47
N ALA D 144 42.67 1.15 15.07
CA ALA D 144 42.56 2.60 14.98
C ALA D 144 42.85 3.07 13.56
N ALA D 145 42.18 4.13 13.16
CA ALA D 145 42.29 4.63 11.79
C ALA D 145 43.49 5.54 11.65
N PRO D 146 44.48 5.21 10.82
CA PRO D 146 45.61 6.12 10.62
C PRO D 146 45.24 7.39 9.88
N ALA D 147 44.31 7.33 8.93
CA ALA D 147 43.99 8.46 8.07
C ALA D 147 42.65 9.10 8.41
N ALA D 148 42.15 8.91 9.62
CA ALA D 148 40.91 9.55 10.04
C ALA D 148 41.01 11.06 9.77
N PRO D 149 39.94 11.71 9.29
CA PRO D 149 38.57 11.17 9.13
C PRO D 149 38.32 10.29 7.89
N ARG D 150 39.36 9.85 7.20
CA ARG D 150 39.19 8.83 6.16
C ARG D 150 39.24 7.45 6.81
N CYS D 151 38.23 6.62 6.55
CA CYS D 151 38.02 5.45 7.38
C CYS D 151 37.51 4.27 6.59
N ASP D 152 37.82 3.06 7.08
CA ASP D 152 37.33 1.81 6.52
C ASP D 152 35.99 1.41 7.10
N ALA D 153 35.76 1.72 8.37
CA ALA D 153 34.55 1.31 9.06
C ALA D 153 34.30 2.29 10.20
N LEU D 154 33.11 2.21 10.76
CA LEU D 154 32.71 3.04 11.88
C LEU D 154 32.25 2.15 13.03
N ASP D 155 32.41 2.67 14.25
CA ASP D 155 31.91 2.04 15.46
C ASP D 155 31.02 3.03 16.17
N GLY D 156 29.74 2.72 16.29
CA GLY D 156 28.80 3.58 16.96
C GLY D 156 27.83 4.24 16.00
N ASP D 157 27.11 5.22 16.53
CA ASP D 157 25.94 5.78 15.85
C ASP D 157 26.35 6.85 14.85
N ALA D 158 25.89 6.71 13.61
CA ALA D 158 26.14 7.71 12.58
C ALA D 158 25.06 7.62 11.50
N VAL D 159 24.81 8.75 10.87
CA VAL D 159 24.06 8.78 9.63
C VAL D 159 25.04 8.59 8.49
N VAL D 160 24.85 7.55 7.70
CA VAL D 160 25.71 7.23 6.56
C VAL D 160 24.94 7.54 5.28
N LEU D 161 25.55 8.32 4.41
CA LEU D 161 24.95 8.68 3.13
C LEU D 161 25.83 8.16 2.00
N LEU D 162 25.20 7.52 1.01
CA LEU D 162 25.90 7.07 -0.18
C LEU D 162 24.91 7.05 -1.34
N ARG D 163 25.43 6.84 -2.54
CA ARG D 163 24.55 6.69 -3.70
C ARG D 163 23.80 5.38 -3.63
N ALA D 164 22.54 5.41 -4.05
CA ALA D 164 21.70 4.23 -3.97
C ALA D 164 22.22 3.12 -4.88
N ARG D 165 22.76 3.49 -6.04
CA ARG D 165 23.37 2.48 -6.91
C ARG D 165 24.55 1.80 -6.24
N ASP D 166 25.21 2.48 -5.31
CA ASP D 166 26.34 1.89 -4.59
C ASP D 166 25.85 0.97 -3.47
N LEU D 167 24.87 1.42 -2.69
CA LEU D 167 24.37 0.62 -1.58
C LEU D 167 23.71 -0.66 -2.08
N PHE D 168 22.88 -0.55 -3.12
CA PHE D 168 22.01 -1.65 -3.50
C PHE D 168 22.66 -2.61 -4.49
N ASN D 169 23.86 -2.30 -4.98
CA ASN D 169 24.59 -3.32 -5.71
C ASN D 169 25.41 -4.21 -4.78
N LEU D 170 25.50 -3.88 -3.49
CA LEU D 170 26.10 -4.79 -2.53
C LEU D 170 25.23 -6.04 -2.40
N SER D 171 25.85 -7.12 -1.92
CA SER D 171 25.12 -8.39 -1.83
C SER D 171 24.15 -8.42 -0.67
N ALA D 172 24.42 -7.68 0.39
CA ALA D 172 23.58 -7.67 1.59
C ALA D 172 23.53 -6.25 2.14
N PRO D 173 22.88 -5.34 1.42
CA PRO D 173 22.96 -3.90 1.80
C PRO D 173 22.38 -3.59 3.16
N LEU D 174 21.36 -4.33 3.60
CA LEU D 174 20.66 -4.02 4.84
C LEU D 174 20.75 -5.14 5.87
N ALA D 175 21.74 -6.04 5.75
CA ALA D 175 21.91 -7.09 6.74
C ALA D 175 22.24 -6.49 8.10
N ARG D 176 21.68 -7.07 9.15
CA ARG D 176 21.89 -6.52 10.47
C ARG D 176 22.96 -7.29 11.23
N PRO D 177 23.77 -6.62 12.06
CA PRO D 177 23.77 -5.17 12.26
C PRO D 177 24.36 -4.43 11.06
N VAL D 178 23.75 -3.32 10.66
CA VAL D 178 24.24 -2.56 9.53
C VAL D 178 25.66 -2.06 9.80
N GLY D 179 25.92 -1.61 11.03
CA GLY D 179 27.24 -1.09 11.36
C GLY D 179 28.35 -2.10 11.13
N THR D 180 28.06 -3.39 11.34
CA THR D 180 29.05 -4.41 11.01
C THR D 180 28.98 -4.77 9.53
N SER D 181 27.79 -5.11 9.04
CA SER D 181 27.64 -5.67 7.70
C SER D 181 28.07 -4.70 6.61
N LEU D 182 27.69 -3.43 6.73
CA LEU D 182 27.93 -2.48 5.65
C LEU D 182 29.42 -2.31 5.38
N PHE D 183 30.19 -2.02 6.43
CA PHE D 183 31.60 -1.67 6.22
C PHE D 183 32.45 -2.88 5.89
N LEU D 184 32.06 -4.07 6.34
CA LEU D 184 32.72 -5.27 5.85
C LEU D 184 32.66 -5.34 4.33
N GLN D 185 31.51 -5.01 3.74
CA GLN D 185 31.35 -5.11 2.29
C GLN D 185 32.02 -3.94 1.58
N THR D 186 31.96 -2.74 2.16
CA THR D 186 32.55 -1.59 1.49
C THR D 186 34.07 -1.58 1.62
N ALA D 187 34.60 -1.96 2.79
CA ALA D 187 36.05 -2.03 2.95
C ALA D 187 36.65 -3.09 2.03
N LEU D 188 35.98 -4.24 1.91
CA LEU D 188 36.46 -5.29 1.01
C LEU D 188 36.54 -4.81 -0.42
N ARG D 189 35.71 -3.83 -0.80
CA ARG D 189 35.76 -3.23 -2.12
C ARG D 189 36.78 -2.11 -2.24
N GLY D 190 37.46 -1.76 -1.15
CA GLY D 190 38.37 -0.64 -1.16
C GLY D 190 37.69 0.71 -1.05
N TRP D 191 36.41 0.75 -0.72
CA TRP D 191 35.73 2.03 -0.50
C TRP D 191 36.09 2.58 0.87
N ALA D 192 36.12 3.90 0.96
CA ALA D 192 36.36 4.59 2.21
C ALA D 192 35.10 5.34 2.63
N VAL D 193 34.94 5.52 3.93
CA VAL D 193 33.93 6.39 4.50
C VAL D 193 34.63 7.60 5.08
N GLN D 194 34.12 8.79 4.78
CA GLN D 194 34.65 10.02 5.37
C GLN D 194 33.74 10.43 6.52
N LEU D 195 34.34 10.59 7.70
CA LEU D 195 33.59 10.95 8.90
C LEU D 195 33.55 12.47 8.99
N LEU D 196 32.42 13.05 8.57
CA LEU D 196 32.31 14.49 8.48
C LEU D 196 32.20 15.12 9.86
N ASP D 197 32.21 16.46 9.88
CA ASP D 197 32.12 17.23 11.12
C ASP D 197 30.69 17.46 11.58
N LEU D 198 29.71 17.21 10.72
CA LEU D 198 28.32 17.40 11.09
C LEU D 198 27.90 16.37 12.13
N THR D 199 27.05 16.80 13.06
CA THR D 199 26.48 15.91 14.06
C THR D 199 24.96 16.01 13.99
N PHE D 200 24.30 14.86 14.00
CA PHE D 200 22.85 14.81 14.16
C PHE D 200 22.52 14.76 15.65
N ALA D 201 21.44 15.43 16.02
CA ALA D 201 21.01 15.38 17.41
C ALA D 201 20.40 14.02 17.75
N ALA D 202 20.37 13.73 19.04
CA ALA D 202 19.71 12.52 19.51
C ALA D 202 18.23 12.77 19.71
N ALA D 203 17.47 11.68 19.84
CA ALA D 203 16.05 11.80 20.15
C ALA D 203 15.86 12.39 21.54
N ARG D 204 14.73 13.07 21.74
CA ARG D 204 14.43 13.60 23.08
C ARG D 204 13.95 12.51 24.01
N GLN D 205 13.17 11.58 23.49
CA GLN D 205 12.79 10.41 24.26
C GLN D 205 13.55 9.24 23.68
N PRO D 206 14.81 9.06 24.06
CA PRO D 206 15.63 8.04 23.40
C PRO D 206 15.07 6.64 23.70
N PRO D 207 15.30 5.72 22.79
CA PRO D 207 14.88 4.33 23.07
C PRO D 207 15.82 3.68 24.07
N LEU D 208 15.36 2.56 24.62
CA LEU D 208 16.16 1.74 25.54
C LEU D 208 16.56 2.53 26.78
N ALA D 209 15.56 3.14 27.43
CA ALA D 209 15.81 4.05 28.55
C ALA D 209 16.07 3.33 29.86
N THR D 210 15.62 2.09 30.01
CA THR D 210 15.86 1.30 31.21
C THR D 210 17.00 0.33 30.97
N ALA D 211 17.72 -0.02 32.03
CA ALA D 211 18.80 -1.00 31.92
C ALA D 211 18.28 -2.35 31.45
N HIS D 212 17.05 -2.70 31.82
CA HIS D 212 16.42 -3.92 31.33
C HIS D 212 16.32 -3.91 29.80
N ALA D 213 15.88 -2.78 29.23
CA ALA D 213 15.63 -2.73 27.79
C ALA D 213 16.91 -2.81 26.98
N ARG D 214 17.96 -2.09 27.38
CA ARG D 214 19.21 -2.13 26.64
C ARG D 214 19.89 -3.47 26.78
N TRP D 215 19.66 -4.16 27.90
CA TRP D 215 20.15 -5.52 28.05
C TRP D 215 19.48 -6.46 27.04
N LYS D 216 18.16 -6.33 26.86
CA LYS D 216 17.48 -7.09 25.81
C LYS D 216 18.04 -6.75 24.44
N ALA D 217 18.14 -5.45 24.13
CA ALA D 217 18.58 -5.03 22.80
C ALA D 217 19.98 -5.55 22.50
N GLU D 218 20.89 -5.43 23.47
CA GLU D 218 22.26 -5.86 23.23
C GLU D 218 22.35 -7.37 23.07
N ARG D 219 21.56 -8.14 23.83
CA ARG D 219 21.54 -9.59 23.64
C ARG D 219 21.06 -9.94 22.24
N GLU D 220 19.93 -9.39 21.82
CA GLU D 220 19.44 -9.65 20.47
C GLU D 220 20.37 -9.06 19.43
N GLY D 221 20.99 -7.91 19.73
CA GLY D 221 22.02 -7.39 18.84
C GLY D 221 23.19 -8.36 18.69
N ARG D 222 23.62 -8.97 19.80
CA ARG D 222 24.72 -9.92 19.75
C ARG D 222 24.34 -11.15 18.92
N ALA D 223 23.12 -11.66 19.12
CA ALA D 223 22.67 -12.80 18.32
C ALA D 223 22.67 -12.48 16.82
N ARG D 224 22.16 -11.30 16.45
CA ARG D 224 22.15 -10.93 15.04
C ARG D 224 23.55 -10.84 14.46
N ARG D 225 24.49 -10.26 15.22
CA ARG D 225 25.87 -10.14 14.74
C ARG D 225 26.51 -11.51 14.54
N ALA D 226 26.28 -12.44 15.48
CA ALA D 226 26.85 -13.77 15.34
C ALA D 226 26.29 -14.49 14.12
N ALA D 227 24.96 -14.41 13.92
CA ALA D 227 24.35 -15.02 12.74
C ALA D 227 24.84 -14.36 11.46
N LEU D 228 25.05 -13.03 11.51
CA LEU D 228 25.59 -12.32 10.36
C LEU D 228 26.99 -12.81 9.99
N LEU D 229 27.88 -12.87 10.98
CA LEU D 229 29.26 -13.25 10.68
C LEU D 229 29.35 -14.70 10.20
N ARG D 230 28.55 -15.58 10.79
CA ARG D 230 28.54 -16.96 10.32
C ARG D 230 28.00 -17.06 8.91
N ALA D 231 26.94 -16.30 8.59
CA ALA D 231 26.34 -16.38 7.26
C ALA D 231 27.33 -15.90 6.19
N LEU D 232 28.20 -14.94 6.52
CA LEU D 232 29.08 -14.32 5.54
C LEU D 232 30.54 -14.76 5.66
N GLY D 233 30.83 -15.80 6.43
CA GLY D 233 32.16 -16.37 6.43
C GLY D 233 33.20 -15.64 7.25
N ILE D 234 32.80 -14.95 8.31
CA ILE D 234 33.74 -14.39 9.27
C ILE D 234 33.66 -15.26 10.51
N ARG D 235 34.70 -16.07 10.73
CA ARG D 235 34.82 -16.89 11.93
C ARG D 235 35.51 -16.16 13.07
N LEU D 236 36.29 -15.13 12.77
CA LEU D 236 37.10 -14.46 13.77
C LEU D 236 37.10 -12.97 13.49
N VAL D 237 36.86 -12.18 14.53
CA VAL D 237 37.09 -10.74 14.50
C VAL D 237 38.19 -10.43 15.50
N SER D 238 39.22 -9.72 15.05
CA SER D 238 40.35 -9.38 15.89
C SER D 238 40.53 -7.87 15.90
N TRP D 239 41.11 -7.37 16.99
CA TRP D 239 41.35 -5.96 17.15
C TRP D 239 42.82 -5.73 17.46
N GLU D 240 43.33 -4.58 17.02
CA GLU D 240 44.57 -4.06 17.59
C GLU D 240 44.44 -4.06 19.10
N GLY D 241 45.51 -4.48 19.78
CA GLY D 241 45.46 -4.71 21.21
C GLY D 241 45.27 -6.16 21.58
N GLY D 242 44.78 -7.00 20.67
CA GLY D 242 44.74 -8.43 20.87
C GLY D 242 43.36 -9.03 21.09
N ARG D 243 42.32 -8.21 21.27
CA ARG D 243 41.00 -8.76 21.52
C ARG D 243 40.54 -9.62 20.35
N LEU D 244 40.00 -10.79 20.67
CA LEU D 244 39.56 -11.76 19.67
C LEU D 244 38.09 -12.08 19.89
N GLU D 245 37.32 -12.07 18.81
CA GLU D 245 35.91 -12.43 18.83
C GLU D 245 35.70 -13.66 17.97
N TRP D 246 35.30 -14.76 18.59
CA TRP D 246 35.16 -16.05 17.90
C TRP D 246 33.70 -16.31 17.54
N PHE D 247 33.49 -16.84 16.34
CA PHE D 247 32.16 -17.13 15.81
C PHE D 247 32.17 -18.43 15.03
N GLY D 248 32.95 -19.40 15.51
CA GLY D 248 33.11 -20.67 14.82
C GLY D 248 32.83 -21.84 15.74
N CYS D 249 33.61 -22.89 15.56
CA CYS D 249 33.47 -24.13 16.32
C CYS D 249 34.22 -24.05 17.64
N ASN D 250 33.87 -24.96 18.54
CA ASN D 250 34.47 -25.02 19.87
C ASN D 250 34.34 -26.46 20.37
N LYS D 251 34.54 -26.66 21.67
CA LYS D 251 34.59 -28.01 22.21
C LYS D 251 33.25 -28.73 22.10
N GLU D 252 32.14 -27.99 22.11
CA GLU D 252 30.82 -28.61 22.14
C GLU D 252 30.13 -28.67 20.79
N THR D 253 30.76 -28.18 19.72
CA THR D 253 30.17 -28.21 18.40
C THR D 253 30.88 -29.22 17.52
N THR D 254 30.34 -29.38 16.31
CA THR D 254 31.07 -30.02 15.24
C THR D 254 32.19 -29.09 14.79
N ARG D 255 33.19 -29.67 14.14
CA ARG D 255 34.14 -28.83 13.42
C ARG D 255 33.42 -28.18 12.22
N CYS D 256 34.11 -27.22 11.59
CA CYS D 256 33.43 -26.38 10.62
C CYS D 256 33.30 -27.03 9.24
N PHE D 257 34.07 -28.09 8.95
CA PHE D 257 34.05 -28.70 7.63
C PHE D 257 33.82 -30.20 7.76
N GLY D 258 33.09 -30.75 6.78
CA GLY D 258 32.77 -32.15 6.77
C GLY D 258 33.96 -33.01 6.37
N THR D 259 33.72 -34.33 6.35
CA THR D 259 34.73 -35.30 5.96
C THR D 259 35.44 -34.88 4.69
N VAL D 260 36.75 -35.08 4.66
CA VAL D 260 37.61 -34.62 3.58
C VAL D 260 37.73 -35.73 2.55
N VAL D 261 37.42 -35.42 1.29
CA VAL D 261 37.65 -36.34 0.18
C VAL D 261 38.81 -35.84 -0.65
N GLY D 262 39.56 -36.77 -1.22
CA GLY D 262 40.70 -36.43 -2.06
C GLY D 262 41.76 -35.60 -1.38
N ASP D 263 41.88 -35.72 -0.05
CA ASP D 263 42.85 -34.95 0.74
C ASP D 263 42.72 -33.44 0.51
N THR D 264 41.54 -33.01 0.06
CA THR D 264 41.30 -31.62 -0.31
C THR D 264 40.01 -31.16 0.36
N PRO D 265 40.09 -30.47 1.49
CA PRO D 265 38.89 -30.13 2.24
C PRO D 265 37.99 -29.16 1.47
N ALA D 266 36.75 -29.04 1.96
CA ALA D 266 35.75 -28.23 1.28
C ALA D 266 36.20 -26.79 1.13
N TYR D 267 36.90 -26.25 2.14
CA TYR D 267 37.17 -24.82 2.14
C TYR D 267 38.15 -24.41 1.05
N LEU D 268 39.02 -25.32 0.61
CA LEU D 268 39.95 -24.99 -0.46
C LEU D 268 39.22 -24.73 -1.78
N TYR D 269 38.19 -25.53 -2.07
CA TYR D 269 37.40 -25.30 -3.28
C TYR D 269 36.65 -24.00 -3.23
N GLU D 270 36.39 -23.46 -2.04
CA GLU D 270 35.83 -22.13 -1.89
C GLU D 270 36.90 -21.05 -1.91
N GLU D 271 38.12 -21.41 -2.30
CA GLU D 271 39.25 -20.49 -2.30
C GLU D 271 39.47 -19.87 -0.92
N ARG D 272 39.25 -20.68 0.11
CA ARG D 272 39.50 -20.29 1.49
C ARG D 272 40.42 -21.32 2.15
N TRP D 273 41.05 -20.92 3.23
CA TRP D 273 41.95 -21.78 3.98
C TRP D 273 41.21 -22.36 5.19
N THR D 274 41.96 -22.96 6.11
CA THR D 274 41.32 -23.60 7.27
C THR D 274 40.69 -22.54 8.16
N PRO D 275 39.42 -22.70 8.55
CA PRO D 275 38.78 -21.75 9.46
C PRO D 275 39.65 -21.55 10.70
N PRO D 276 39.84 -20.29 11.13
CA PRO D 276 40.75 -20.03 12.25
C PRO D 276 40.32 -20.69 13.54
N CYS D 277 39.03 -20.97 13.71
CA CYS D 277 38.56 -21.68 14.90
C CYS D 277 38.99 -23.14 14.86
N CYS D 278 38.96 -23.76 13.68
CA CYS D 278 39.44 -25.13 13.54
C CYS D 278 40.94 -25.23 13.81
N LEU D 279 41.71 -24.24 13.33
CA LEU D 279 43.14 -24.22 13.64
C LEU D 279 43.38 -24.02 15.12
N ARG D 280 42.59 -23.16 15.76
CA ARG D 280 42.72 -22.98 17.20
C ARG D 280 42.52 -24.30 17.93
N ALA D 281 41.45 -25.03 17.59
CA ALA D 281 41.19 -26.33 18.20
C ALA D 281 42.36 -27.28 17.97
N LEU D 282 42.92 -27.28 16.75
CA LEU D 282 44.06 -28.14 16.46
C LEU D 282 45.26 -27.79 17.32
N ARG D 283 45.56 -26.51 17.47
CA ARG D 283 46.70 -26.10 18.29
C ARG D 283 46.48 -26.47 19.75
N GLU D 284 45.23 -26.33 20.23
CA GLU D 284 44.91 -26.75 21.59
C GLU D 284 45.04 -28.26 21.76
N THR D 285 44.57 -29.03 20.77
CA THR D 285 44.71 -30.48 20.84
C THR D 285 46.17 -30.89 20.74
N ALA D 286 46.94 -30.20 19.90
CA ALA D 286 48.37 -30.45 19.81
C ALA D 286 49.05 -30.22 21.15
N ARG D 287 48.76 -29.09 21.80
CA ARG D 287 49.42 -28.76 23.06
C ARG D 287 49.05 -29.76 24.15
N TYR D 288 47.79 -30.19 24.16
CA TYR D 288 47.34 -31.13 25.18
C TYR D 288 47.99 -32.50 24.99
N VAL D 289 47.91 -33.04 23.77
CA VAL D 289 48.44 -34.38 23.51
C VAL D 289 49.93 -34.43 23.78
N VAL D 290 50.67 -33.41 23.31
CA VAL D 290 52.10 -33.34 23.62
C VAL D 290 52.32 -33.37 25.13
N GLY D 291 51.56 -32.56 25.86
CA GLY D 291 51.68 -32.55 27.31
C GLY D 291 51.49 -33.92 27.92
N VAL D 292 50.47 -34.65 27.47
CA VAL D 292 50.19 -35.97 28.02
C VAL D 292 51.33 -36.94 27.67
N LEU D 293 51.85 -36.84 26.44
CA LEU D 293 52.91 -37.75 26.01
C LEU D 293 54.21 -37.48 26.76
N GLU D 294 54.54 -36.20 26.98
CA GLU D 294 55.73 -35.89 27.76
C GLU D 294 55.56 -36.32 29.21
N ALA D 295 54.36 -36.12 29.77
CA ALA D 295 54.08 -36.56 31.14
C ALA D 295 54.26 -38.07 31.28
N ALA D 296 53.83 -38.83 30.28
CA ALA D 296 53.93 -40.28 30.34
C ALA D 296 55.31 -40.80 29.92
N GLY D 297 56.21 -39.93 29.49
CA GLY D 297 57.52 -40.37 29.06
C GLY D 297 57.55 -41.01 27.69
N VAL D 298 56.67 -40.58 26.79
CA VAL D 298 56.58 -41.13 25.45
C VAL D 298 57.38 -40.24 24.51
N ARG D 299 58.28 -40.86 23.75
CA ARG D 299 59.11 -40.13 22.80
C ARG D 299 58.28 -39.76 21.58
N TYR D 300 58.18 -38.46 21.30
CA TYR D 300 57.42 -37.95 20.17
C TYR D 300 58.26 -36.97 19.38
N TRP D 301 57.90 -36.81 18.11
CA TRP D 301 58.46 -35.76 17.27
C TRP D 301 57.40 -35.29 16.30
N LEU D 302 57.51 -34.05 15.85
CA LEU D 302 56.61 -33.55 14.82
C LEU D 302 56.84 -34.33 13.53
N GLU D 303 55.75 -34.65 12.83
CA GLU D 303 55.83 -35.38 11.57
C GLU D 303 55.01 -34.66 10.52
N GLY D 304 55.11 -35.16 9.29
CA GLY D 304 54.37 -34.66 8.14
C GLY D 304 54.14 -33.17 8.13
N GLY D 305 52.88 -32.77 7.93
CA GLY D 305 52.56 -31.36 7.75
C GLY D 305 52.82 -30.52 8.98
N SER D 306 52.72 -31.11 10.18
CA SER D 306 53.04 -30.35 11.38
C SER D 306 54.52 -29.99 11.42
N LEU D 307 55.39 -30.94 11.06
CA LEU D 307 56.82 -30.63 11.01
C LEU D 307 57.10 -29.58 9.94
N LEU D 308 56.50 -29.75 8.76
CA LEU D 308 56.69 -28.80 7.67
C LEU D 308 56.27 -27.39 8.09
N GLY D 309 55.07 -27.26 8.63
CA GLY D 309 54.60 -25.95 9.09
C GLY D 309 55.46 -25.39 10.21
N ALA D 310 55.93 -26.26 11.10
CA ALA D 310 56.83 -25.80 12.16
C ALA D 310 58.12 -25.24 11.57
N ALA D 311 58.71 -25.95 10.61
CA ALA D 311 59.94 -25.49 10.01
C ALA D 311 59.73 -24.22 9.20
N ARG D 312 58.59 -24.12 8.52
CA ARG D 312 58.35 -23.02 7.59
C ARG D 312 58.03 -21.72 8.32
N HIS D 313 57.10 -21.77 9.30
CA HIS D 313 56.73 -20.56 10.03
C HIS D 313 56.30 -20.86 11.46
N GLY D 314 56.69 -22.01 12.01
CA GLY D 314 56.40 -22.31 13.40
C GLY D 314 54.93 -22.48 13.74
N ASP D 315 54.11 -22.88 12.77
CA ASP D 315 52.70 -23.03 13.05
C ASP D 315 52.09 -24.01 12.05
N ILE D 316 50.81 -24.30 12.24
CA ILE D 316 50.07 -25.16 11.32
C ILE D 316 49.98 -24.48 9.97
N ILE D 317 50.26 -25.22 8.91
CA ILE D 317 50.06 -24.76 7.54
C ILE D 317 48.62 -24.25 7.46
N PRO D 318 48.40 -23.04 6.91
CA PRO D 318 47.09 -22.39 7.09
C PRO D 318 45.92 -23.09 6.41
N TRP D 319 46.16 -24.04 5.51
CA TRP D 319 45.09 -24.84 4.93
C TRP D 319 45.09 -26.27 5.44
N ASP D 320 45.99 -26.62 6.33
CA ASP D 320 46.04 -27.98 6.85
C ASP D 320 44.93 -28.20 7.86
N TYR D 321 44.55 -29.48 8.04
CA TYR D 321 43.39 -29.81 8.83
C TYR D 321 43.65 -30.84 9.93
N ASP D 322 44.90 -31.19 10.22
CA ASP D 322 45.18 -32.08 11.34
C ASP D 322 46.57 -31.75 11.89
N VAL D 323 46.99 -32.54 12.89
CA VAL D 323 48.35 -32.49 13.42
C VAL D 323 48.89 -33.93 13.47
N ASP D 324 50.14 -34.12 13.04
CA ASP D 324 50.75 -35.44 12.97
C ASP D 324 52.00 -35.49 13.83
N LEU D 325 52.08 -36.51 14.68
CA LEU D 325 53.24 -36.75 15.54
C LEU D 325 53.69 -38.18 15.37
N GLY D 326 54.99 -38.39 15.18
CA GLY D 326 55.56 -39.71 15.34
C GLY D 326 55.84 -40.02 16.79
N ILE D 327 55.72 -41.29 17.15
CA ILE D 327 56.09 -41.77 18.47
C ILE D 327 56.83 -43.09 18.33
N TYR D 328 57.61 -43.42 19.35
CA TYR D 328 58.25 -44.73 19.39
C TYR D 328 57.22 -45.78 19.80
N LEU D 329 57.16 -46.86 19.01
CA LEU D 329 56.36 -48.05 19.26
C LEU D 329 56.31 -48.43 20.74
N GLU D 330 57.47 -48.44 21.40
CA GLU D 330 57.70 -49.21 22.61
C GLU D 330 57.30 -48.45 23.85
N ASP D 331 57.15 -47.14 23.75
CA ASP D 331 56.68 -46.33 24.85
C ASP D 331 55.17 -46.16 24.86
N VAL D 332 54.46 -46.79 23.90
CA VAL D 332 53.00 -46.65 23.86
C VAL D 332 52.41 -47.04 25.22
N GLY D 333 52.88 -48.15 25.79
CA GLY D 333 52.35 -48.66 27.03
C GLY D 333 52.55 -47.76 28.23
N ASN D 334 53.36 -46.70 28.12
CA ASN D 334 53.56 -45.77 29.22
C ASN D 334 52.41 -44.80 29.39
N CYS D 335 51.58 -44.65 28.37
CA CYS D 335 50.50 -43.67 28.39
C CYS D 335 49.18 -44.38 28.63
N GLU D 336 48.49 -43.98 29.70
CA GLU D 336 47.23 -44.65 30.06
C GLU D 336 46.21 -44.55 28.93
N GLN D 337 46.04 -43.35 28.38
CA GLN D 337 45.08 -43.16 27.29
C GLN D 337 45.40 -44.08 26.11
N LEU D 338 46.68 -44.21 25.76
CA LEU D 338 47.04 -45.05 24.63
C LEU D 338 46.77 -46.53 24.92
N ARG D 339 47.10 -46.98 26.14
CA ARG D 339 46.75 -48.34 26.54
C ARG D 339 45.26 -48.60 26.36
N GLY D 340 44.44 -47.68 26.85
CA GLY D 340 42.99 -47.85 26.72
C GLY D 340 42.51 -47.78 25.29
N ALA D 341 43.12 -46.91 24.48
CA ALA D 341 42.69 -46.71 23.10
C ALA D 341 42.75 -48.00 22.28
N GLU D 342 43.56 -48.97 22.71
CA GLU D 342 43.66 -50.24 21.98
C GLU D 342 42.47 -51.15 22.27
N ALA D 343 41.91 -51.09 23.47
CA ALA D 343 40.70 -51.85 23.76
C ALA D 343 39.48 -51.21 23.11
N GLY D 344 39.42 -49.88 23.10
CA GLY D 344 38.28 -49.19 22.54
C GLY D 344 38.46 -47.69 22.72
N SER D 345 37.42 -46.95 22.35
CA SER D 345 37.47 -45.50 22.39
C SER D 345 37.49 -45.00 23.83
N VAL D 346 38.45 -44.13 24.15
CA VAL D 346 38.62 -43.59 25.49
C VAL D 346 38.39 -42.09 25.45
N VAL D 347 37.48 -41.62 26.30
CA VAL D 347 37.25 -40.20 26.52
C VAL D 347 37.87 -39.85 27.86
N ASP D 348 38.99 -39.11 27.85
CA ASP D 348 39.69 -38.86 29.10
C ASP D 348 39.01 -37.72 29.86
N GLU D 349 39.61 -37.30 30.96
CA GLU D 349 38.97 -36.36 31.88
C GLU D 349 38.85 -34.96 31.32
N ARG D 350 39.54 -34.65 30.22
CA ARG D 350 39.50 -33.31 29.64
C ARG D 350 38.68 -33.25 28.36
N GLY D 351 38.00 -34.35 27.99
CA GLY D 351 37.11 -34.37 26.85
C GLY D 351 37.73 -34.90 25.57
N PHE D 352 39.02 -35.18 25.55
CA PHE D 352 39.68 -35.67 24.36
C PHE D 352 39.39 -37.16 24.16
N VAL D 353 39.36 -37.58 22.91
CA VAL D 353 38.86 -38.89 22.51
C VAL D 353 40.01 -39.65 21.84
N TRP D 354 40.51 -40.68 22.51
CA TRP D 354 41.68 -41.44 22.05
C TRP D 354 41.21 -42.73 21.40
N GLU D 355 41.57 -42.93 20.13
CA GLU D 355 41.17 -44.10 19.36
C GLU D 355 42.36 -44.68 18.62
N LYS D 356 42.24 -45.94 18.22
CA LYS D 356 43.26 -46.63 17.43
C LYS D 356 42.85 -46.84 15.98
N ALA D 357 41.59 -47.18 15.72
CA ALA D 357 41.14 -47.52 14.36
C ALA D 357 41.97 -48.66 13.78
N GLY D 360 44.19 -49.06 9.49
CA GLY D 360 45.21 -48.19 10.04
C GLY D 360 45.99 -48.79 11.20
N ASP D 361 47.21 -48.31 11.41
CA ASP D 361 48.04 -48.73 12.53
C ASP D 361 48.52 -47.55 13.37
N PHE D 362 47.76 -46.45 13.36
CA PHE D 362 48.10 -45.23 14.08
C PHE D 362 47.04 -44.94 15.12
N PHE D 363 47.36 -44.05 16.04
CA PHE D 363 46.40 -43.55 17.00
C PHE D 363 45.87 -42.19 16.55
N ARG D 364 44.67 -41.86 17.01
CA ARG D 364 44.03 -40.59 16.73
C ARG D 364 43.43 -40.03 18.00
N VAL D 365 43.66 -38.75 18.24
CA VAL D 365 43.10 -38.03 19.39
C VAL D 365 42.24 -36.90 18.85
N GLN D 366 40.94 -36.95 19.14
CA GLN D 366 40.03 -35.92 18.70
C GLN D 366 39.79 -34.91 19.81
N TYR D 367 39.73 -33.63 19.38
CA TYR D 367 39.51 -32.50 20.28
C TYR D 367 38.39 -32.78 21.29
N SER D 368 37.27 -33.33 20.81
CA SER D 368 36.14 -33.64 21.67
C SER D 368 35.30 -34.70 20.99
N GLU D 369 34.27 -35.16 21.70
CA GLU D 369 33.36 -36.15 21.12
C GLU D 369 32.60 -35.58 19.93
N SER D 370 32.31 -34.28 19.94
CA SER D 370 31.60 -33.65 18.84
C SER D 370 32.53 -33.03 17.80
N ASN D 371 33.69 -32.53 18.22
CA ASN D 371 34.60 -31.82 17.32
C ASN D 371 35.73 -32.74 16.90
N HIS D 372 35.64 -33.25 15.67
CA HIS D 372 36.57 -34.27 15.18
C HIS D 372 37.80 -33.66 14.50
N LEU D 373 38.39 -32.66 15.15
CA LEU D 373 39.71 -32.15 14.77
C LEU D 373 40.75 -32.90 15.59
N HIS D 374 41.74 -33.47 14.92
CA HIS D 374 42.49 -34.54 15.57
C HIS D 374 44.00 -34.41 15.39
N VAL D 375 44.70 -34.99 16.36
CA VAL D 375 46.13 -35.27 16.27
C VAL D 375 46.29 -36.74 15.96
N ASP D 376 46.99 -37.07 14.88
CA ASP D 376 47.29 -38.46 14.56
C ASP D 376 48.68 -38.80 15.11
N LEU D 377 48.78 -39.95 15.78
CA LEU D 377 50.03 -40.44 16.36
C LEU D 377 50.51 -41.63 15.55
N TRP D 378 51.70 -41.52 14.97
CA TRP D 378 52.26 -42.55 14.11
C TRP D 378 53.37 -43.31 14.83
N PRO D 379 53.14 -44.53 15.28
CA PRO D 379 54.21 -45.28 15.95
C PRO D 379 55.21 -45.85 14.96
N PHE D 380 56.49 -45.65 15.24
CA PHE D 380 57.59 -46.21 14.47
C PHE D 380 58.48 -47.06 15.39
N TYR D 381 59.19 -48.00 14.80
CA TYR D 381 60.19 -48.78 15.53
C TYR D 381 61.47 -48.91 14.73
N PRO D 382 62.62 -48.98 15.40
CA PRO D 382 63.88 -49.20 14.69
C PRO D 382 64.02 -50.66 14.27
N ARG D 383 64.38 -50.88 13.01
CA ARG D 383 64.72 -52.22 12.54
C ARG D 383 66.24 -52.37 12.53
N ASN D 384 66.90 -51.73 11.57
CA ASN D 384 68.35 -51.72 11.50
C ASN D 384 68.86 -50.29 11.59
N GLY D 385 68.53 -49.59 12.67
CA GLY D 385 68.76 -48.16 12.70
C GLY D 385 67.87 -47.39 11.77
N VAL D 386 66.84 -48.02 11.21
CA VAL D 386 65.87 -47.36 10.34
C VAL D 386 64.52 -47.39 11.05
N MET D 387 63.86 -46.23 11.08
CA MET D 387 62.54 -46.12 11.68
C MET D 387 61.49 -46.59 10.69
N THR D 388 60.66 -47.56 11.10
CA THR D 388 59.75 -48.22 10.19
C THR D 388 58.45 -48.54 10.91
N LYS D 389 57.42 -48.84 10.11
CA LYS D 389 56.15 -49.34 10.62
C LYS D 389 55.61 -50.34 9.60
N ASP D 390 54.54 -51.04 9.96
CA ASP D 390 54.12 -52.21 9.23
C ASP D 390 53.04 -51.95 8.19
N THR D 391 52.36 -50.80 8.25
CA THR D 391 51.35 -50.44 7.25
C THR D 391 51.63 -49.03 6.75
N TRP D 392 51.21 -48.76 5.52
CA TRP D 392 51.59 -47.51 4.85
C TRP D 392 50.39 -46.84 4.20
N LEU D 393 50.45 -45.51 4.17
CA LEU D 393 49.51 -44.66 3.46
C LEU D 393 50.01 -44.39 2.05
N ASP D 394 49.10 -43.97 1.18
CA ASP D 394 49.45 -43.58 -0.18
C ASP D 394 49.96 -42.14 -0.24
N HIS D 395 50.96 -41.85 0.57
CA HIS D 395 51.59 -40.53 0.62
C HIS D 395 53.07 -40.68 0.33
N ARG D 396 53.59 -39.79 -0.52
CA ARG D 396 55.02 -39.72 -0.78
C ARG D 396 55.80 -39.58 0.52
N GLN D 397 55.32 -38.72 1.42
CA GLN D 397 56.01 -38.39 2.66
C GLN D 397 55.81 -39.42 3.77
N ASP D 398 55.07 -40.50 3.51
CA ASP D 398 54.88 -41.57 4.51
C ASP D 398 55.85 -42.69 4.15
N VAL D 399 57.04 -42.65 4.76
CA VAL D 399 58.15 -43.53 4.41
C VAL D 399 58.99 -43.80 5.65
N GLU D 400 59.88 -44.78 5.54
CA GLU D 400 60.90 -45.02 6.55
C GLU D 400 61.95 -43.91 6.50
N PHE D 401 62.70 -43.77 7.60
CA PHE D 401 63.74 -42.77 7.68
C PHE D 401 64.78 -43.20 8.69
N PRO D 402 66.05 -42.80 8.50
CA PRO D 402 67.10 -43.22 9.45
C PRO D 402 66.81 -42.74 10.85
N GLU D 403 67.11 -43.60 11.84
CA GLU D 403 66.81 -43.25 13.23
C GLU D 403 67.70 -42.13 13.74
N HIS D 404 68.92 -41.99 13.20
CA HIS D 404 69.81 -40.93 13.67
C HIS D 404 69.16 -39.55 13.58
N PHE D 405 68.12 -39.40 12.76
CA PHE D 405 67.36 -38.15 12.75
C PHE D 405 66.62 -37.93 14.07
N LEU D 406 66.46 -38.97 14.88
CA LEU D 406 65.83 -38.84 16.20
C LEU D 406 66.85 -38.79 17.33
N GLN D 407 68.15 -38.83 17.02
CA GLN D 407 69.21 -38.92 18.03
C GLN D 407 70.19 -37.77 17.82
N PRO D 408 69.94 -36.61 18.45
CA PRO D 408 68.77 -36.38 19.31
C PRO D 408 67.63 -35.63 18.62
N LEU D 409 66.66 -35.20 19.43
CA LEU D 409 65.58 -34.34 19.00
C LEU D 409 65.88 -32.91 19.37
N VAL D 410 65.27 -31.97 18.65
CA VAL D 410 65.60 -30.56 18.81
C VAL D 410 64.37 -29.76 19.20
N PRO D 411 64.51 -28.70 19.98
CA PRO D 411 63.36 -27.84 20.25
C PRO D 411 62.98 -27.01 19.03
N LEU D 412 61.68 -26.98 18.73
CA LEU D 412 61.16 -26.25 17.59
C LEU D 412 59.83 -25.60 17.98
N PRO D 413 59.73 -24.28 17.94
CA PRO D 413 58.43 -23.62 18.14
C PRO D 413 57.39 -24.17 17.18
N PHE D 414 56.20 -24.46 17.71
CA PHE D 414 55.09 -24.93 16.88
C PHE D 414 53.78 -24.64 17.59
N ALA D 415 52.90 -23.88 16.93
CA ALA D 415 51.51 -23.70 17.36
C ALA D 415 51.41 -23.15 18.78
N GLY D 416 52.35 -22.27 19.15
CA GLY D 416 52.30 -21.59 20.42
C GLY D 416 53.14 -22.19 21.52
N PHE D 417 53.75 -23.36 21.30
CA PHE D 417 54.56 -24.01 22.32
C PHE D 417 55.82 -24.56 21.69
N VAL D 418 56.70 -25.08 22.54
CA VAL D 418 57.99 -25.63 22.12
C VAL D 418 57.82 -27.13 21.93
N ALA D 419 57.93 -27.59 20.69
CA ALA D 419 57.76 -29.01 20.38
C ALA D 419 59.11 -29.67 20.16
N GLN D 420 59.09 -30.99 20.01
CA GLN D 420 60.27 -31.78 19.70
C GLN D 420 60.24 -32.15 18.23
N ALA D 421 61.37 -31.97 17.55
CA ALA D 421 61.51 -32.18 16.12
C ALA D 421 62.75 -33.01 15.85
N PRO D 422 62.81 -33.72 14.73
CA PRO D 422 64.04 -34.41 14.37
C PRO D 422 65.19 -33.42 14.26
N ASN D 423 66.40 -33.87 14.60
CA ASN D 423 67.54 -33.03 14.29
C ASN D 423 67.67 -32.93 12.76
N ASN D 424 68.27 -31.84 12.31
CA ASN D 424 68.46 -31.61 10.88
C ASN D 424 67.12 -31.71 10.13
N TYR D 425 66.08 -31.12 10.71
CA TYR D 425 64.72 -31.39 10.22
C TYR D 425 64.49 -30.90 8.80
N ARG D 426 65.26 -29.92 8.32
CA ARG D 426 65.13 -29.51 6.92
C ARG D 426 65.56 -30.62 5.97
N ARG D 427 66.59 -31.38 6.34
CA ARG D 427 66.98 -32.53 5.56
C ARG D 427 65.95 -33.65 5.69
N PHE D 428 65.44 -33.86 6.90
CA PHE D 428 64.32 -34.76 7.14
C PHE D 428 63.13 -34.45 6.23
N LEU D 429 62.71 -33.18 6.22
CA LEU D 429 61.56 -32.80 5.40
C LEU D 429 61.85 -32.96 3.92
N GLU D 430 63.09 -32.73 3.50
CA GLU D 430 63.44 -32.91 2.09
C GLU D 430 63.42 -34.39 1.71
N LEU D 431 63.83 -35.27 2.62
CA LEU D 431 63.78 -36.70 2.35
C LEU D 431 62.36 -37.15 2.06
N LYS D 432 61.40 -36.70 2.88
CA LYS D 432 60.05 -37.23 2.78
C LYS D 432 59.23 -36.51 1.71
N PHE D 433 59.36 -35.19 1.61
CA PHE D 433 58.53 -34.41 0.70
C PHE D 433 59.19 -34.14 -0.64
N GLY D 434 60.52 -34.07 -0.69
CA GLY D 434 61.23 -33.68 -1.88
C GLY D 434 61.94 -32.36 -1.66
N PRO D 435 62.91 -32.05 -2.52
CA PRO D 435 63.70 -30.82 -2.33
C PRO D 435 62.84 -29.57 -2.41
N GLY D 436 63.25 -28.55 -1.66
CA GLY D 436 62.59 -27.26 -1.67
C GLY D 436 61.19 -27.23 -1.09
N VAL D 437 60.78 -28.28 -0.38
CA VAL D 437 59.41 -28.34 0.12
C VAL D 437 59.11 -27.16 1.05
N ILE D 438 60.10 -26.76 1.85
CA ILE D 438 59.87 -25.67 2.80
C ILE D 438 59.57 -24.37 2.05
N GLU D 439 60.28 -24.12 0.95
CA GLU D 439 60.20 -22.86 0.23
C GLU D 439 59.06 -22.82 -0.79
N ASN D 440 58.48 -23.96 -1.14
CA ASN D 440 57.48 -24.04 -2.23
C ASN D 440 56.22 -24.70 -1.71
N PRO D 441 55.37 -23.96 -1.00
CA PRO D 441 54.15 -24.56 -0.45
C PRO D 441 53.19 -25.00 -1.54
N GLN D 442 52.51 -26.12 -1.29
CA GLN D 442 51.57 -26.71 -2.23
C GLN D 442 50.42 -27.35 -1.48
N TYR D 443 49.22 -27.29 -2.08
CA TYR D 443 48.03 -27.93 -1.52
C TYR D 443 48.23 -29.44 -1.40
N PRO D 444 47.41 -30.11 -0.60
CA PRO D 444 47.69 -31.55 -0.32
C PRO D 444 47.54 -32.46 -1.53
N ASN D 445 46.79 -32.06 -2.55
CA ASN D 445 46.57 -32.90 -3.74
C ASN D 445 46.43 -32.01 -4.96
N PRO D 446 47.56 -31.60 -5.54
CA PRO D 446 47.49 -30.64 -6.67
C PRO D 446 46.87 -31.22 -7.93
N ALA D 447 46.74 -32.55 -8.05
CA ALA D 447 46.05 -33.11 -9.21
C ALA D 447 44.59 -32.69 -9.24
N LEU D 448 43.95 -32.63 -8.07
CA LEU D 448 42.58 -32.14 -7.99
C LEU D 448 42.53 -30.62 -7.96
N LEU D 449 43.25 -30.01 -7.01
CA LEU D 449 43.27 -28.55 -6.88
C LEU D 449 44.64 -28.12 -6.42
N SER D 450 45.25 -27.20 -7.16
CA SER D 450 46.63 -26.77 -6.93
C SER D 450 46.66 -25.29 -6.55
N LEU D 451 47.53 -24.96 -5.61
CA LEU D 451 47.69 -23.60 -5.12
C LEU D 451 48.31 -22.68 -6.18
#